data_6C5V
#
_entry.id   6C5V
#
loop_
_entity.id
_entity.type
_entity.pdbx_description
1 polymer 'Envelope glycoprotein H'
2 polymer 'Envelope glycoprotein L'
3 polymer 'Glycoprotein 42'
4 polymer 'Antibody Fab AMMO1 heavy chain'
5 polymer 'Antibody Fab AMMO1 light chain'
6 branched alpha-D-mannopyranose-(1-2)-alpha-D-mannopyranose-(1-3)-[alpha-D-mannopyranose-(1-6)]beta-D-mannopyranose-(1-4)-2-acetamido-2-deoxy-beta-D-glucopyranose-(1-4)-2-acetamido-2-deoxy-beta-D-glucopyranose
7 non-polymer 2-acetamido-2-deoxy-beta-D-glucopyranose
#
loop_
_entity_poly.entity_id
_entity_poly.type
_entity_poly.pdbx_seq_one_letter_code
_entity_poly.pdbx_strand_id
1 'polypeptide(L)'
;MDAMKRGLCCVLLLCGAVFVSPSASSLSEVKLHLDIEGHASHYTIPWTELMAKVPGLSPEALWREANVTEDLASMLNRYK
LIYKTSGTLGIALAEPVDIPAVSEGSMQVDASKVHPGVISGLNSPACMLSAPLEKQLFYYIGTMLPNTRPHSYVFYQLRC
HLSYVALSINGDKFQYTGAMTSKFLMGTYKRVTEKGDEHVLSLVFGKTKDLPDLRGPFSYPSLTSAQSGDYSLVIVTTFV
HYANFHNYFVPNLKDMFSRAVTMTAASYARYVLQKLVLLEMKGGCREPELDTETLTTMFEVSVAFFKVGHAVGETGNGCV
DLRWLAKSFFELTVLKDIIGICYGATVKGMQSYGLERLAAMLMATVKMEELGHLTTEKQEYALRLATVGYPKAGVYSGLI
GGATSVLLSAYNRHPLFQPLHTVMRETLFIGSHVVLRELRLNVTTQGPNLALYQLLSTALCSALEIGEVLRGLALGTESG
LFSPCYLSLRFDLTRDKLLSMAPQEATLDQAAVSYAVDGFLGRLSLEREDRDAWHLPAYKCVDRLDKVLMIIPLINVTFI
ISSDREVRGSALYEASTTYLSSSLFLSPVIMNKCSQGAVAGEPRQIPKIQNFTRTQKSCIFCGFALLSYDEKEGLETTTY
ITSQEVQNSILSSNYFDFDNLHVHYLLLTTNGTVMEIAGLYEERAHGSGSGHHHHHH
;
A
2 'polypeptide(L)'
;MDAMKRGLCCVLLLCGAVFVSPSASWAYPCCHVTQLRAQHLLALENISDIYLVSNQTCDGFSLASLNSPKNGSNQLVISR
CANGLNVVSFFISILKRSSSALTGHLRELLTTLETLYGSFSVEDLFGANLNRYAWHRGG
;
B
3 'polypeptide(L)'
;MDAMKRGLCCVLLLCGAVFVSPSASGGGRVAAAAITWVPKPNVEVWPVDPPPPVNFNKTAEQEYGDKEVKLPHWTPTLHT
FQVPQNYTKANCTYCNTREYTFSYKGCCFYFTKKKHTWNGCFQACAELYPCTYFYGPTPDILPVVTRNLNAIESLWVGVY
RVGEGNWTSLDGGTFKVYQIFGSHCTYVSKFSTVPVSHHECSFLKPCLCVSQRSNSGSGSGHHHHHH
;
C
4 'polypeptide(L)'
;(PCA)VQLVQSGADVKKPGASVKVSCKASGYTFIHFGISWVRQAPGQGLEWMGWIDTNNGNTNYAQSLQGRVTMTTDTST
GTAYMELRSLSTDDTAVYFCARALEMGHRSGFPFDYWGQGVLVTVSPASTKGPSVFPLAPSSKSTSGGTAALGCLVKDYF
PEPVTVSWNSGALTSGVHTFPAVLQSSGLYSLSSVVTVPSSSLGTQTYICNVNHKPSNTKVDKRVEPKSC
;
H
5 'polypeptide(L)'
;SYELTQPPSVSVAPGQRATITCGGHNIGAKNVHWYQQKPGQAPVLVIQYDSDRPSGIPERFSGSNSGSTATLTISRVEAG
DEADYYCQVWDSGRGHPLYVFGGGTKVTVLGQPKANPTVTLFPPSSEELQANKATLVCLISDFYPGAVTVAWKADSSPVK
AGVETTTPSKQSNNKYAASSYLSLTPEQWKSHRSYSCQVTHEGSTVEKTVAPTECS
;
L
#
loop_
_chem_comp.id
_chem_comp.type
_chem_comp.name
_chem_comp.formula
BMA D-saccharide, beta linking beta-D-mannopyranose 'C6 H12 O6'
MAN D-saccharide, alpha linking alpha-D-mannopyranose 'C6 H12 O6'
NAG D-saccharide, beta linking 2-acetamido-2-deoxy-beta-D-glucopyranose 'C8 H15 N O6'
#
# COMPACT_ATOMS: atom_id res chain seq x y z
N LEU A 27 38.49 -18.28 28.05
CA LEU A 27 38.81 -17.10 28.83
C LEU A 27 38.47 -17.32 30.29
N SER A 28 37.20 -17.26 30.63
CA SER A 28 36.76 -17.47 31.99
C SER A 28 35.51 -18.30 32.07
N GLU A 29 35.64 -19.56 32.44
CA GLU A 29 34.52 -20.46 32.55
C GLU A 29 33.52 -19.96 33.58
N VAL A 30 32.25 -20.00 33.25
CA VAL A 30 31.23 -19.53 34.18
C VAL A 30 30.32 -20.65 34.63
N LYS A 31 30.12 -20.73 35.95
CA LYS A 31 29.21 -21.72 36.48
C LYS A 31 27.85 -21.10 36.68
N LEU A 32 26.84 -21.62 36.00
CA LEU A 32 25.52 -21.08 36.08
C LEU A 32 24.61 -21.99 36.88
N HIS A 33 23.92 -21.40 37.84
CA HIS A 33 23.02 -22.11 38.71
C HIS A 33 21.61 -21.67 38.39
N LEU A 34 20.70 -22.63 38.41
CA LEU A 34 19.32 -22.28 38.06
C LEU A 34 18.32 -23.19 38.73
N ASP A 35 17.29 -22.57 39.29
CA ASP A 35 16.21 -23.28 39.95
C ASP A 35 15.28 -23.99 38.95
N ILE A 36 15.41 -25.31 38.91
CA ILE A 36 14.57 -26.13 38.01
C ILE A 36 13.60 -26.90 38.85
N GLU A 37 12.34 -26.44 38.89
CA GLU A 37 11.30 -27.01 39.71
C GLU A 37 11.75 -27.27 41.15
N GLY A 38 12.45 -26.28 41.74
CA GLY A 38 12.90 -26.33 43.11
C GLY A 38 14.30 -26.89 43.27
N HIS A 39 14.84 -27.52 42.23
CA HIS A 39 16.16 -28.12 42.29
C HIS A 39 17.27 -27.16 41.87
N ALA A 40 18.25 -26.95 42.76
CA ALA A 40 19.32 -25.99 42.49
C ALA A 40 20.40 -26.61 41.62
N SER A 41 20.06 -26.89 40.36
CA SER A 41 20.96 -27.50 39.40
C SER A 41 21.96 -26.47 38.88
N HIS A 42 23.06 -26.95 38.31
CA HIS A 42 24.00 -26.02 37.70
C HIS A 42 24.68 -26.62 36.48
N TYR A 43 25.17 -25.73 35.63
CA TYR A 43 25.92 -26.11 34.43
C TYR A 43 27.18 -25.28 34.31
N THR A 44 28.19 -25.84 33.67
CA THR A 44 29.41 -25.11 33.41
C THR A 44 29.45 -24.61 32.00
N ILE A 45 29.84 -23.36 31.82
CA ILE A 45 29.88 -22.74 30.52
C ILE A 45 31.31 -22.43 30.05
N PRO A 46 31.89 -23.27 29.19
CA PRO A 46 33.19 -23.12 28.61
C PRO A 46 33.08 -22.10 27.50
N TRP A 47 34.18 -21.46 27.15
CA TRP A 47 34.14 -20.51 26.06
C TRP A 47 35.05 -20.90 24.91
N THR A 48 36.34 -20.94 25.16
CA THR A 48 37.30 -21.18 24.10
C THR A 48 37.15 -22.57 23.48
N GLU A 49 36.67 -23.51 24.29
CA GLU A 49 36.43 -24.86 23.81
C GLU A 49 35.42 -24.86 22.67
N LEU A 50 34.55 -23.86 22.64
CA LEU A 50 33.52 -23.75 21.63
C LEU A 50 33.90 -22.71 20.59
N MET A 51 34.50 -21.61 21.04
CA MET A 51 34.89 -20.54 20.13
C MET A 51 35.89 -21.07 19.12
N ALA A 52 36.74 -21.99 19.57
CA ALA A 52 37.73 -22.65 18.74
C ALA A 52 37.06 -23.49 17.65
N LYS A 53 35.80 -23.85 17.86
CA LYS A 53 35.06 -24.66 16.93
C LYS A 53 34.10 -23.81 16.11
N VAL A 54 33.72 -22.65 16.65
CA VAL A 54 32.82 -21.74 15.98
C VAL A 54 33.52 -20.40 15.70
N PRO A 55 34.21 -20.30 14.56
CA PRO A 55 35.14 -19.24 14.21
C PRO A 55 34.42 -17.99 13.76
N GLY A 56 33.67 -17.39 14.66
CA GLY A 56 32.90 -16.20 14.36
C GLY A 56 32.03 -15.85 15.52
N LEU A 57 32.10 -16.68 16.55
CA LEU A 57 31.32 -16.43 17.75
C LEU A 57 32.13 -15.70 18.81
N SER A 58 31.67 -14.50 19.17
CA SER A 58 32.34 -13.70 20.17
C SER A 58 31.33 -13.18 21.19
N PRO A 59 31.15 -13.91 22.30
CA PRO A 59 30.22 -13.67 23.36
C PRO A 59 30.29 -12.25 23.89
N GLU A 60 31.50 -11.68 23.88
CA GLU A 60 31.68 -10.32 24.36
C GLU A 60 30.80 -9.34 23.62
N ALA A 61 30.76 -9.46 22.30
CA ALA A 61 29.98 -8.55 21.50
C ALA A 61 28.51 -8.72 21.81
N LEU A 62 28.09 -9.97 21.94
CA LEU A 62 26.71 -10.26 22.22
C LEU A 62 26.36 -9.74 23.61
N TRP A 63 27.29 -9.88 24.53
CA TRP A 63 27.12 -9.43 25.91
C TRP A 63 26.79 -7.96 25.92
N ARG A 64 27.56 -7.18 25.16
CA ARG A 64 27.26 -5.76 25.05
C ARG A 64 25.83 -5.55 24.59
N GLU A 65 25.41 -6.26 23.56
CA GLU A 65 24.05 -6.14 23.04
C GLU A 65 23.01 -6.61 24.05
N ALA A 66 23.36 -7.63 24.85
CA ALA A 66 22.43 -8.18 25.82
C ALA A 66 21.97 -7.10 26.78
N ASN A 67 22.87 -6.19 27.14
CA ASN A 67 22.49 -5.09 28.01
C ASN A 67 21.81 -5.58 29.28
N VAL A 68 22.45 -6.52 29.95
CA VAL A 68 21.86 -7.13 31.14
C VAL A 68 21.65 -6.12 32.27
N THR A 69 22.24 -4.94 32.14
CA THR A 69 22.08 -3.90 33.14
C THR A 69 20.82 -3.08 32.90
N GLU A 70 20.12 -3.38 31.81
CA GLU A 70 18.90 -2.68 31.44
C GLU A 70 17.81 -2.83 32.50
N ASP A 71 17.17 -1.72 32.88
CA ASP A 71 16.13 -1.78 33.89
C ASP A 71 14.78 -2.19 33.28
N LEU A 72 13.77 -2.30 34.13
CA LEU A 72 12.45 -2.70 33.69
C LEU A 72 11.80 -1.68 32.79
N ALA A 73 12.02 -0.41 33.09
CA ALA A 73 11.35 0.66 32.36
C ALA A 73 11.74 0.66 30.90
N SER A 74 13.04 0.69 30.63
CA SER A 74 13.49 0.77 29.26
C SER A 74 13.20 -0.52 28.52
N MET A 75 13.22 -1.63 29.24
CA MET A 75 12.89 -2.91 28.65
C MET A 75 11.46 -2.88 28.14
N LEU A 76 10.55 -2.42 28.98
CA LEU A 76 9.17 -2.32 28.60
C LEU A 76 8.97 -1.30 27.50
N ASN A 77 9.75 -0.23 27.51
CA ASN A 77 9.63 0.77 26.48
C ASN A 77 9.85 0.16 25.10
N ARG A 78 10.82 -0.73 25.00
CA ARG A 78 11.07 -1.41 23.75
C ARG A 78 9.87 -2.25 23.37
N TYR A 79 9.35 -2.99 24.34
CA TYR A 79 8.21 -3.85 24.12
C TYR A 79 7.02 -3.09 23.54
N LYS A 80 6.67 -1.93 24.13
CA LYS A 80 5.53 -1.17 23.64
C LYS A 80 5.77 -0.56 22.24
N LEU A 81 7.05 -0.36 21.89
CA LEU A 81 7.38 0.20 20.56
C LEU A 81 7.07 -0.75 19.43
N ILE A 82 7.53 -1.98 19.57
CA ILE A 82 7.46 -2.96 18.50
C ILE A 82 6.02 -3.39 18.21
N TYR A 83 5.69 -3.42 16.92
CA TYR A 83 4.37 -3.84 16.45
C TYR A 83 4.04 -5.24 16.85
N LYS A 84 2.81 -5.46 17.29
CA LYS A 84 2.37 -6.79 17.64
C LYS A 84 1.29 -7.25 16.69
N THR A 85 1.35 -8.51 16.29
CA THR A 85 0.36 -9.08 15.40
C THR A 85 -0.86 -9.53 16.17
N SER A 86 -2.04 -9.12 15.69
CA SER A 86 -3.32 -9.41 16.33
C SER A 86 -3.53 -10.89 16.59
N GLY A 87 -3.15 -11.72 15.63
CA GLY A 87 -3.30 -13.16 15.76
C GLY A 87 -2.71 -13.88 14.56
N THR A 88 -2.71 -15.20 14.60
CA THR A 88 -2.11 -15.99 13.56
C THR A 88 -3.18 -16.72 12.76
N LEU A 89 -3.04 -16.72 11.43
CA LEU A 89 -4.04 -17.34 10.55
C LEU A 89 -4.24 -18.83 10.81
N GLY A 90 -3.15 -19.55 11.06
CA GLY A 90 -3.24 -20.98 11.37
C GLY A 90 -3.67 -21.82 10.16
N ILE A 91 -3.05 -21.56 9.01
CA ILE A 91 -3.44 -22.25 7.78
C ILE A 91 -2.70 -23.57 7.61
N ALA A 92 -3.46 -24.67 7.61
CA ALA A 92 -2.88 -25.99 7.41
C ALA A 92 -2.63 -26.23 5.94
N LEU A 93 -1.51 -26.86 5.62
CA LEU A 93 -1.17 -27.16 4.24
C LEU A 93 -0.05 -28.19 4.18
N ALA A 94 0.22 -28.69 2.98
CA ALA A 94 1.33 -29.62 2.82
C ALA A 94 2.31 -29.11 1.77
N GLU A 95 3.59 -29.29 2.05
CA GLU A 95 4.66 -28.92 1.13
C GLU A 95 4.95 -30.10 0.19
N PRO A 96 5.09 -29.86 -1.12
CA PRO A 96 5.43 -30.83 -2.15
C PRO A 96 6.90 -31.19 -2.08
N VAL A 97 7.26 -32.31 -2.68
CA VAL A 97 8.66 -32.67 -2.80
C VAL A 97 9.21 -32.22 -4.14
N ASP A 98 10.11 -31.24 -4.10
CA ASP A 98 10.68 -30.71 -5.32
C ASP A 98 11.78 -31.59 -5.88
N ILE A 99 12.62 -32.10 -4.99
CA ILE A 99 13.77 -32.86 -5.42
C ILE A 99 13.53 -34.36 -5.24
N PRO A 100 13.53 -35.13 -6.34
CA PRO A 100 13.25 -36.54 -6.42
C PRO A 100 14.40 -37.38 -5.90
N ALA A 101 14.12 -38.64 -5.60
CA ALA A 101 15.14 -39.60 -5.22
C ALA A 101 16.18 -39.74 -6.31
N VAL A 102 17.39 -40.08 -5.93
CA VAL A 102 18.47 -40.23 -6.87
C VAL A 102 18.31 -41.51 -7.68
N SER A 103 18.30 -41.37 -9.01
CA SER A 103 18.17 -42.51 -9.89
C SER A 103 19.32 -43.48 -9.72
N GLU A 104 18.99 -44.76 -9.78
CA GLU A 104 19.94 -45.84 -9.57
C GLU A 104 21.15 -45.77 -10.52
N GLY A 105 20.91 -45.34 -11.75
CA GLY A 105 21.97 -45.30 -12.75
C GLY A 105 22.65 -43.95 -12.88
N SER A 106 22.36 -43.03 -11.96
CA SER A 106 22.93 -41.70 -12.07
C SER A 106 24.38 -41.69 -11.68
N MET A 107 25.10 -40.69 -12.18
CA MET A 107 26.48 -40.44 -11.80
C MET A 107 26.56 -39.37 -10.73
N GLN A 108 27.53 -39.50 -9.83
CA GLN A 108 27.74 -38.52 -8.76
C GLN A 108 28.69 -37.38 -9.17
N VAL A 109 28.21 -36.14 -9.07
CA VAL A 109 29.02 -34.98 -9.42
C VAL A 109 29.37 -34.11 -8.21
N ASP A 110 30.66 -33.85 -8.05
CA ASP A 110 31.16 -32.96 -7.00
C ASP A 110 31.43 -31.57 -7.59
N ALA A 111 30.59 -30.60 -7.22
CA ALA A 111 30.64 -29.27 -7.81
C ALA A 111 31.99 -28.58 -7.61
N SER A 112 32.75 -29.01 -6.61
CA SER A 112 34.04 -28.38 -6.32
C SER A 112 35.16 -29.04 -7.11
N LYS A 113 34.85 -30.13 -7.78
CA LYS A 113 35.83 -30.93 -8.49
C LYS A 113 35.42 -31.16 -9.92
N VAL A 114 34.79 -30.15 -10.50
CA VAL A 114 34.35 -30.26 -11.88
C VAL A 114 35.55 -30.16 -12.80
N HIS A 115 35.68 -31.12 -13.70
CA HIS A 115 36.80 -31.19 -14.62
C HIS A 115 36.31 -31.83 -15.94
N PRO A 116 37.13 -31.88 -17.01
CA PRO A 116 36.79 -32.29 -18.35
C PRO A 116 36.15 -33.68 -18.49
N GLY A 117 36.40 -34.57 -17.55
CA GLY A 117 35.89 -35.94 -17.65
C GLY A 117 34.63 -36.25 -16.86
N VAL A 118 34.38 -37.53 -16.66
CA VAL A 118 33.25 -38.12 -15.93
C VAL A 118 31.95 -38.05 -16.75
N ILE A 119 31.54 -36.86 -17.17
CA ILE A 119 30.28 -36.70 -17.88
C ILE A 119 30.36 -36.21 -19.31
N SER A 120 29.70 -36.97 -20.19
CA SER A 120 29.61 -36.69 -21.61
C SER A 120 28.29 -37.23 -22.16
N GLY A 121 27.56 -36.41 -22.92
CA GLY A 121 26.31 -36.79 -23.56
C GLY A 121 25.10 -36.38 -22.73
N LEU A 122 23.95 -36.19 -23.38
CA LEU A 122 22.76 -35.72 -22.67
C LEU A 122 21.89 -36.89 -22.22
N ASN A 123 22.28 -38.10 -22.55
CA ASN A 123 21.50 -39.28 -22.24
C ASN A 123 21.98 -39.98 -20.98
N SER A 124 22.88 -39.33 -20.26
CA SER A 124 23.44 -39.89 -19.04
C SER A 124 22.93 -39.13 -17.80
N PRO A 125 22.19 -39.81 -16.91
CA PRO A 125 21.63 -39.23 -15.72
C PRO A 125 22.74 -38.92 -14.73
N ALA A 126 22.54 -37.87 -13.96
CA ALA A 126 23.52 -37.49 -12.96
C ALA A 126 22.92 -36.56 -11.94
N CYS A 127 23.55 -36.49 -10.77
CA CYS A 127 23.15 -35.59 -9.73
C CYS A 127 24.35 -34.87 -9.13
N MET A 128 24.15 -33.62 -8.71
CA MET A 128 25.24 -32.84 -8.14
C MET A 128 25.11 -32.71 -6.63
N LEU A 129 26.20 -32.95 -5.93
CA LEU A 129 26.21 -32.95 -4.47
C LEU A 129 25.81 -31.59 -3.91
N SER A 130 24.82 -31.62 -3.03
CA SER A 130 24.26 -30.41 -2.45
C SER A 130 25.27 -29.62 -1.65
N ALA A 131 26.15 -30.31 -0.93
CA ALA A 131 27.06 -29.62 -0.03
C ALA A 131 27.90 -28.55 -0.75
N PRO A 132 28.74 -28.86 -1.78
CA PRO A 132 29.52 -27.89 -2.48
C PRO A 132 28.66 -26.93 -3.29
N LEU A 133 27.47 -27.40 -3.70
CA LEU A 133 26.57 -26.50 -4.40
C LEU A 133 26.15 -25.36 -3.49
N GLU A 134 25.71 -25.72 -2.29
CA GLU A 134 25.29 -24.74 -1.32
C GLU A 134 26.41 -23.77 -1.02
N LYS A 135 27.62 -24.28 -0.88
CA LYS A 135 28.78 -23.46 -0.59
C LYS A 135 28.97 -22.39 -1.65
N GLN A 136 28.75 -22.74 -2.92
CA GLN A 136 28.91 -21.77 -4.00
C GLN A 136 27.76 -20.76 -4.01
N LEU A 137 26.54 -21.26 -3.84
CA LEU A 137 25.37 -20.40 -3.94
C LEU A 137 25.40 -19.33 -2.86
N PHE A 138 25.90 -19.69 -1.69
CA PHE A 138 26.00 -18.77 -0.58
C PHE A 138 27.45 -18.43 -0.27
N TYR A 139 28.28 -18.36 -1.31
CA TYR A 139 29.69 -18.05 -1.19
C TYR A 139 29.98 -16.79 -0.38
N TYR A 140 29.24 -15.73 -0.67
CA TYR A 140 29.51 -14.44 -0.06
C TYR A 140 29.11 -14.40 1.42
N ILE A 141 29.84 -13.62 2.19
CA ILE A 141 29.54 -13.47 3.62
C ILE A 141 29.40 -12.00 3.98
N GLY A 142 28.48 -11.71 4.89
CA GLY A 142 28.26 -10.33 5.32
C GLY A 142 27.19 -10.24 6.40
N THR A 143 26.68 -9.04 6.63
CA THR A 143 25.67 -8.83 7.65
C THR A 143 24.29 -9.18 7.13
N MET A 144 23.63 -10.09 7.83
CA MET A 144 22.26 -10.46 7.48
C MET A 144 21.29 -9.58 8.21
N LEU A 145 21.53 -9.41 9.50
CA LEU A 145 20.65 -8.61 10.32
C LEU A 145 21.44 -7.43 10.93
N PRO A 146 21.28 -6.22 10.39
CA PRO A 146 21.97 -5.00 10.76
C PRO A 146 21.38 -4.43 12.04
N ASN A 147 22.11 -3.51 12.66
CA ASN A 147 21.65 -2.87 13.89
C ASN A 147 21.09 -1.49 13.63
N THR A 148 19.93 -1.45 13.00
CA THR A 148 19.30 -0.20 12.63
C THR A 148 18.05 0.07 13.48
N ARG A 149 17.43 1.22 13.26
CA ARG A 149 16.30 1.66 14.07
C ARG A 149 15.20 0.59 14.35
N PRO A 150 14.71 -0.17 13.34
CA PRO A 150 13.67 -1.18 13.49
C PRO A 150 14.20 -2.57 13.78
N HIS A 151 15.51 -2.72 13.82
CA HIS A 151 16.11 -4.04 13.89
C HIS A 151 16.87 -4.26 15.19
N SER A 152 17.60 -3.23 15.62
CA SER A 152 18.39 -3.33 16.84
C SER A 152 17.50 -3.57 18.06
N TYR A 153 16.21 -3.27 17.90
CA TYR A 153 15.23 -3.46 18.95
C TYR A 153 14.49 -4.77 18.80
N VAL A 154 14.92 -5.60 17.86
CA VAL A 154 14.23 -6.85 17.61
C VAL A 154 15.18 -8.03 17.63
N PHE A 155 16.28 -7.94 16.88
CA PHE A 155 17.19 -9.06 16.68
C PHE A 155 18.58 -8.79 17.21
N TYR A 156 19.29 -9.87 17.52
CA TYR A 156 20.72 -9.76 17.84
C TYR A 156 21.51 -9.71 16.54
N GLN A 157 22.61 -8.97 16.54
CA GLN A 157 23.43 -8.82 15.35
C GLN A 157 23.78 -10.17 14.73
N LEU A 158 23.57 -10.31 13.41
CA LEU A 158 23.89 -11.57 12.74
C LEU A 158 24.73 -11.41 11.49
N ARG A 159 25.87 -12.09 11.48
CA ARG A 159 26.76 -12.14 10.35
C ARG A 159 26.92 -13.58 9.90
N CYS A 160 26.74 -13.84 8.62
CA CYS A 160 26.76 -15.20 8.10
C CYS A 160 26.84 -15.25 6.58
N HIS A 161 26.94 -16.45 6.05
CA HIS A 161 26.89 -16.64 4.60
C HIS A 161 25.49 -16.29 4.12
N LEU A 162 25.41 -15.49 3.06
CA LEU A 162 24.12 -15.03 2.57
C LEU A 162 24.12 -14.58 1.12
N SER A 163 22.94 -14.31 0.59
CA SER A 163 22.77 -13.79 -0.75
C SER A 163 21.60 -12.81 -0.76
N TYR A 164 21.49 -11.98 -1.78
CA TYR A 164 20.39 -11.03 -1.79
C TYR A 164 20.02 -10.47 -3.15
N VAL A 165 18.79 -10.00 -3.24
CA VAL A 165 18.31 -9.24 -4.39
C VAL A 165 17.89 -7.86 -3.89
N ALA A 166 18.32 -6.82 -4.58
CA ALA A 166 17.99 -5.49 -4.09
C ALA A 166 17.82 -4.47 -5.21
N LEU A 167 17.02 -3.45 -4.93
CA LEU A 167 16.79 -2.38 -5.89
C LEU A 167 16.30 -1.12 -5.21
N SER A 168 16.27 -0.04 -5.98
CA SER A 168 15.71 1.23 -5.51
C SER A 168 15.02 1.95 -6.65
N ILE A 169 13.93 2.63 -6.33
CA ILE A 169 13.11 3.33 -7.33
C ILE A 169 12.67 4.70 -6.86
N ASN A 170 12.03 5.45 -7.77
CA ASN A 170 11.48 6.76 -7.44
C ASN A 170 12.50 7.72 -6.85
N GLY A 171 13.65 7.82 -7.51
CA GLY A 171 14.70 8.73 -7.05
C GLY A 171 15.38 8.16 -5.84
N ASP A 172 15.20 6.87 -5.65
CA ASP A 172 15.70 6.12 -4.51
C ASP A 172 15.04 6.57 -3.22
N LYS A 173 13.89 7.24 -3.35
CA LYS A 173 13.08 7.57 -2.19
C LYS A 173 12.54 6.30 -1.59
N PHE A 174 12.42 5.27 -2.42
CA PHE A 174 11.96 3.98 -1.95
C PHE A 174 12.93 2.89 -2.35
N GLN A 175 13.23 2.01 -1.42
CA GLN A 175 14.11 0.90 -1.71
C GLN A 175 13.62 -0.37 -1.04
N TYR A 176 14.02 -1.50 -1.60
CA TYR A 176 13.70 -2.79 -1.03
C TYR A 176 14.86 -3.75 -1.13
N THR A 177 15.12 -4.45 -0.04
CA THR A 177 16.15 -5.46 -0.04
C THR A 177 15.58 -6.82 0.28
N GLY A 178 15.77 -7.75 -0.63
CA GLY A 178 15.33 -9.12 -0.50
C GLY A 178 16.47 -10.01 -0.05
N ALA A 179 17.00 -9.75 1.14
CA ALA A 179 18.10 -10.55 1.68
C ALA A 179 17.60 -11.90 2.14
N MET A 180 18.41 -12.93 1.96
CA MET A 180 18.05 -14.23 2.44
C MET A 180 19.26 -15.12 2.69
N THR A 181 19.04 -16.18 3.44
CA THR A 181 20.05 -17.17 3.74
C THR A 181 19.59 -18.53 3.30
N SER A 182 20.43 -19.53 3.53
CA SER A 182 20.07 -20.91 3.24
C SER A 182 19.08 -21.45 4.26
N LYS A 183 18.83 -20.69 5.32
CA LYS A 183 17.96 -21.13 6.39
C LYS A 183 16.66 -20.32 6.45
N PHE A 184 16.75 -19.01 6.28
CA PHE A 184 15.56 -18.18 6.34
C PHE A 184 15.70 -16.95 5.45
N LEU A 185 14.56 -16.31 5.20
CA LEU A 185 14.48 -15.08 4.42
C LEU A 185 14.04 -13.90 5.28
N MET A 186 14.59 -12.72 4.98
CA MET A 186 14.10 -11.49 5.62
C MET A 186 14.18 -10.34 4.63
N GLY A 187 13.01 -9.86 4.21
CA GLY A 187 12.96 -8.75 3.26
C GLY A 187 12.65 -7.46 3.96
N THR A 188 13.22 -6.36 3.47
CA THR A 188 12.97 -5.06 4.11
C THR A 188 12.45 -4.00 3.14
N TYR A 189 11.35 -3.38 3.53
CA TYR A 189 10.75 -2.29 2.79
C TYR A 189 11.08 -0.96 3.44
N LYS A 190 11.70 -0.06 2.70
CA LYS A 190 12.02 1.26 3.26
C LYS A 190 11.55 2.40 2.37
N ARG A 191 10.83 3.33 2.98
CA ARG A 191 10.37 4.50 2.24
C ARG A 191 10.76 5.78 2.97
N VAL A 192 11.31 6.73 2.24
CA VAL A 192 11.77 7.98 2.82
C VAL A 192 10.99 9.17 2.29
N THR A 193 10.45 9.97 3.21
CA THR A 193 9.68 11.15 2.87
C THR A 193 10.60 12.32 2.58
N GLU A 194 10.05 13.41 2.06
CA GLU A 194 10.87 14.59 1.75
C GLU A 194 11.28 15.33 3.01
N LYS A 195 10.74 14.93 4.15
CA LYS A 195 11.11 15.51 5.42
C LYS A 195 12.34 14.82 5.99
N GLY A 196 12.72 13.71 5.37
CA GLY A 196 13.84 12.90 5.82
C GLY A 196 13.35 11.76 6.68
N ASP A 197 12.11 11.86 7.16
CA ASP A 197 11.52 10.81 7.96
C ASP A 197 11.35 9.57 7.12
N GLU A 198 11.45 8.41 7.75
CA GLU A 198 11.33 7.16 7.04
C GLU A 198 10.51 6.15 7.79
N HIS A 199 10.00 5.18 7.05
CA HIS A 199 9.26 4.06 7.63
C HIS A 199 9.85 2.76 7.14
N VAL A 200 10.04 1.81 8.05
CA VAL A 200 10.62 0.53 7.68
C VAL A 200 9.80 -0.66 8.17
N LEU A 201 9.53 -1.60 7.27
CA LEU A 201 8.82 -2.82 7.61
C LEU A 201 9.55 -4.02 7.04
N SER A 202 9.72 -5.06 7.86
CA SER A 202 10.40 -6.26 7.38
C SER A 202 9.52 -7.51 7.50
N LEU A 203 9.75 -8.46 6.59
CA LEU A 203 9.03 -9.73 6.62
C LEU A 203 9.97 -10.92 6.70
N VAL A 204 9.79 -11.71 7.75
CA VAL A 204 10.63 -12.88 7.99
C VAL A 204 9.88 -14.15 7.63
N PHE A 205 10.51 -14.99 6.84
CA PHE A 205 9.88 -16.23 6.40
C PHE A 205 10.83 -17.41 6.42
N GLY A 206 10.35 -18.53 6.92
CA GLY A 206 11.14 -19.76 6.92
C GLY A 206 10.57 -20.76 7.91
N LYS A 207 11.30 -21.83 8.16
CA LYS A 207 10.85 -22.83 9.10
C LYS A 207 10.98 -22.29 10.52
N THR A 208 9.94 -22.51 11.30
CA THR A 208 9.85 -21.98 12.64
C THR A 208 11.05 -22.34 13.49
N LYS A 209 11.43 -23.60 13.43
CA LYS A 209 12.47 -24.14 14.30
C LYS A 209 13.84 -23.50 14.10
N ASP A 210 14.05 -22.79 13.00
CA ASP A 210 15.38 -22.24 12.74
C ASP A 210 15.34 -20.74 12.44
N LEU A 211 14.38 -20.05 13.03
CA LEU A 211 14.31 -18.60 12.86
C LEU A 211 15.38 -17.93 13.73
N PRO A 212 15.89 -16.76 13.31
CA PRO A 212 16.93 -15.99 13.97
C PRO A 212 16.54 -15.54 15.37
N ASP A 213 17.53 -15.52 16.26
CA ASP A 213 17.34 -15.16 17.66
C ASP A 213 16.85 -13.74 17.90
N LEU A 214 15.81 -13.63 18.70
CA LEU A 214 15.22 -12.34 19.06
C LEU A 214 15.96 -11.73 20.25
N ARG A 215 15.95 -10.41 20.30
CA ARG A 215 16.53 -9.65 21.40
C ARG A 215 15.56 -9.50 22.55
N GLY A 216 16.04 -9.71 23.75
CA GLY A 216 15.23 -9.48 24.93
C GLY A 216 14.11 -10.52 25.03
N PRO A 217 13.10 -10.26 25.87
CA PRO A 217 12.01 -11.15 26.23
C PRO A 217 10.93 -11.19 25.19
N PHE A 218 11.29 -11.52 23.96
CA PHE A 218 10.32 -11.56 22.88
C PHE A 218 10.21 -12.97 22.34
N SER A 219 9.06 -13.28 21.76
CA SER A 219 8.86 -14.58 21.18
C SER A 219 8.04 -14.50 19.91
N TYR A 220 8.29 -15.44 19.01
CA TYR A 220 7.67 -15.44 17.71
C TYR A 220 6.14 -15.53 17.66
N PRO A 221 5.48 -16.28 18.55
CA PRO A 221 4.04 -16.42 18.62
C PRO A 221 3.32 -15.07 18.76
N SER A 222 4.05 -14.03 19.19
CA SER A 222 3.48 -12.69 19.34
C SER A 222 3.63 -11.88 18.06
N LEU A 223 4.46 -12.37 17.17
CA LEU A 223 4.83 -11.66 15.96
C LEU A 223 4.33 -12.36 14.71
N THR A 224 4.11 -13.66 14.82
CA THR A 224 3.74 -14.50 13.69
C THR A 224 2.33 -14.24 13.18
N SER A 225 2.22 -14.00 11.87
CA SER A 225 0.93 -13.74 11.23
C SER A 225 0.37 -14.98 10.58
N ALA A 226 1.27 -15.89 10.21
CA ALA A 226 0.85 -17.14 9.59
C ALA A 226 1.75 -18.26 10.06
N GLN A 227 1.14 -19.41 10.32
CA GLN A 227 1.85 -20.56 10.86
C GLN A 227 1.33 -21.85 10.26
N SER A 228 2.23 -22.61 9.68
CA SER A 228 1.93 -23.91 9.12
C SER A 228 2.63 -24.96 9.94
N GLY A 229 2.66 -26.18 9.44
CA GLY A 229 3.36 -27.24 10.14
C GLY A 229 4.81 -26.84 10.43
N ASP A 230 5.56 -26.54 9.37
CA ASP A 230 6.97 -26.18 9.52
C ASP A 230 7.24 -24.69 9.35
N TYR A 231 6.55 -24.07 8.41
CA TYR A 231 6.84 -22.68 8.04
C TYR A 231 5.98 -21.67 8.75
N SER A 232 6.53 -20.48 8.93
CA SER A 232 5.78 -19.37 9.47
C SER A 232 6.22 -18.04 8.85
N LEU A 233 5.31 -17.08 8.87
CA LEU A 233 5.59 -15.73 8.40
C LEU A 233 5.45 -14.72 9.53
N VAL A 234 6.50 -13.94 9.74
CA VAL A 234 6.55 -13.00 10.85
C VAL A 234 6.75 -11.55 10.41
N ILE A 235 5.92 -10.66 10.96
CA ILE A 235 5.98 -9.24 10.60
C ILE A 235 6.79 -8.45 11.62
N VAL A 236 7.86 -7.82 11.15
CA VAL A 236 8.73 -7.08 12.05
C VAL A 236 8.76 -5.59 11.73
N THR A 237 8.20 -4.79 12.63
CA THR A 237 8.18 -3.35 12.47
C THR A 237 7.77 -2.67 13.77
N THR A 238 7.52 -1.37 13.71
CA THR A 238 7.06 -0.63 14.87
C THR A 238 5.61 -0.22 14.64
N PHE A 239 4.90 0.10 15.70
CA PHE A 239 3.50 0.47 15.55
C PHE A 239 3.31 1.67 14.65
N VAL A 240 4.16 2.67 14.82
CA VAL A 240 4.05 3.88 14.04
C VAL A 240 4.24 3.60 12.56
N HIS A 241 5.28 2.84 12.25
CA HIS A 241 5.56 2.55 10.85
C HIS A 241 4.48 1.67 10.26
N TYR A 242 4.01 0.68 11.01
CA TYR A 242 3.00 -0.22 10.51
C TYR A 242 1.81 0.56 10.02
N ALA A 243 1.36 1.49 10.86
CA ALA A 243 0.19 2.28 10.54
C ALA A 243 0.39 3.03 9.23
N ASN A 244 1.61 3.49 8.99
CA ASN A 244 1.90 4.20 7.76
C ASN A 244 1.83 3.27 6.57
N PHE A 245 2.52 2.14 6.64
CA PHE A 245 2.59 1.24 5.50
C PHE A 245 1.22 0.81 5.06
N HIS A 246 0.36 0.48 6.03
CA HIS A 246 -0.98 -0.03 5.77
C HIS A 246 -1.80 0.89 4.87
N ASN A 247 -1.41 2.15 4.76
CA ASN A 247 -2.16 3.10 3.95
C ASN A 247 -2.14 2.71 2.47
N TYR A 248 -1.09 2.00 2.06
CA TYR A 248 -0.93 1.65 0.66
C TYR A 248 -0.53 0.18 0.47
N PHE A 249 0.15 -0.39 1.47
CA PHE A 249 0.65 -1.75 1.34
C PHE A 249 -0.09 -2.69 2.25
N VAL A 250 -1.05 -3.40 1.67
CA VAL A 250 -1.86 -4.33 2.41
C VAL A 250 -1.88 -5.66 1.69
N PRO A 251 -0.90 -6.53 1.95
CA PRO A 251 -0.69 -7.79 1.27
C PRO A 251 -1.72 -8.81 1.71
N ASN A 252 -2.00 -9.77 0.83
CA ASN A 252 -2.85 -10.88 1.20
C ASN A 252 -1.98 -11.96 1.78
N LEU A 253 -1.86 -11.97 3.10
CA LEU A 253 -0.91 -12.82 3.76
C LEU A 253 -1.32 -14.27 3.60
N LYS A 254 -2.60 -14.52 3.66
CA LYS A 254 -3.09 -15.89 3.57
C LYS A 254 -2.65 -16.52 2.28
N ASP A 255 -2.91 -15.83 1.17
CA ASP A 255 -2.61 -16.35 -0.14
C ASP A 255 -1.11 -16.41 -0.37
N MET A 256 -0.41 -15.34 0.00
CA MET A 256 1.02 -15.24 -0.21
C MET A 256 1.75 -16.35 0.54
N PHE A 257 1.40 -16.50 1.81
CA PHE A 257 2.04 -17.48 2.66
C PHE A 257 1.84 -18.89 2.14
N SER A 258 0.61 -19.24 1.82
CA SER A 258 0.33 -20.59 1.36
C SER A 258 1.09 -20.87 0.07
N ARG A 259 0.98 -19.99 -0.90
CA ARG A 259 1.65 -20.21 -2.16
C ARG A 259 3.13 -20.42 -1.95
N ALA A 260 3.72 -19.61 -1.06
CA ALA A 260 5.15 -19.67 -0.77
C ALA A 260 5.60 -21.05 -0.30
N VAL A 261 4.67 -21.89 0.14
CA VAL A 261 5.03 -23.20 0.64
C VAL A 261 4.54 -24.31 -0.29
N THR A 262 3.32 -24.17 -0.81
CA THR A 262 2.68 -25.25 -1.55
C THR A 262 3.15 -25.36 -3.01
N MET A 263 3.75 -24.30 -3.55
CA MET A 263 4.29 -24.35 -4.91
C MET A 263 5.68 -24.96 -4.92
N THR A 264 6.03 -25.64 -6.00
CA THR A 264 7.38 -26.17 -6.14
C THR A 264 8.30 -25.05 -6.55
N ALA A 265 9.60 -25.24 -6.38
CA ALA A 265 10.53 -24.20 -6.77
C ALA A 265 10.34 -23.78 -8.22
N ALA A 266 10.18 -24.75 -9.11
CA ALA A 266 10.02 -24.43 -10.51
C ALA A 266 8.68 -23.76 -10.78
N SER A 267 7.60 -24.33 -10.25
CA SER A 267 6.28 -23.79 -10.51
C SER A 267 6.12 -22.42 -9.88
N TYR A 268 6.76 -22.22 -8.75
CA TYR A 268 6.68 -20.96 -8.04
C TYR A 268 7.36 -19.89 -8.86
N ALA A 269 8.57 -20.19 -9.31
CA ALA A 269 9.33 -19.22 -10.07
C ALA A 269 8.58 -18.83 -11.35
N ARG A 270 7.93 -19.80 -11.99
CA ARG A 270 7.20 -19.48 -13.21
C ARG A 270 6.06 -18.54 -12.91
N TYR A 271 5.34 -18.79 -11.82
CA TYR A 271 4.29 -17.90 -11.36
C TYR A 271 4.80 -16.48 -11.23
N VAL A 272 5.92 -16.33 -10.53
CA VAL A 272 6.49 -15.03 -10.30
C VAL A 272 6.87 -14.35 -11.61
N LEU A 273 7.54 -15.10 -12.47
CA LEU A 273 7.99 -14.55 -13.72
C LEU A 273 6.83 -14.06 -14.56
N GLN A 274 5.80 -14.87 -14.70
CA GLN A 274 4.69 -14.47 -15.55
C GLN A 274 4.14 -13.14 -15.10
N LYS A 275 3.96 -12.97 -13.80
CA LYS A 275 3.42 -11.72 -13.30
C LYS A 275 4.33 -10.56 -13.66
N LEU A 276 5.63 -10.74 -13.47
CA LEU A 276 6.58 -9.68 -13.77
C LEU A 276 6.52 -9.30 -15.23
N VAL A 277 6.50 -10.28 -16.11
CA VAL A 277 6.48 -10.02 -17.54
C VAL A 277 5.24 -9.25 -17.94
N LEU A 278 4.08 -9.71 -17.48
CA LEU A 278 2.85 -9.06 -17.85
C LEU A 278 2.82 -7.63 -17.33
N LEU A 279 3.32 -7.44 -16.10
CA LEU A 279 3.33 -6.11 -15.53
C LEU A 279 4.19 -5.17 -16.34
N GLU A 280 5.39 -5.61 -16.68
CA GLU A 280 6.29 -4.76 -17.43
C GLU A 280 5.72 -4.45 -18.80
N MET A 281 5.28 -5.50 -19.49
CA MET A 281 4.81 -5.40 -20.86
C MET A 281 3.66 -4.41 -21.04
N LYS A 282 2.80 -4.29 -20.03
CA LYS A 282 1.67 -3.39 -20.13
C LYS A 282 2.06 -1.93 -19.87
N GLY A 283 3.36 -1.68 -19.65
CA GLY A 283 3.84 -0.33 -19.38
C GLY A 283 3.74 -0.05 -17.89
N GLY A 284 4.26 -0.98 -17.11
CA GLY A 284 4.15 -0.92 -15.66
C GLY A 284 5.33 -0.20 -15.02
N CYS A 285 6.43 -0.92 -14.85
CA CYS A 285 7.62 -0.40 -14.17
C CYS A 285 8.28 0.76 -14.90
N ARG A 286 7.75 1.12 -16.08
CA ARG A 286 8.22 2.33 -16.72
C ARG A 286 8.06 3.50 -15.76
N GLU A 287 6.92 3.53 -15.07
CA GLU A 287 6.64 4.51 -14.03
C GLU A 287 6.08 3.80 -12.80
N PRO A 288 6.95 3.24 -11.95
CA PRO A 288 6.61 2.37 -10.84
C PRO A 288 5.62 3.02 -9.88
N GLU A 289 4.62 2.25 -9.48
CA GLU A 289 3.62 2.72 -8.55
C GLU A 289 3.75 2.00 -7.23
N LEU A 290 3.87 2.74 -6.14
CA LEU A 290 4.04 2.13 -4.83
C LEU A 290 2.73 1.65 -4.24
N ASP A 291 2.11 0.71 -4.93
CA ASP A 291 0.88 0.10 -4.43
C ASP A 291 1.18 -1.28 -3.86
N THR A 292 0.17 -1.93 -3.35
CA THR A 292 0.33 -3.27 -2.82
C THR A 292 0.81 -4.25 -3.86
N GLU A 293 0.22 -4.19 -5.04
CA GLU A 293 0.53 -5.13 -6.09
C GLU A 293 2.02 -5.25 -6.36
N THR A 294 2.67 -4.12 -6.57
CA THR A 294 4.09 -4.10 -6.88
C THR A 294 4.93 -4.52 -5.69
N LEU A 295 4.58 -4.02 -4.51
CA LEU A 295 5.36 -4.33 -3.32
C LEU A 295 5.27 -5.81 -3.01
N THR A 296 4.09 -6.38 -3.23
CA THR A 296 3.89 -7.80 -3.03
C THR A 296 4.79 -8.57 -3.98
N THR A 297 4.81 -8.14 -5.23
CA THR A 297 5.62 -8.79 -6.25
C THR A 297 7.08 -8.87 -5.80
N MET A 298 7.62 -7.76 -5.29
CA MET A 298 9.00 -7.73 -4.84
C MET A 298 9.28 -8.84 -3.84
N PHE A 299 8.38 -9.01 -2.88
CA PHE A 299 8.53 -10.07 -1.89
C PHE A 299 8.57 -11.42 -2.57
N GLU A 300 7.61 -11.66 -3.45
CA GLU A 300 7.52 -12.96 -4.12
C GLU A 300 8.80 -13.29 -4.89
N VAL A 301 9.40 -12.28 -5.52
CA VAL A 301 10.66 -12.48 -6.22
C VAL A 301 11.73 -12.95 -5.26
N SER A 302 11.81 -12.29 -4.11
CA SER A 302 12.80 -12.64 -3.12
C SER A 302 12.63 -14.10 -2.69
N VAL A 303 11.38 -14.51 -2.50
CA VAL A 303 11.07 -15.86 -2.11
C VAL A 303 11.52 -16.87 -3.14
N ALA A 304 11.28 -16.57 -4.41
CA ALA A 304 11.64 -17.53 -5.45
C ALA A 304 13.10 -17.94 -5.34
N PHE A 305 13.98 -16.97 -5.09
CA PHE A 305 15.39 -17.30 -4.95
C PHE A 305 15.62 -18.13 -3.70
N PHE A 306 14.99 -17.74 -2.61
CA PHE A 306 15.12 -18.47 -1.37
C PHE A 306 14.70 -19.91 -1.53
N LYS A 307 13.54 -20.12 -2.12
CA LYS A 307 12.98 -21.45 -2.26
C LYS A 307 13.97 -22.40 -2.89
N VAL A 308 14.65 -21.97 -3.95
CA VAL A 308 15.61 -22.83 -4.60
C VAL A 308 16.79 -23.13 -3.69
N GLY A 309 17.35 -22.09 -3.09
CA GLY A 309 18.51 -22.28 -2.23
C GLY A 309 18.15 -23.18 -1.05
N HIS A 310 16.96 -22.99 -0.54
CA HIS A 310 16.44 -23.77 0.57
C HIS A 310 16.31 -25.22 0.17
N ALA A 311 15.70 -25.45 -0.98
CA ALA A 311 15.49 -26.81 -1.47
C ALA A 311 16.80 -27.57 -1.54
N VAL A 312 17.87 -26.90 -1.92
CA VAL A 312 19.18 -27.54 -1.97
C VAL A 312 19.67 -27.87 -0.56
N GLY A 313 19.53 -26.92 0.36
CA GLY A 313 19.93 -27.16 1.74
C GLY A 313 19.16 -28.35 2.33
N GLU A 314 17.88 -28.45 1.99
CA GLU A 314 17.03 -29.53 2.47
C GLU A 314 17.18 -30.80 1.65
N THR A 315 18.38 -31.34 1.63
CA THR A 315 18.66 -32.56 0.88
C THR A 315 19.37 -33.63 1.71
N GLY A 316 19.63 -33.33 2.97
CA GLY A 316 20.30 -34.31 3.82
C GLY A 316 21.74 -34.55 3.37
N ASN A 317 22.35 -33.53 2.79
CA ASN A 317 23.70 -33.61 2.26
C ASN A 317 23.82 -34.58 1.07
N GLY A 318 22.69 -34.90 0.45
CA GLY A 318 22.71 -35.76 -0.73
C GLY A 318 22.93 -34.93 -2.00
N CYS A 319 22.63 -35.52 -3.15
CA CYS A 319 22.82 -34.84 -4.42
C CYS A 319 21.48 -34.52 -5.08
N VAL A 320 21.51 -33.62 -6.04
CA VAL A 320 20.30 -33.18 -6.73
C VAL A 320 20.38 -33.44 -8.23
N ASP A 321 19.34 -34.07 -8.78
CA ASP A 321 19.30 -34.39 -10.20
C ASP A 321 19.57 -33.15 -11.03
N LEU A 322 20.40 -33.30 -12.06
CA LEU A 322 20.77 -32.17 -12.88
C LEU A 322 19.55 -31.55 -13.56
N ARG A 323 18.56 -32.37 -13.89
CA ARG A 323 17.39 -31.85 -14.58
C ARG A 323 16.64 -30.89 -13.69
N TRP A 324 16.53 -31.24 -12.42
CA TRP A 324 15.85 -30.39 -11.47
C TRP A 324 16.58 -29.08 -11.36
N LEU A 325 17.91 -29.17 -11.25
CA LEU A 325 18.71 -27.97 -11.09
C LEU A 325 18.56 -27.10 -12.33
N ALA A 326 18.55 -27.72 -13.50
CA ALA A 326 18.42 -26.96 -14.72
C ALA A 326 17.13 -26.17 -14.72
N LYS A 327 16.04 -26.81 -14.31
CA LYS A 327 14.77 -26.12 -14.28
C LYS A 327 14.76 -24.98 -13.29
N SER A 328 15.29 -25.23 -12.10
CA SER A 328 15.26 -24.22 -11.06
C SER A 328 16.13 -23.02 -11.41
N PHE A 329 17.33 -23.28 -11.90
CA PHE A 329 18.24 -22.20 -12.20
C PHE A 329 17.84 -21.49 -13.46
N PHE A 330 17.28 -22.22 -14.41
CA PHE A 330 16.81 -21.59 -15.63
C PHE A 330 15.82 -20.50 -15.29
N GLU A 331 14.83 -20.83 -14.47
CA GLU A 331 13.78 -19.87 -14.16
C GLU A 331 14.34 -18.67 -13.39
N LEU A 332 15.25 -18.91 -12.45
CA LEU A 332 15.82 -17.79 -11.71
C LEU A 332 16.68 -16.94 -12.61
N THR A 333 17.38 -17.58 -13.53
CA THR A 333 18.24 -16.88 -14.46
C THR A 333 17.40 -15.92 -15.28
N VAL A 334 16.28 -16.41 -15.78
CA VAL A 334 15.39 -15.56 -16.54
C VAL A 334 14.86 -14.44 -15.67
N LEU A 335 14.39 -14.79 -14.48
CA LEU A 335 13.84 -13.81 -13.56
C LEU A 335 14.85 -12.69 -13.32
N LYS A 336 16.11 -13.07 -13.12
CA LYS A 336 17.19 -12.12 -12.93
C LYS A 336 17.33 -11.19 -14.13
N ASP A 337 17.41 -11.78 -15.33
CA ASP A 337 17.61 -10.99 -16.53
C ASP A 337 16.48 -9.98 -16.74
N ILE A 338 15.25 -10.39 -16.45
CA ILE A 338 14.11 -9.51 -16.67
C ILE A 338 14.01 -8.42 -15.61
N ILE A 339 14.11 -8.78 -14.34
CA ILE A 339 13.96 -7.78 -13.29
C ILE A 339 15.08 -6.74 -13.37
N GLY A 340 16.26 -7.17 -13.83
CA GLY A 340 17.41 -6.31 -13.99
C GLY A 340 17.21 -5.25 -15.07
N ILE A 341 16.15 -5.41 -15.86
CA ILE A 341 15.84 -4.45 -16.90
C ILE A 341 14.61 -3.65 -16.53
N CYS A 342 13.56 -4.35 -16.10
CA CYS A 342 12.31 -3.71 -15.72
C CYS A 342 12.51 -2.70 -14.60
N TYR A 343 13.17 -3.12 -13.54
CA TYR A 343 13.39 -2.25 -12.40
C TYR A 343 14.85 -1.85 -12.27
N GLY A 344 15.74 -2.63 -12.86
CA GLY A 344 17.15 -2.36 -12.71
C GLY A 344 17.68 -2.97 -11.42
N ALA A 345 17.02 -4.03 -10.96
CA ALA A 345 17.41 -4.69 -9.73
C ALA A 345 18.69 -5.48 -9.95
N THR A 346 19.45 -5.69 -8.88
CA THR A 346 20.65 -6.50 -8.99
C THR A 346 20.55 -7.73 -8.09
N VAL A 347 21.33 -8.74 -8.43
CA VAL A 347 21.34 -9.98 -7.67
C VAL A 347 22.76 -10.35 -7.26
N LYS A 348 22.94 -10.67 -6.00
CA LYS A 348 24.23 -11.09 -5.50
C LYS A 348 24.15 -12.50 -4.94
N GLY A 349 24.94 -13.40 -5.50
CA GLY A 349 24.93 -14.80 -5.07
C GLY A 349 23.90 -15.62 -5.84
N MET A 350 23.68 -16.86 -5.38
CA MET A 350 22.80 -17.81 -6.06
C MET A 350 23.21 -18.08 -7.49
N GLN A 351 24.51 -18.18 -7.72
CA GLN A 351 25.03 -18.51 -9.03
C GLN A 351 26.23 -19.43 -8.86
N SER A 352 26.08 -20.68 -9.32
CA SER A 352 27.11 -21.70 -9.13
C SER A 352 27.96 -21.92 -10.36
N TYR A 353 29.24 -21.57 -10.26
CA TYR A 353 30.13 -21.74 -11.39
C TYR A 353 30.29 -23.21 -11.72
N GLY A 354 30.20 -24.08 -10.71
CA GLY A 354 30.35 -25.51 -10.91
C GLY A 354 29.31 -26.01 -11.88
N LEU A 355 28.04 -25.70 -11.60
CA LEU A 355 26.97 -26.14 -12.46
C LEU A 355 27.09 -25.54 -13.86
N GLU A 356 27.52 -24.28 -13.93
CA GLU A 356 27.66 -23.62 -15.22
C GLU A 356 28.69 -24.34 -16.09
N ARG A 357 29.83 -24.69 -15.49
CA ARG A 357 30.88 -25.38 -16.23
C ARG A 357 30.38 -26.70 -16.74
N LEU A 358 29.66 -27.44 -15.90
CA LEU A 358 29.14 -28.72 -16.32
C LEU A 358 28.18 -28.55 -17.48
N ALA A 359 27.30 -27.56 -17.39
CA ALA A 359 26.35 -27.32 -18.46
C ALA A 359 27.07 -26.98 -19.76
N ALA A 360 28.12 -26.17 -19.67
CA ALA A 360 28.91 -25.83 -20.85
C ALA A 360 29.57 -27.08 -21.43
N MET A 361 30.06 -27.96 -20.56
CA MET A 361 30.66 -29.21 -21.00
C MET A 361 29.66 -30.04 -21.77
N LEU A 362 28.44 -30.11 -21.27
CA LEU A 362 27.40 -30.89 -21.92
C LEU A 362 27.08 -30.34 -23.30
N MET A 363 27.02 -29.02 -23.42
CA MET A 363 26.73 -28.41 -24.71
C MET A 363 27.84 -28.68 -25.69
N ALA A 364 29.06 -28.82 -25.20
CA ALA A 364 30.20 -29.03 -26.06
C ALA A 364 30.22 -30.43 -26.66
N THR A 365 29.34 -31.33 -26.19
CA THR A 365 29.32 -32.68 -26.74
C THR A 365 28.23 -32.87 -27.78
N VAL A 366 27.47 -31.81 -28.06
CA VAL A 366 26.39 -31.93 -29.04
C VAL A 366 26.49 -30.87 -30.12
N LYS A 367 25.83 -31.13 -31.25
CA LYS A 367 25.82 -30.20 -32.36
C LYS A 367 24.62 -29.29 -32.30
N MET A 368 24.87 -27.99 -32.22
CA MET A 368 23.79 -27.03 -32.10
C MET A 368 22.82 -27.16 -33.27
N GLU A 369 23.37 -27.32 -34.47
CA GLU A 369 22.59 -27.35 -35.68
C GLU A 369 21.59 -28.52 -35.71
N GLU A 370 21.89 -29.58 -34.97
CA GLU A 370 21.09 -30.78 -35.01
C GLU A 370 20.18 -30.96 -33.80
N LEU A 371 20.10 -29.96 -32.94
CA LEU A 371 19.29 -30.09 -31.74
C LEU A 371 17.82 -30.33 -32.06
N GLY A 372 17.37 -29.80 -33.19
CA GLY A 372 15.99 -29.95 -33.62
C GLY A 372 15.62 -31.43 -33.90
N HIS A 373 16.63 -32.30 -33.96
CA HIS A 373 16.37 -33.72 -34.25
C HIS A 373 16.34 -34.56 -32.98
N LEU A 374 16.45 -33.93 -31.82
CA LEU A 374 16.42 -34.66 -30.56
C LEU A 374 15.01 -34.78 -30.03
N THR A 375 14.80 -35.76 -29.16
CA THR A 375 13.51 -35.90 -28.49
C THR A 375 13.18 -34.59 -27.80
N THR A 376 11.94 -34.12 -27.95
CA THR A 376 11.50 -32.86 -27.38
C THR A 376 11.98 -32.70 -25.94
N GLU A 377 11.85 -33.76 -25.15
CA GLU A 377 12.26 -33.74 -23.75
C GLU A 377 13.73 -33.35 -23.61
N LYS A 378 14.55 -33.86 -24.53
CA LYS A 378 15.97 -33.61 -24.47
C LYS A 378 16.29 -32.24 -25.03
N GLN A 379 15.46 -31.77 -25.95
CA GLN A 379 15.68 -30.45 -26.50
C GLN A 379 15.51 -29.40 -25.41
N GLU A 380 14.47 -29.55 -24.59
CA GLU A 380 14.25 -28.60 -23.51
C GLU A 380 15.40 -28.65 -22.54
N TYR A 381 15.85 -29.85 -22.24
CA TYR A 381 16.94 -30.06 -21.32
C TYR A 381 18.16 -29.31 -21.81
N ALA A 382 18.50 -29.53 -23.07
CA ALA A 382 19.66 -28.87 -23.65
C ALA A 382 19.53 -27.36 -23.61
N LEU A 383 18.34 -26.85 -23.94
CA LEU A 383 18.15 -25.42 -23.97
C LEU A 383 18.32 -24.79 -22.59
N ARG A 384 17.77 -25.44 -21.58
CA ARG A 384 17.92 -24.93 -20.23
C ARG A 384 19.39 -24.92 -19.83
N LEU A 385 20.09 -26.00 -20.15
CA LEU A 385 21.49 -26.09 -19.81
C LEU A 385 22.28 -25.02 -20.50
N ALA A 386 21.99 -24.79 -21.76
CA ALA A 386 22.70 -23.79 -22.52
C ALA A 386 22.56 -22.41 -21.90
N THR A 387 21.35 -22.09 -21.48
CA THR A 387 21.06 -20.80 -20.91
C THR A 387 21.94 -20.54 -19.70
N VAL A 388 22.08 -21.56 -18.86
CA VAL A 388 22.90 -21.46 -17.66
C VAL A 388 24.39 -21.54 -17.96
N GLY A 389 24.78 -22.52 -18.76
CA GLY A 389 26.19 -22.76 -19.07
C GLY A 389 26.88 -21.55 -19.63
N TYR A 390 26.16 -20.78 -20.44
CA TYR A 390 26.73 -19.58 -21.01
C TYR A 390 25.93 -18.35 -20.58
N PRO A 391 26.19 -17.82 -19.38
CA PRO A 391 25.42 -16.80 -18.74
C PRO A 391 25.45 -15.55 -19.57
N LYS A 392 24.33 -14.84 -19.57
CA LYS A 392 24.15 -13.61 -20.31
C LYS A 392 24.54 -13.73 -21.79
N ALA A 393 24.64 -14.97 -22.30
CA ALA A 393 25.00 -15.20 -23.69
C ALA A 393 26.14 -14.28 -24.10
N GLY A 394 27.09 -14.05 -23.19
CA GLY A 394 28.14 -13.07 -23.42
C GLY A 394 29.20 -13.50 -24.42
N VAL A 395 29.36 -14.81 -24.60
CA VAL A 395 30.43 -15.29 -25.46
C VAL A 395 29.94 -16.21 -26.57
N TYR A 396 29.37 -17.35 -26.20
CA TYR A 396 29.08 -18.37 -27.19
C TYR A 396 27.77 -18.12 -27.92
N SER A 397 27.84 -17.30 -28.95
CA SER A 397 26.67 -16.93 -29.73
C SER A 397 26.10 -18.12 -30.50
N GLY A 398 26.86 -19.21 -30.60
CA GLY A 398 26.45 -20.39 -31.36
C GLY A 398 25.14 -20.97 -30.86
N LEU A 399 24.73 -20.58 -29.66
CA LEU A 399 23.48 -21.05 -29.10
C LEU A 399 22.29 -20.59 -29.91
N ILE A 400 22.48 -19.51 -30.66
CA ILE A 400 21.41 -18.99 -31.49
C ILE A 400 21.08 -20.00 -32.57
N GLY A 401 22.11 -20.57 -33.19
CA GLY A 401 21.91 -21.57 -34.21
C GLY A 401 21.15 -22.74 -33.62
N GLY A 402 21.47 -23.04 -32.36
CA GLY A 402 20.79 -24.10 -31.63
C GLY A 402 19.31 -23.81 -31.54
N ALA A 403 18.96 -22.62 -31.06
CA ALA A 403 17.56 -22.24 -30.93
C ALA A 403 16.86 -22.28 -32.27
N THR A 404 17.56 -21.88 -33.33
CA THR A 404 16.99 -21.88 -34.65
C THR A 404 16.68 -23.31 -35.10
N SER A 405 17.61 -24.22 -34.85
CA SER A 405 17.41 -25.62 -35.21
C SER A 405 16.12 -26.13 -34.61
N VAL A 406 15.91 -25.82 -33.34
CA VAL A 406 14.71 -26.23 -32.64
C VAL A 406 13.45 -25.63 -33.26
N LEU A 407 13.47 -24.31 -33.49
CA LEU A 407 12.32 -23.65 -34.07
C LEU A 407 11.99 -24.20 -35.44
N LEU A 408 13.00 -24.41 -36.25
CA LEU A 408 12.78 -24.89 -37.59
C LEU A 408 12.16 -26.29 -37.58
N SER A 409 12.64 -27.17 -36.70
CA SER A 409 12.06 -28.50 -36.65
C SER A 409 10.59 -28.40 -36.26
N ALA A 410 10.28 -27.49 -35.34
CA ALA A 410 8.91 -27.28 -34.91
C ALA A 410 8.07 -26.77 -36.06
N TYR A 411 8.63 -25.85 -36.81
CA TYR A 411 7.97 -25.25 -37.96
C TYR A 411 7.49 -26.33 -38.91
N ASN A 412 8.35 -27.32 -39.15
CA ASN A 412 8.06 -28.40 -40.08
C ASN A 412 7.09 -29.43 -39.53
N ARG A 413 6.68 -29.28 -38.27
CA ARG A 413 5.74 -30.19 -37.65
C ARG A 413 4.41 -29.52 -37.39
N HIS A 414 4.47 -28.23 -37.09
CA HIS A 414 3.31 -27.42 -36.79
C HIS A 414 2.33 -27.33 -37.98
N PRO A 415 1.01 -27.53 -37.75
CA PRO A 415 -0.06 -27.44 -38.73
C PRO A 415 -0.29 -26.01 -39.19
N LEU A 416 -0.65 -25.85 -40.44
CA LEU A 416 -0.74 -24.54 -41.05
C LEU A 416 -1.72 -23.59 -40.34
N PHE A 417 -1.19 -22.41 -39.99
CA PHE A 417 -1.92 -21.28 -39.37
C PHE A 417 -2.55 -21.56 -38.02
N GLN A 418 -2.20 -22.67 -37.39
CA GLN A 418 -2.79 -22.96 -36.10
C GLN A 418 -2.05 -22.24 -34.97
N PRO A 419 -2.73 -21.89 -33.87
CA PRO A 419 -2.21 -21.19 -32.71
C PRO A 419 -1.37 -22.11 -31.82
N LEU A 420 -0.28 -22.60 -32.38
CA LEU A 420 0.66 -23.50 -31.70
C LEU A 420 -0.03 -24.52 -30.81
N HIS A 421 0.59 -24.79 -29.66
CA HIS A 421 0.13 -25.77 -28.70
C HIS A 421 0.82 -25.53 -27.36
N THR A 422 0.15 -25.89 -26.27
CA THR A 422 0.75 -25.72 -24.95
C THR A 422 2.21 -26.18 -24.91
N VAL A 423 2.47 -27.35 -25.47
CA VAL A 423 3.83 -27.91 -25.43
C VAL A 423 4.79 -27.11 -26.27
N MET A 424 4.36 -26.78 -27.49
CA MET A 424 5.20 -26.00 -28.38
C MET A 424 5.59 -24.69 -27.74
N ARG A 425 4.62 -24.04 -27.11
CA ARG A 425 4.83 -22.75 -26.51
C ARG A 425 5.88 -22.82 -25.43
N GLU A 426 5.82 -23.85 -24.60
CA GLU A 426 6.81 -24.01 -23.56
C GLU A 426 8.19 -24.19 -24.15
N THR A 427 8.29 -25.05 -25.16
CA THR A 427 9.59 -25.33 -25.75
C THR A 427 10.20 -24.08 -26.35
N LEU A 428 9.40 -23.36 -27.12
CA LEU A 428 9.87 -22.18 -27.79
C LEU A 428 10.17 -21.08 -26.81
N PHE A 429 9.34 -20.96 -25.78
CA PHE A 429 9.54 -19.97 -24.73
C PHE A 429 10.93 -20.08 -24.16
N ILE A 430 11.32 -21.30 -23.84
CA ILE A 430 12.64 -21.52 -23.27
C ILE A 430 13.73 -21.05 -24.24
N GLY A 431 13.63 -21.48 -25.49
CA GLY A 431 14.63 -21.12 -26.50
C GLY A 431 14.68 -19.61 -26.77
N SER A 432 13.54 -18.95 -26.67
CA SER A 432 13.47 -17.54 -26.99
C SER A 432 14.34 -16.69 -26.08
N HIS A 433 14.72 -17.20 -24.91
CA HIS A 433 15.46 -16.38 -23.97
C HIS A 433 16.83 -16.00 -24.53
N VAL A 434 17.55 -16.98 -25.08
CA VAL A 434 18.87 -16.67 -25.60
C VAL A 434 18.75 -15.73 -26.78
N VAL A 435 17.67 -15.86 -27.53
CA VAL A 435 17.43 -14.96 -28.63
C VAL A 435 17.26 -13.54 -28.12
N LEU A 436 16.47 -13.39 -27.07
CA LEU A 436 16.25 -12.07 -26.50
C LEU A 436 17.55 -11.46 -26.02
N ARG A 437 18.42 -12.27 -25.43
CA ARG A 437 19.70 -11.76 -24.95
C ARG A 437 20.51 -11.16 -26.08
N GLU A 438 20.57 -11.85 -27.21
CA GLU A 438 21.35 -11.38 -28.34
C GLU A 438 20.83 -10.04 -28.84
N LEU A 439 19.51 -9.87 -28.79
CA LEU A 439 18.87 -8.67 -29.31
C LEU A 439 19.10 -7.43 -28.45
N ARG A 440 19.79 -7.59 -27.33
CA ARG A 440 20.07 -6.45 -26.46
C ARG A 440 21.30 -5.66 -26.94
N LEU A 441 22.06 -6.24 -27.86
CA LEU A 441 23.29 -5.61 -28.33
C LEU A 441 23.27 -5.42 -29.84
N ASN A 442 23.67 -4.22 -30.30
CA ASN A 442 23.71 -4.01 -31.73
C ASN A 442 24.99 -4.53 -32.35
N VAL A 443 25.11 -5.86 -32.32
CA VAL A 443 26.27 -6.56 -32.87
C VAL A 443 25.80 -7.58 -33.89
N THR A 444 26.28 -7.45 -35.11
CA THR A 444 25.83 -8.30 -36.22
C THR A 444 26.46 -9.69 -36.21
N THR A 445 26.15 -10.47 -35.18
CA THR A 445 26.66 -11.83 -35.09
C THR A 445 25.61 -12.82 -35.54
N GLN A 446 25.97 -13.67 -36.49
CA GLN A 446 25.04 -14.64 -37.04
C GLN A 446 23.75 -14.00 -37.48
N GLY A 447 23.87 -12.87 -38.17
CA GLY A 447 22.70 -12.19 -38.68
C GLY A 447 21.74 -13.16 -39.35
N PRO A 448 22.21 -13.94 -40.33
CA PRO A 448 21.47 -14.93 -41.09
C PRO A 448 20.66 -15.92 -40.24
N ASN A 449 21.17 -16.33 -39.08
CA ASN A 449 20.41 -17.27 -38.26
C ASN A 449 19.34 -16.55 -37.49
N LEU A 450 19.69 -15.39 -36.96
CA LEU A 450 18.73 -14.62 -36.22
C LEU A 450 17.60 -14.19 -37.14
N ALA A 451 17.95 -13.83 -38.37
CA ALA A 451 16.98 -13.44 -39.36
C ALA A 451 16.01 -14.57 -39.66
N LEU A 452 16.55 -15.79 -39.82
CA LEU A 452 15.70 -16.94 -40.07
C LEU A 452 14.77 -17.17 -38.91
N TYR A 453 15.31 -17.08 -37.69
CA TYR A 453 14.50 -17.28 -36.52
C TYR A 453 13.28 -16.36 -36.56
N GLN A 454 13.52 -15.08 -36.83
CA GLN A 454 12.45 -14.10 -36.90
C GLN A 454 11.47 -14.41 -38.04
N LEU A 455 12.00 -14.83 -39.18
CA LEU A 455 11.15 -15.17 -40.32
C LEU A 455 10.20 -16.30 -39.98
N LEU A 456 10.73 -17.35 -39.39
CA LEU A 456 9.92 -18.49 -39.03
C LEU A 456 8.87 -18.07 -38.01
N SER A 457 9.29 -17.24 -37.06
CA SER A 457 8.40 -16.75 -36.02
C SER A 457 7.28 -15.93 -36.63
N THR A 458 7.64 -15.12 -37.62
CA THR A 458 6.68 -14.27 -38.30
C THR A 458 5.65 -15.11 -39.02
N ALA A 459 6.13 -16.11 -39.75
CA ALA A 459 5.26 -16.98 -40.51
C ALA A 459 4.25 -17.71 -39.62
N LEU A 460 4.66 -18.01 -38.40
CA LEU A 460 3.76 -18.72 -37.49
C LEU A 460 2.74 -17.80 -36.82
N CYS A 461 2.87 -16.50 -37.00
CA CYS A 461 2.01 -15.55 -36.32
C CYS A 461 0.70 -15.32 -37.09
N SER A 462 -0.16 -16.35 -37.11
CA SER A 462 -1.43 -16.30 -37.84
C SER A 462 -2.49 -15.49 -37.11
N ALA A 463 -3.59 -15.20 -37.80
CA ALA A 463 -4.70 -14.51 -37.16
C ALA A 463 -5.21 -15.29 -35.96
N LEU A 464 -5.19 -16.61 -36.06
CA LEU A 464 -5.61 -17.45 -34.96
C LEU A 464 -4.67 -17.27 -33.79
N GLU A 465 -3.38 -17.09 -34.07
CA GLU A 465 -2.42 -16.87 -33.00
C GLU A 465 -2.70 -15.55 -32.32
N ILE A 466 -3.01 -14.53 -33.09
CA ILE A 466 -3.32 -13.25 -32.50
C ILE A 466 -4.49 -13.38 -31.56
N GLY A 467 -5.53 -14.08 -32.03
CA GLY A 467 -6.71 -14.30 -31.23
C GLY A 467 -6.37 -15.03 -29.93
N GLU A 468 -5.68 -16.15 -30.06
CA GLU A 468 -5.35 -16.97 -28.91
C GLU A 468 -4.55 -16.19 -27.88
N VAL A 469 -3.61 -15.40 -28.38
CA VAL A 469 -2.79 -14.59 -27.50
C VAL A 469 -3.60 -13.56 -26.77
N LEU A 470 -4.46 -12.85 -27.49
CA LEU A 470 -5.25 -11.83 -26.85
C LEU A 470 -6.13 -12.43 -25.76
N ARG A 471 -6.68 -13.62 -26.01
CA ARG A 471 -7.46 -14.29 -24.98
C ARG A 471 -6.58 -14.56 -23.78
N GLY A 472 -5.40 -15.13 -24.04
CA GLY A 472 -4.46 -15.46 -22.98
C GLY A 472 -4.08 -14.22 -22.18
N LEU A 473 -3.94 -13.09 -22.85
CA LEU A 473 -3.59 -11.86 -22.17
C LEU A 473 -4.73 -11.37 -21.30
N ALA A 474 -5.94 -11.42 -21.82
CA ALA A 474 -7.11 -10.99 -21.07
C ALA A 474 -7.29 -11.84 -19.81
N LEU A 475 -7.01 -13.13 -19.93
CA LEU A 475 -7.21 -14.05 -18.82
C LEU A 475 -5.97 -14.20 -17.93
N GLY A 476 -4.79 -14.00 -18.51
CA GLY A 476 -3.54 -14.16 -17.77
C GLY A 476 -3.00 -15.60 -17.84
N THR A 477 -3.04 -16.19 -19.03
CA THR A 477 -2.56 -17.55 -19.24
C THR A 477 -1.23 -17.58 -19.99
N GLU A 478 -0.68 -18.77 -20.13
CA GLU A 478 0.59 -18.97 -20.82
C GLU A 478 0.53 -18.56 -22.29
N SER A 479 -0.69 -18.42 -22.83
CA SER A 479 -0.84 -18.02 -24.22
C SER A 479 -0.61 -16.54 -24.41
N GLY A 480 -0.62 -15.80 -23.29
CA GLY A 480 -0.34 -14.37 -23.33
C GLY A 480 1.13 -14.14 -22.99
N LEU A 481 1.66 -15.01 -22.12
CA LEU A 481 3.05 -14.93 -21.70
C LEU A 481 4.02 -15.07 -22.85
N PHE A 482 3.84 -16.12 -23.65
CA PHE A 482 4.74 -16.33 -24.76
C PHE A 482 4.04 -16.40 -26.09
N SER A 483 4.58 -15.68 -27.07
CA SER A 483 4.08 -15.69 -28.42
C SER A 483 5.17 -15.31 -29.42
N PRO A 484 5.37 -16.10 -30.48
CA PRO A 484 6.40 -15.89 -31.49
C PRO A 484 6.18 -14.56 -32.17
N CYS A 485 4.94 -14.10 -32.16
CA CYS A 485 4.56 -12.84 -32.76
C CYS A 485 5.41 -11.71 -32.20
N TYR A 486 5.82 -11.86 -30.95
CA TYR A 486 6.54 -10.81 -30.25
C TYR A 486 7.87 -10.51 -30.91
N LEU A 487 8.43 -11.48 -31.63
CA LEU A 487 9.71 -11.27 -32.29
C LEU A 487 9.57 -11.27 -33.80
N SER A 488 8.34 -11.08 -34.28
CA SER A 488 8.05 -11.12 -35.70
C SER A 488 8.53 -9.87 -36.44
N LEU A 489 8.55 -9.95 -37.76
CA LEU A 489 8.90 -8.84 -38.60
C LEU A 489 7.68 -8.25 -39.27
N ARG A 490 6.54 -8.43 -38.64
CA ARG A 490 5.30 -7.82 -39.10
C ARG A 490 5.09 -6.50 -38.38
N PHE A 491 4.93 -5.42 -39.13
CA PHE A 491 4.85 -4.09 -38.54
C PHE A 491 3.55 -3.37 -38.83
N ASP A 492 2.69 -3.97 -39.65
CA ASP A 492 1.46 -3.31 -40.06
C ASP A 492 0.29 -3.56 -39.10
N LEU A 493 0.56 -4.13 -37.94
CA LEU A 493 -0.50 -4.39 -36.97
C LEU A 493 -0.85 -3.15 -36.16
N THR A 494 -2.13 -2.89 -36.02
CA THR A 494 -2.63 -1.81 -35.21
C THR A 494 -3.82 -2.25 -34.39
N ARG A 495 -4.37 -1.32 -33.62
CA ARG A 495 -5.48 -1.64 -32.73
C ARG A 495 -6.67 -2.20 -33.47
N ASP A 496 -7.08 -1.53 -34.53
CA ASP A 496 -8.28 -1.93 -35.27
C ASP A 496 -8.14 -3.35 -35.80
N LYS A 497 -6.95 -3.67 -36.28
CA LYS A 497 -6.72 -4.98 -36.87
C LYS A 497 -6.71 -6.06 -35.81
N LEU A 498 -6.04 -5.78 -34.70
CA LEU A 498 -5.95 -6.76 -33.65
C LEU A 498 -7.33 -7.03 -33.07
N LEU A 499 -8.14 -5.98 -32.94
CA LEU A 499 -9.49 -6.16 -32.48
C LEU A 499 -10.30 -7.02 -33.44
N SER A 500 -10.13 -6.80 -34.75
CA SER A 500 -10.88 -7.59 -35.72
C SER A 500 -10.53 -9.07 -35.61
N MET A 501 -9.29 -9.36 -35.18
CA MET A 501 -8.81 -10.73 -35.01
C MET A 501 -9.03 -11.24 -33.59
N ALA A 502 -9.65 -10.42 -32.75
CA ALA A 502 -9.87 -10.76 -31.36
C ALA A 502 -10.81 -11.95 -31.23
N PRO A 503 -10.74 -12.70 -30.12
CA PRO A 503 -11.65 -13.76 -29.75
C PRO A 503 -13.06 -13.21 -29.70
N GLN A 504 -14.02 -14.02 -30.09
CA GLN A 504 -15.42 -13.58 -30.10
C GLN A 504 -16.26 -14.45 -29.22
N GLU A 505 -16.06 -14.33 -27.91
CA GLU A 505 -16.77 -15.16 -26.96
C GLU A 505 -17.45 -14.30 -25.90
N ALA A 506 -18.62 -14.74 -25.46
CA ALA A 506 -19.40 -14.00 -24.48
C ALA A 506 -18.86 -14.23 -23.07
N THR A 507 -17.85 -15.07 -22.98
CA THR A 507 -17.25 -15.40 -21.71
C THR A 507 -16.09 -14.47 -21.40
N LEU A 508 -15.79 -13.56 -22.32
CA LEU A 508 -14.70 -12.63 -22.11
C LEU A 508 -15.18 -11.23 -21.81
N ASP A 509 -14.40 -10.53 -21.00
CA ASP A 509 -14.63 -9.12 -20.73
C ASP A 509 -14.09 -8.29 -21.88
N GLN A 510 -15.01 -7.68 -22.62
CA GLN A 510 -14.64 -6.99 -23.84
C GLN A 510 -13.71 -5.82 -23.58
N ALA A 511 -13.84 -5.21 -22.41
CA ALA A 511 -12.96 -4.10 -22.06
C ALA A 511 -11.57 -4.64 -21.81
N ALA A 512 -11.51 -5.76 -21.10
CA ALA A 512 -10.23 -6.40 -20.81
C ALA A 512 -9.53 -6.80 -22.09
N VAL A 513 -10.31 -7.24 -23.08
CA VAL A 513 -9.73 -7.64 -24.35
C VAL A 513 -9.11 -6.43 -25.05
N SER A 514 -9.85 -5.32 -25.10
CA SER A 514 -9.30 -4.14 -25.74
C SER A 514 -8.03 -3.69 -25.04
N TYR A 515 -7.99 -3.91 -23.72
CA TYR A 515 -6.82 -3.56 -22.94
C TYR A 515 -5.68 -4.48 -23.32
N ALA A 516 -5.98 -5.77 -23.50
CA ALA A 516 -5.00 -6.76 -23.93
C ALA A 516 -4.39 -6.35 -25.25
N VAL A 517 -5.20 -5.77 -26.13
CA VAL A 517 -4.72 -5.29 -27.41
C VAL A 517 -3.69 -4.19 -27.22
N ASP A 518 -4.01 -3.22 -26.35
CA ASP A 518 -3.05 -2.17 -26.07
C ASP A 518 -1.75 -2.74 -25.52
N GLY A 519 -1.87 -3.75 -24.67
CA GLY A 519 -0.70 -4.44 -24.14
C GLY A 519 0.12 -5.03 -25.28
N PHE A 520 -0.56 -5.77 -26.15
CA PHE A 520 0.06 -6.41 -27.31
C PHE A 520 0.79 -5.39 -28.18
N LEU A 521 0.11 -4.28 -28.47
CA LEU A 521 0.71 -3.25 -29.30
C LEU A 521 1.94 -2.69 -28.63
N GLY A 522 1.87 -2.50 -27.32
CA GLY A 522 3.00 -2.02 -26.55
C GLY A 522 4.18 -2.95 -26.74
N ARG A 523 3.96 -4.24 -26.58
CA ARG A 523 5.01 -5.23 -26.72
C ARG A 523 5.74 -5.09 -28.04
N LEU A 524 5.01 -4.77 -29.10
CA LEU A 524 5.59 -4.67 -30.41
C LEU A 524 6.09 -3.27 -30.76
N SER A 525 5.96 -2.33 -29.84
CA SER A 525 6.32 -0.96 -30.11
C SER A 525 7.72 -0.85 -30.69
N LEU A 526 7.86 0.00 -31.70
CA LEU A 526 9.15 0.21 -32.35
C LEU A 526 10.13 0.88 -31.40
N GLU A 527 9.63 1.41 -30.30
CA GLU A 527 10.47 2.09 -29.33
C GLU A 527 11.04 1.11 -28.31
N ARG A 528 10.68 -0.16 -28.44
CA ARG A 528 11.15 -1.19 -27.53
C ARG A 528 12.47 -1.75 -28.04
N GLU A 529 13.40 -1.98 -27.12
CA GLU A 529 14.76 -2.39 -27.49
C GLU A 529 14.83 -3.59 -28.43
N ASP A 530 14.04 -4.62 -28.18
CA ASP A 530 14.20 -5.82 -28.99
C ASP A 530 13.40 -5.76 -30.29
N ARG A 531 12.87 -4.57 -30.60
CA ARG A 531 12.18 -4.37 -31.86
C ARG A 531 13.03 -3.53 -32.81
N ASP A 532 14.23 -3.15 -32.36
CA ASP A 532 15.13 -2.33 -33.18
C ASP A 532 15.56 -3.03 -34.46
N ALA A 533 15.77 -4.35 -34.40
CA ALA A 533 16.15 -5.14 -35.56
C ALA A 533 17.38 -4.60 -36.30
N TRP A 534 18.39 -4.14 -35.57
CA TRP A 534 19.59 -3.62 -36.21
C TRP A 534 20.57 -4.72 -36.58
N HIS A 535 20.18 -5.96 -36.39
CA HIS A 535 21.00 -7.09 -36.76
C HIS A 535 20.91 -7.34 -38.25
N LEU A 536 19.94 -6.71 -38.90
CA LEU A 536 19.68 -6.91 -40.30
C LEU A 536 20.29 -5.78 -41.17
N PRO A 537 21.38 -6.04 -41.92
CA PRO A 537 22.05 -5.06 -42.75
C PRO A 537 21.08 -4.30 -43.63
N ALA A 538 20.11 -5.03 -44.21
CA ALA A 538 19.09 -4.49 -45.08
C ALA A 538 18.34 -3.35 -44.43
N TYR A 539 18.27 -3.35 -43.11
CA TYR A 539 17.55 -2.34 -42.32
C TYR A 539 17.96 -0.95 -42.81
N LYS A 540 19.24 -0.79 -43.14
CA LYS A 540 19.79 0.49 -43.54
C LYS A 540 19.10 1.08 -44.75
N CYS A 541 18.40 0.24 -45.51
CA CYS A 541 17.72 0.63 -46.72
C CYS A 541 16.42 1.36 -46.39
N VAL A 542 16.01 1.30 -45.14
CA VAL A 542 14.77 1.88 -44.68
C VAL A 542 14.92 3.35 -44.37
N ASP A 543 14.20 4.18 -45.11
CA ASP A 543 14.25 5.61 -44.91
C ASP A 543 13.17 6.04 -43.93
N ARG A 544 12.05 5.32 -43.93
CA ARG A 544 10.94 5.64 -43.04
C ARG A 544 10.43 4.39 -42.35
N LEU A 545 10.89 4.15 -41.13
CA LEU A 545 10.54 2.95 -40.41
C LEU A 545 9.05 2.86 -40.16
N ASP A 546 8.43 4.01 -39.93
CA ASP A 546 7.02 4.10 -39.62
C ASP A 546 6.12 3.70 -40.78
N LYS A 547 6.69 3.58 -41.97
CA LYS A 547 5.93 3.22 -43.14
C LYS A 547 6.17 1.77 -43.53
N VAL A 548 6.95 1.05 -42.73
CA VAL A 548 7.26 -0.35 -43.02
C VAL A 548 6.13 -1.25 -42.57
N LEU A 549 5.72 -2.15 -43.44
CA LEU A 549 4.63 -3.06 -43.15
C LEU A 549 5.14 -4.43 -42.74
N MET A 550 6.18 -4.90 -43.42
CA MET A 550 6.75 -6.23 -43.14
C MET A 550 8.13 -6.42 -43.75
N ILE A 551 8.98 -7.18 -43.07
CA ILE A 551 10.30 -7.53 -43.60
C ILE A 551 10.45 -9.04 -43.76
N ILE A 552 10.89 -9.46 -44.95
CA ILE A 552 11.12 -10.88 -45.24
C ILE A 552 12.56 -11.14 -45.75
N PRO A 553 13.47 -11.61 -44.88
CA PRO A 553 14.87 -11.88 -45.13
C PRO A 553 15.10 -13.25 -45.76
N LEU A 554 15.25 -13.30 -47.07
CA LEU A 554 15.46 -14.57 -47.77
C LEU A 554 16.90 -14.73 -48.22
N ILE A 555 17.22 -15.91 -48.74
CA ILE A 555 18.56 -16.19 -49.18
C ILE A 555 18.94 -15.28 -50.33
N ASN A 556 20.05 -14.57 -50.18
CA ASN A 556 20.59 -13.64 -51.14
C ASN A 556 19.67 -12.44 -51.41
N VAL A 557 18.59 -12.30 -50.64
CA VAL A 557 17.72 -11.15 -50.82
C VAL A 557 16.77 -10.91 -49.67
N THR A 558 16.66 -9.67 -49.26
CA THR A 558 15.66 -9.29 -48.28
C THR A 558 14.59 -8.46 -48.96
N PHE A 559 13.34 -8.84 -48.75
CA PHE A 559 12.24 -8.09 -49.31
C PHE A 559 11.60 -7.19 -48.27
N ILE A 560 11.42 -5.94 -48.65
CA ILE A 560 10.79 -4.97 -47.77
C ILE A 560 9.41 -4.64 -48.29
N ILE A 561 8.42 -4.75 -47.42
CA ILE A 561 7.07 -4.38 -47.75
C ILE A 561 6.72 -3.12 -46.98
N SER A 562 6.33 -2.09 -47.69
CA SER A 562 6.08 -0.80 -47.06
C SER A 562 5.02 0.00 -47.79
N SER A 563 4.63 1.14 -47.22
CA SER A 563 3.68 2.04 -47.87
C SER A 563 4.40 3.25 -48.45
N ASP A 564 5.72 3.29 -48.27
CA ASP A 564 6.55 4.40 -48.74
C ASP A 564 7.16 4.12 -50.09
N ARG A 565 6.96 5.01 -51.04
CA ARG A 565 7.52 4.91 -52.37
C ARG A 565 9.06 4.86 -52.32
N GLU A 566 9.65 5.57 -51.37
CA GLU A 566 11.11 5.66 -51.27
C GLU A 566 11.73 4.60 -50.38
N VAL A 567 12.64 3.83 -50.95
CA VAL A 567 13.42 2.81 -50.27
C VAL A 567 14.67 2.51 -51.09
N ARG A 568 15.80 2.28 -50.45
CA ARG A 568 17.04 2.05 -51.18
C ARG A 568 17.17 0.63 -51.71
N GLY A 569 16.18 0.19 -52.48
CA GLY A 569 16.19 -1.17 -53.00
C GLY A 569 16.72 -1.25 -54.42
N SER A 570 16.69 -2.45 -54.99
CA SER A 570 17.17 -2.70 -56.35
C SER A 570 16.05 -2.67 -57.38
N ALA A 571 14.81 -2.72 -56.90
CA ALA A 571 13.63 -2.79 -57.76
C ALA A 571 12.42 -2.33 -56.99
N LEU A 572 11.33 -2.02 -57.68
CA LEU A 572 10.12 -1.65 -56.97
C LEU A 572 8.88 -2.15 -57.67
N TYR A 573 8.02 -2.83 -56.91
CA TYR A 573 6.74 -3.33 -57.39
C TYR A 573 5.59 -2.78 -56.57
N GLU A 574 4.43 -2.63 -57.20
CA GLU A 574 3.23 -2.20 -56.49
C GLU A 574 2.12 -3.22 -56.65
N ALA A 575 1.56 -3.68 -55.53
CA ALA A 575 0.48 -4.66 -55.55
C ALA A 575 -0.85 -3.98 -55.82
N SER A 576 -1.77 -4.71 -56.44
CA SER A 576 -3.11 -4.19 -56.66
C SER A 576 -3.85 -4.02 -55.34
N THR A 577 -4.58 -2.92 -55.21
CA THR A 577 -5.43 -2.69 -54.06
C THR A 577 -6.58 -1.76 -54.42
N THR A 578 -7.38 -1.40 -53.44
CA THR A 578 -8.52 -0.52 -53.71
C THR A 578 -8.09 0.93 -53.72
N TYR A 579 -8.95 1.79 -54.25
CA TYR A 579 -8.68 3.21 -54.36
C TYR A 579 -8.26 3.84 -53.03
N LEU A 580 -8.99 3.55 -51.97
CA LEU A 580 -8.74 4.21 -50.68
C LEU A 580 -7.74 3.46 -49.81
N SER A 581 -7.16 2.38 -50.33
CA SER A 581 -6.23 1.60 -49.55
C SER A 581 -4.86 2.21 -49.52
N SER A 582 -4.09 1.87 -48.50
CA SER A 582 -2.71 2.28 -48.41
C SER A 582 -1.90 1.64 -49.52
N SER A 583 -0.92 2.37 -50.05
CA SER A 583 -0.07 1.84 -51.10
C SER A 583 0.70 0.61 -50.60
N LEU A 584 0.88 -0.37 -51.48
CA LEU A 584 1.59 -1.59 -51.14
C LEU A 584 2.85 -1.76 -51.96
N PHE A 585 3.97 -1.22 -51.45
CA PHE A 585 5.23 -1.26 -52.17
C PHE A 585 6.07 -2.45 -51.75
N LEU A 586 6.64 -3.12 -52.74
CA LEU A 586 7.54 -4.24 -52.50
C LEU A 586 8.89 -4.01 -53.15
N SER A 587 9.95 -4.16 -52.38
CA SER A 587 11.28 -3.96 -52.95
C SER A 587 12.33 -4.92 -52.35
N PRO A 588 13.05 -5.69 -53.19
CA PRO A 588 14.14 -6.57 -52.82
C PRO A 588 15.44 -5.80 -52.62
N VAL A 589 16.25 -6.26 -51.67
CA VAL A 589 17.60 -5.76 -51.50
C VAL A 589 18.59 -6.87 -51.81
N ILE A 590 19.35 -6.71 -52.89
CA ILE A 590 20.23 -7.76 -53.36
C ILE A 590 21.41 -7.96 -52.44
N MET A 591 21.55 -9.18 -51.94
CA MET A 591 22.61 -9.53 -51.00
C MET A 591 22.66 -8.57 -49.82
N ASN A 592 21.51 -7.99 -49.49
CA ASN A 592 21.36 -7.05 -48.39
C ASN A 592 22.22 -5.81 -48.57
N LYS A 593 22.56 -5.49 -49.82
CA LYS A 593 23.30 -4.27 -50.13
C LYS A 593 22.33 -3.19 -50.59
N CYS A 594 22.35 -2.06 -49.90
CA CYS A 594 21.45 -0.96 -50.22
C CYS A 594 21.94 -0.18 -51.43
N SER A 595 21.00 0.25 -52.27
CA SER A 595 21.31 1.05 -53.44
C SER A 595 21.41 2.52 -53.06
N GLN A 596 21.67 3.36 -54.07
CA GLN A 596 21.80 4.79 -53.87
C GLN A 596 20.47 5.47 -53.58
N GLY A 597 19.36 4.76 -53.80
CA GLY A 597 18.04 5.34 -53.60
C GLY A 597 16.98 4.57 -54.38
N ALA A 598 15.73 4.98 -54.25
CA ALA A 598 14.63 4.31 -54.93
C ALA A 598 14.82 4.38 -56.43
N VAL A 599 14.35 3.35 -57.12
CA VAL A 599 14.43 3.32 -58.57
C VAL A 599 13.48 4.36 -59.14
N ALA A 600 14.01 5.21 -60.00
CA ALA A 600 13.21 6.27 -60.61
C ALA A 600 12.11 5.69 -61.48
N GLY A 601 10.96 6.37 -61.51
CA GLY A 601 9.85 5.95 -62.35
C GLY A 601 8.80 5.21 -61.55
N GLU A 602 7.79 4.71 -62.24
CA GLU A 602 6.68 4.04 -61.59
C GLU A 602 7.05 2.61 -61.23
N PRO A 603 6.40 2.02 -60.22
CA PRO A 603 6.56 0.65 -59.77
C PRO A 603 6.12 -0.33 -60.83
N ARG A 604 6.74 -1.49 -60.83
CA ARG A 604 6.45 -2.56 -61.75
C ARG A 604 5.21 -3.34 -61.33
N GLN A 605 4.65 -4.07 -62.28
CA GLN A 605 3.53 -4.95 -62.03
C GLN A 605 4.02 -6.37 -61.92
N ILE A 606 3.22 -7.24 -61.32
CA ILE A 606 3.61 -8.61 -61.10
C ILE A 606 2.89 -9.55 -62.09
N PRO A 607 3.64 -10.32 -62.91
CA PRO A 607 3.16 -11.33 -63.83
C PRO A 607 2.37 -12.40 -63.10
N LYS A 608 1.36 -12.96 -63.74
CA LYS A 608 0.52 -13.95 -63.10
C LYS A 608 0.74 -15.36 -63.66
N ILE A 609 0.61 -16.36 -62.81
CA ILE A 609 0.75 -17.75 -63.22
C ILE A 609 -0.55 -18.52 -63.13
N GLN A 610 -1.03 -18.99 -64.26
CA GLN A 610 -2.25 -19.82 -64.28
C GLN A 610 -1.91 -21.25 -64.66
N ASN A 611 -0.89 -21.43 -65.48
CA ASN A 611 -0.53 -22.75 -65.98
C ASN A 611 0.30 -23.51 -64.96
N PHE A 612 -0.33 -23.90 -63.86
CA PHE A 612 0.36 -24.57 -62.78
C PHE A 612 -0.58 -25.56 -62.09
N THR A 613 -0.06 -26.75 -61.76
CA THR A 613 -0.88 -27.77 -61.12
C THR A 613 -0.70 -27.79 -59.61
N ARG A 614 -1.75 -28.19 -58.89
CA ARG A 614 -1.64 -28.35 -57.44
C ARG A 614 -0.68 -29.49 -57.10
N THR A 615 -0.69 -30.53 -57.92
CA THR A 615 0.20 -31.66 -57.71
C THR A 615 1.57 -31.36 -58.28
N GLN A 616 2.60 -31.60 -57.47
CA GLN A 616 3.97 -31.36 -57.92
C GLN A 616 4.86 -32.56 -57.61
N LYS A 617 5.84 -32.78 -58.49
CA LYS A 617 6.78 -33.89 -58.34
C LYS A 617 7.63 -33.78 -57.07
N SER A 618 8.16 -32.59 -56.82
CA SER A 618 9.03 -32.37 -55.67
C SER A 618 8.94 -30.95 -55.17
N CYS A 619 9.85 -30.57 -54.27
CA CYS A 619 9.80 -29.24 -53.72
C CYS A 619 10.55 -28.26 -54.60
N ILE A 620 9.83 -27.30 -55.13
CA ILE A 620 10.39 -26.33 -56.05
C ILE A 620 10.32 -24.95 -55.47
N PHE A 621 9.60 -24.82 -54.36
CA PHE A 621 9.49 -23.53 -53.71
C PHE A 621 10.30 -23.47 -52.43
N CYS A 622 11.11 -24.48 -52.18
CA CYS A 622 11.88 -24.48 -50.94
C CYS A 622 12.82 -23.28 -50.93
N GLY A 623 12.76 -22.52 -49.84
CA GLY A 623 13.57 -21.33 -49.68
C GLY A 623 12.82 -20.09 -50.14
N PHE A 624 11.63 -20.27 -50.69
CA PHE A 624 10.81 -19.16 -51.16
C PHE A 624 9.75 -18.80 -50.13
N ALA A 625 9.27 -17.56 -50.21
CA ALA A 625 8.23 -17.11 -49.29
C ALA A 625 6.91 -16.96 -50.01
N LEU A 626 5.84 -17.26 -49.30
CA LEU A 626 4.50 -17.14 -49.83
C LEU A 626 3.62 -16.32 -48.91
N LEU A 627 2.99 -15.30 -49.47
CA LEU A 627 2.16 -14.41 -48.68
C LEU A 627 0.86 -14.10 -49.39
N SER A 628 -0.12 -13.67 -48.63
CA SER A 628 -1.37 -13.25 -49.24
C SER A 628 -1.89 -12.01 -48.54
N TYR A 629 -2.69 -11.25 -49.27
CA TYR A 629 -3.24 -10.02 -48.73
C TYR A 629 -4.64 -9.77 -49.26
N ASP A 630 -5.38 -9.01 -48.48
CA ASP A 630 -6.70 -8.55 -48.85
C ASP A 630 -6.62 -7.17 -49.50
N GLU A 631 -7.36 -6.96 -50.57
CA GLU A 631 -7.32 -5.68 -51.27
C GLU A 631 -7.69 -4.49 -50.38
N LYS A 632 -8.47 -4.73 -49.33
CA LYS A 632 -8.90 -3.66 -48.44
C LYS A 632 -8.11 -3.64 -47.14
N GLU A 633 -7.86 -4.81 -46.57
CA GLU A 633 -7.22 -4.90 -45.26
C GLU A 633 -5.69 -4.98 -45.31
N GLY A 634 -5.14 -5.43 -46.43
CA GLY A 634 -3.69 -5.59 -46.53
C GLY A 634 -3.25 -6.98 -46.13
N LEU A 635 -2.02 -7.09 -45.66
CA LEU A 635 -1.41 -8.39 -45.41
C LEU A 635 -2.29 -9.24 -44.50
N GLU A 636 -2.50 -10.49 -44.90
CA GLU A 636 -3.33 -11.40 -44.11
C GLU A 636 -2.51 -12.56 -43.57
N THR A 637 -1.74 -13.22 -44.45
CA THR A 637 -0.95 -14.37 -44.02
C THR A 637 0.46 -14.32 -44.55
N THR A 638 1.34 -15.04 -43.87
CA THR A 638 2.70 -15.27 -44.30
C THR A 638 3.09 -16.72 -44.06
N THR A 639 3.69 -17.34 -45.05
CA THR A 639 4.26 -18.66 -44.88
C THR A 639 5.65 -18.71 -45.50
N TYR A 640 6.39 -19.76 -45.20
CA TYR A 640 7.73 -19.94 -45.75
C TYR A 640 7.96 -21.40 -46.03
N ILE A 641 8.43 -21.72 -47.23
CA ILE A 641 8.60 -23.11 -47.59
C ILE A 641 9.96 -23.63 -47.17
N THR A 642 9.96 -24.55 -46.23
CA THR A 642 11.20 -25.07 -45.69
C THR A 642 11.47 -26.52 -46.09
N SER A 643 10.43 -27.23 -46.49
CA SER A 643 10.57 -28.63 -46.87
C SER A 643 9.44 -29.09 -47.76
N GLN A 644 9.56 -30.32 -48.27
CA GLN A 644 8.56 -30.92 -49.16
C GLN A 644 7.21 -31.02 -48.47
N GLU A 645 7.24 -31.37 -47.19
CA GLU A 645 6.03 -31.56 -46.42
C GLU A 645 5.25 -30.28 -46.31
N VAL A 646 5.97 -29.17 -46.20
CA VAL A 646 5.35 -27.87 -46.09
C VAL A 646 4.68 -27.52 -47.41
N GLN A 647 5.43 -27.71 -48.50
CA GLN A 647 4.88 -27.41 -49.82
C GLN A 647 3.66 -28.27 -50.09
N ASN A 648 3.73 -29.55 -49.71
CA ASN A 648 2.62 -30.47 -49.93
C ASN A 648 1.40 -30.02 -49.17
N SER A 649 1.62 -29.64 -47.91
CA SER A 649 0.53 -29.26 -47.05
C SER A 649 -0.21 -28.06 -47.61
N ILE A 650 0.54 -27.08 -48.08
CA ILE A 650 -0.07 -25.89 -48.62
C ILE A 650 -0.80 -26.16 -49.93
N LEU A 651 -0.16 -26.86 -50.86
CA LEU A 651 -0.79 -27.13 -52.16
C LEU A 651 -2.05 -27.98 -52.01
N SER A 652 -2.02 -28.93 -51.08
CA SER A 652 -3.15 -29.80 -50.82
C SER A 652 -4.28 -29.09 -50.06
N SER A 653 -3.95 -28.01 -49.35
CA SER A 653 -4.93 -27.24 -48.59
C SER A 653 -5.77 -26.36 -49.50
N ASN A 654 -6.79 -25.73 -48.91
CA ASN A 654 -7.63 -24.79 -49.63
C ASN A 654 -7.18 -23.35 -49.38
N TYR A 655 -5.92 -23.18 -49.01
CA TYR A 655 -5.32 -21.88 -48.81
C TYR A 655 -5.55 -20.98 -50.01
N PHE A 656 -5.33 -21.52 -51.19
CA PHE A 656 -5.49 -20.75 -52.41
C PHE A 656 -6.95 -20.59 -52.80
N ASP A 657 -7.62 -19.68 -52.13
CA ASP A 657 -9.03 -19.45 -52.38
C ASP A 657 -9.21 -18.57 -53.60
N PHE A 658 -9.33 -19.21 -54.75
CA PHE A 658 -9.44 -18.46 -56.00
C PHE A 658 -10.86 -18.02 -56.25
N ASP A 659 -11.74 -18.29 -55.28
CA ASP A 659 -13.12 -17.84 -55.38
C ASP A 659 -13.28 -16.52 -54.64
N ASN A 660 -12.19 -16.07 -54.01
CA ASN A 660 -12.19 -14.82 -53.29
C ASN A 660 -11.43 -13.79 -54.08
N LEU A 661 -12.16 -12.87 -54.70
CA LEU A 661 -11.55 -11.93 -55.64
C LEU A 661 -10.91 -10.75 -54.94
N HIS A 662 -10.96 -10.76 -53.61
CA HIS A 662 -10.36 -9.69 -52.83
C HIS A 662 -9.02 -10.14 -52.24
N VAL A 663 -8.65 -11.39 -52.49
CA VAL A 663 -7.43 -11.93 -51.92
C VAL A 663 -6.46 -12.38 -52.99
N HIS A 664 -5.23 -11.93 -52.86
CA HIS A 664 -4.22 -12.28 -53.84
C HIS A 664 -3.05 -12.99 -53.21
N TYR A 665 -2.41 -13.85 -53.99
CA TYR A 665 -1.32 -14.67 -53.50
C TYR A 665 -0.03 -14.38 -54.27
N LEU A 666 1.01 -13.99 -53.52
CA LEU A 666 2.29 -13.68 -54.12
C LEU A 666 3.39 -14.57 -53.58
N LEU A 667 4.34 -14.92 -54.45
CA LEU A 667 5.49 -15.67 -54.03
C LEU A 667 6.78 -14.91 -54.31
N LEU A 668 7.68 -14.95 -53.34
CA LEU A 668 8.97 -14.27 -53.45
C LEU A 668 10.09 -15.29 -53.59
N THR A 669 10.89 -15.16 -54.65
CA THR A 669 11.97 -16.11 -54.88
C THR A 669 13.30 -15.56 -54.42
N THR A 670 14.30 -16.43 -54.40
CA THR A 670 15.64 -16.05 -54.01
C THR A 670 16.36 -15.37 -55.16
N ASN A 671 15.68 -15.25 -56.30
CA ASN A 671 16.25 -14.57 -57.45
C ASN A 671 15.88 -13.09 -57.42
N GLY A 672 15.23 -12.66 -56.36
CA GLY A 672 14.85 -11.26 -56.19
C GLY A 672 13.64 -10.89 -57.03
N THR A 673 12.82 -11.88 -57.37
CA THR A 673 11.65 -11.63 -58.18
C THR A 673 10.38 -12.07 -57.47
N VAL A 674 9.26 -11.56 -57.94
CA VAL A 674 7.95 -11.90 -57.39
C VAL A 674 6.98 -12.31 -58.47
N MET A 675 6.19 -13.35 -58.17
CA MET A 675 5.17 -13.82 -59.09
C MET A 675 3.81 -13.92 -58.41
N GLU A 676 2.76 -13.67 -59.16
CA GLU A 676 1.40 -13.78 -58.65
C GLU A 676 0.72 -15.04 -59.15
N ILE A 677 -0.07 -15.67 -58.30
CA ILE A 677 -0.77 -16.88 -58.68
C ILE A 677 -2.17 -16.58 -59.17
N ALA A 678 -2.46 -16.98 -60.40
CA ALA A 678 -3.76 -16.75 -61.01
C ALA A 678 -4.70 -17.91 -60.73
N GLY A 679 -4.14 -19.11 -60.69
CA GLY A 679 -4.92 -20.31 -60.47
C GLY A 679 -4.05 -21.53 -60.34
N LEU A 680 -4.68 -22.66 -60.01
CA LEU A 680 -3.99 -23.94 -59.85
C LEU A 680 -4.90 -25.05 -60.34
N TYR A 681 -4.37 -25.97 -61.13
CA TYR A 681 -5.19 -27.08 -61.63
C TYR A 681 -5.42 -28.11 -60.53
N PRO B 29 18.35 -13.71 46.77
CA PRO B 29 17.33 -12.75 47.14
C PRO B 29 16.89 -11.94 45.93
N CYS B 30 15.70 -11.37 46.01
CA CYS B 30 15.19 -10.52 44.94
C CYS B 30 15.80 -9.14 45.01
N CYS B 31 16.02 -8.52 43.86
CA CYS B 31 16.70 -7.23 43.80
C CYS B 31 16.13 -6.36 42.70
N HIS B 32 16.62 -5.11 42.63
CA HIS B 32 16.16 -4.15 41.64
C HIS B 32 17.28 -3.77 40.68
N VAL B 33 17.04 -3.96 39.39
CA VAL B 33 18.04 -3.66 38.38
C VAL B 33 18.01 -2.18 38.03
N THR B 34 19.16 -1.53 38.12
CA THR B 34 19.27 -0.12 37.83
C THR B 34 20.72 0.34 37.78
N LEU B 42 30.65 -3.64 32.95
CA LEU B 42 30.92 -4.98 33.46
C LEU B 42 31.22 -5.96 32.35
N ALA B 43 32.50 -6.30 32.21
CA ALA B 43 32.96 -7.24 31.20
C ALA B 43 32.38 -8.63 31.44
N LEU B 44 32.10 -9.35 30.37
CA LEU B 44 31.60 -10.72 30.50
C LEU B 44 32.55 -11.58 31.33
N GLU B 45 33.84 -11.41 31.07
CA GLU B 45 34.88 -12.18 31.73
C GLU B 45 34.96 -11.91 33.24
N ASN B 46 34.29 -10.87 33.72
CA ASN B 46 34.37 -10.51 35.13
C ASN B 46 33.33 -11.28 35.96
N ILE B 47 32.54 -12.11 35.30
CA ILE B 47 31.56 -12.92 35.99
C ILE B 47 32.05 -14.33 36.16
N SER B 48 32.01 -14.84 37.39
CA SER B 48 32.45 -16.19 37.67
C SER B 48 31.26 -17.12 37.82
N ASP B 49 30.17 -16.58 38.36
CA ASP B 49 28.97 -17.35 38.60
C ASP B 49 27.72 -16.57 38.23
N ILE B 50 26.69 -17.29 37.82
CA ILE B 50 25.37 -16.73 37.53
C ILE B 50 24.26 -17.50 38.23
N TYR B 51 23.37 -16.81 38.93
CA TYR B 51 22.24 -17.48 39.60
C TYR B 51 20.88 -17.04 39.05
N LEU B 52 20.10 -18.00 38.58
CA LEU B 52 18.78 -17.76 38.05
C LEU B 52 17.70 -18.33 38.95
N VAL B 53 16.53 -17.75 38.93
CA VAL B 53 15.43 -18.22 39.73
C VAL B 53 14.15 -18.47 38.97
N SER B 54 13.17 -19.06 39.63
CA SER B 54 11.87 -19.28 39.02
C SER B 54 11.02 -18.04 39.07
N ASN B 55 9.87 -18.09 38.40
CA ASN B 55 8.91 -17.00 38.42
C ASN B 55 8.28 -16.82 39.81
N GLN B 56 8.17 -17.92 40.52
CA GLN B 56 7.56 -17.88 41.85
C GLN B 56 8.42 -17.12 42.86
N THR B 57 9.73 -17.25 42.75
CA THR B 57 10.65 -16.66 43.72
C THR B 57 10.41 -15.16 43.91
N CYS B 58 10.41 -14.43 42.79
CA CYS B 58 10.25 -12.98 42.86
C CYS B 58 8.95 -12.49 42.24
N ASP B 59 7.87 -13.25 42.41
CA ASP B 59 6.54 -12.81 41.96
C ASP B 59 6.52 -12.39 40.49
N GLY B 60 7.12 -13.19 39.61
CA GLY B 60 7.10 -12.96 38.18
C GLY B 60 8.26 -12.11 37.67
N PHE B 61 9.01 -11.49 38.56
CA PHE B 61 10.14 -10.68 38.13
C PHE B 61 11.35 -11.56 37.89
N SER B 62 11.68 -11.78 36.63
CA SER B 62 12.80 -12.65 36.32
C SER B 62 14.11 -11.90 36.49
N LEU B 63 14.83 -12.27 37.52
CA LEU B 63 16.07 -11.59 37.86
C LEU B 63 17.23 -12.55 37.85
N ALA B 64 18.41 -12.03 37.57
CA ALA B 64 19.62 -12.84 37.64
C ALA B 64 20.61 -12.21 38.59
N SER B 65 21.39 -13.04 39.24
CA SER B 65 22.45 -12.54 40.10
C SER B 65 23.81 -12.93 39.56
N LEU B 66 24.62 -11.93 39.29
CA LEU B 66 25.96 -12.17 38.76
C LEU B 66 26.97 -11.94 39.87
N ASN B 67 28.11 -12.61 39.82
CA ASN B 67 29.16 -12.29 40.79
C ASN B 67 30.57 -12.59 40.32
N SER B 68 31.50 -11.81 40.85
CA SER B 68 32.94 -11.93 40.64
C SER B 68 33.47 -13.13 41.46
N PRO B 69 34.71 -13.58 41.22
CA PRO B 69 35.40 -14.64 41.96
C PRO B 69 36.13 -14.09 43.19
N GLN B 75 39.58 -15.15 48.92
CA GLN B 75 38.68 -14.89 47.80
C GLN B 75 38.00 -13.55 47.99
N LEU B 76 37.18 -13.14 47.05
CA LEU B 76 36.43 -11.90 47.14
C LEU B 76 35.30 -11.90 46.13
N VAL B 77 34.08 -11.72 46.62
CA VAL B 77 32.92 -11.82 45.73
C VAL B 77 32.02 -10.61 45.75
N ILE B 78 31.90 -9.96 44.61
CA ILE B 78 31.01 -8.82 44.45
C ILE B 78 29.84 -9.20 43.58
N SER B 79 28.64 -9.06 44.11
CA SER B 79 27.45 -9.46 43.36
C SER B 79 26.87 -8.29 42.58
N ARG B 80 26.09 -8.61 41.56
CA ARG B 80 25.39 -7.61 40.77
C ARG B 80 23.97 -8.05 40.45
N CYS B 81 23.03 -7.10 40.47
CA CYS B 81 21.65 -7.38 40.11
C CYS B 81 21.46 -7.16 38.61
N ALA B 82 21.13 -8.22 37.89
CA ALA B 82 21.03 -8.17 36.44
C ALA B 82 19.64 -8.55 35.93
N ASN B 83 19.34 -8.08 34.72
CA ASN B 83 18.07 -8.36 34.07
C ASN B 83 18.01 -9.81 33.62
N GLY B 84 17.22 -10.61 34.34
CA GLY B 84 17.19 -12.04 34.09
C GLY B 84 16.71 -12.36 32.70
N LEU B 85 15.76 -11.59 32.20
CA LEU B 85 15.21 -11.85 30.89
C LEU B 85 16.26 -11.72 29.82
N ASN B 86 17.13 -10.72 29.98
CA ASN B 86 18.18 -10.50 29.02
C ASN B 86 19.27 -11.55 29.16
N VAL B 87 19.58 -11.93 30.39
CA VAL B 87 20.60 -12.95 30.64
C VAL B 87 20.21 -14.27 30.00
N VAL B 88 18.96 -14.64 30.15
CA VAL B 88 18.49 -15.89 29.60
C VAL B 88 18.55 -15.89 28.07
N SER B 89 18.05 -14.81 27.44
CA SER B 89 18.06 -14.75 25.99
C SER B 89 19.50 -14.79 25.44
N PHE B 90 20.41 -14.18 26.19
CA PHE B 90 21.83 -14.16 25.85
C PHE B 90 22.36 -15.58 25.70
N PHE B 91 22.17 -16.38 26.72
CA PHE B 91 22.68 -17.74 26.71
C PHE B 91 21.99 -18.61 25.68
N ILE B 92 20.70 -18.43 25.50
CA ILE B 92 20.00 -19.22 24.51
C ILE B 92 20.59 -18.99 23.14
N SER B 93 20.82 -17.73 22.82
CA SER B 93 21.41 -17.40 21.54
C SER B 93 22.77 -18.04 21.37
N ILE B 94 23.60 -17.99 22.40
CA ILE B 94 24.92 -18.56 22.30
C ILE B 94 24.86 -20.03 21.99
N LEU B 95 24.01 -20.76 22.71
CA LEU B 95 23.91 -22.18 22.49
C LEU B 95 23.43 -22.50 21.08
N LYS B 96 22.47 -21.73 20.56
CA LYS B 96 22.02 -21.97 19.20
C LYS B 96 23.12 -21.66 18.19
N ARG B 97 23.80 -20.54 18.39
CA ARG B 97 24.88 -20.13 17.49
C ARG B 97 25.96 -21.19 17.43
N SER B 98 26.21 -21.84 18.56
CA SER B 98 27.22 -22.86 18.66
C SER B 98 26.64 -24.26 18.68
N SER B 99 25.41 -24.42 18.21
CA SER B 99 24.72 -25.71 18.26
C SER B 99 25.56 -26.86 17.71
N SER B 100 26.30 -26.61 16.64
CA SER B 100 27.08 -27.64 15.99
C SER B 100 28.22 -28.17 16.87
N ALA B 101 28.56 -27.43 17.91
CA ALA B 101 29.67 -27.79 18.78
C ALA B 101 29.21 -28.20 20.18
N LEU B 102 27.90 -28.33 20.39
CA LEU B 102 27.42 -28.63 21.73
C LEU B 102 27.53 -30.09 22.08
N THR B 103 27.59 -30.36 23.36
CA THR B 103 27.59 -31.70 23.90
C THR B 103 26.24 -32.02 24.51
N GLY B 104 26.07 -33.26 24.93
CA GLY B 104 24.78 -33.74 25.43
C GLY B 104 24.12 -32.80 26.45
N HIS B 105 24.82 -32.51 27.54
CA HIS B 105 24.23 -31.72 28.61
C HIS B 105 24.02 -30.26 28.25
N LEU B 106 24.65 -29.79 27.19
CA LEU B 106 24.49 -28.42 26.78
C LEU B 106 23.23 -28.28 25.97
N ARG B 107 22.92 -29.33 25.20
CA ARG B 107 21.68 -29.35 24.46
C ARG B 107 20.52 -29.46 25.46
N GLU B 108 20.73 -30.24 26.51
CA GLU B 108 19.74 -30.36 27.58
C GLU B 108 19.50 -28.99 28.21
N LEU B 109 20.59 -28.27 28.47
CA LEU B 109 20.49 -26.94 29.01
C LEU B 109 19.71 -26.03 28.09
N LEU B 110 20.03 -26.08 26.81
CA LEU B 110 19.32 -25.25 25.86
C LEU B 110 17.83 -25.45 25.99
N THR B 111 17.41 -26.71 26.02
CA THR B 111 16.00 -27.03 26.16
C THR B 111 15.46 -26.44 27.45
N THR B 112 16.20 -26.63 28.53
CA THR B 112 15.80 -26.14 29.84
C THR B 112 15.61 -24.64 29.84
N LEU B 113 16.60 -23.92 29.30
CA LEU B 113 16.52 -22.46 29.29
C LEU B 113 15.37 -21.98 28.47
N GLU B 114 15.17 -22.59 27.30
CA GLU B 114 14.06 -22.22 26.45
C GLU B 114 12.76 -22.47 27.14
N THR B 115 12.67 -23.58 27.86
CA THR B 115 11.47 -23.93 28.59
C THR B 115 11.16 -22.87 29.62
N LEU B 116 12.16 -22.51 30.42
CA LEU B 116 11.97 -21.52 31.45
C LEU B 116 11.60 -20.18 30.84
N TYR B 117 12.29 -19.83 29.78
CA TYR B 117 12.06 -18.60 29.06
C TYR B 117 10.61 -18.51 28.61
N GLY B 118 10.15 -19.57 27.95
CA GLY B 118 8.78 -19.62 27.44
C GLY B 118 7.77 -19.45 28.56
N SER B 119 8.09 -19.99 29.72
CA SER B 119 7.22 -19.93 30.89
C SER B 119 7.22 -18.58 31.61
N PHE B 120 8.08 -17.67 31.21
CA PHE B 120 8.16 -16.38 31.88
C PHE B 120 7.36 -15.32 31.13
N SER B 121 6.31 -14.81 31.77
CA SER B 121 5.43 -13.83 31.16
C SER B 121 6.09 -12.46 31.17
N VAL B 122 5.59 -11.55 30.34
CA VAL B 122 6.09 -10.19 30.34
C VAL B 122 5.00 -9.21 30.69
N GLU B 123 3.84 -9.41 30.08
CA GLU B 123 2.69 -8.53 30.23
C GLU B 123 2.24 -8.38 31.66
N ASP B 124 2.41 -9.43 32.47
CA ASP B 124 1.94 -9.35 33.85
C ASP B 124 2.59 -8.20 34.59
N LEU B 125 3.71 -7.71 34.07
CA LEU B 125 4.46 -6.63 34.67
C LEU B 125 3.76 -5.30 34.55
N PHE B 126 2.71 -5.22 33.73
CA PHE B 126 1.97 -3.98 33.63
C PHE B 126 1.21 -3.70 34.92
N GLY B 127 0.92 -4.78 35.69
CA GLY B 127 0.16 -4.61 36.92
C GLY B 127 1.07 -4.64 38.13
N ALA B 128 2.20 -5.33 38.02
CA ALA B 128 3.15 -5.46 39.12
C ALA B 128 3.81 -4.13 39.48
N ASN B 129 4.29 -4.01 40.71
CA ASN B 129 5.03 -2.82 41.13
C ASN B 129 6.47 -2.94 40.67
N LEU B 130 6.82 -2.19 39.65
CA LEU B 130 8.13 -2.34 39.02
C LEU B 130 9.25 -1.97 39.98
N ASN B 131 8.91 -1.25 41.03
CA ASN B 131 9.87 -0.84 42.04
C ASN B 131 9.73 -1.68 43.31
N ARG B 132 9.03 -2.80 43.20
CA ARG B 132 8.79 -3.69 44.33
C ARG B 132 10.03 -3.98 45.15
N TYR B 133 11.15 -4.21 44.49
CA TYR B 133 12.39 -4.58 45.17
C TYR B 133 13.38 -3.43 45.22
N ALA B 134 12.90 -2.22 44.93
CA ALA B 134 13.77 -1.04 44.93
C ALA B 134 13.98 -0.53 46.34
N THR C 36 9.52 -22.77 -66.63
CA THR C 36 9.84 -24.04 -66.01
C THR C 36 10.27 -23.85 -64.57
N TRP C 37 10.22 -24.93 -63.79
CA TRP C 37 10.63 -24.89 -62.39
C TRP C 37 11.72 -25.89 -62.10
N VAL C 38 12.57 -25.54 -61.14
CA VAL C 38 13.67 -26.40 -60.73
C VAL C 38 13.54 -26.75 -59.24
N PRO C 39 13.65 -28.02 -58.85
CA PRO C 39 13.65 -28.51 -57.49
C PRO C 39 14.70 -27.79 -56.65
N LYS C 40 14.32 -27.48 -55.41
CA LYS C 40 15.19 -26.77 -54.49
C LYS C 40 15.42 -27.59 -53.22
N PRO C 41 16.59 -27.44 -52.58
CA PRO C 41 16.99 -28.09 -51.34
C PRO C 41 16.24 -27.51 -50.15
N ASN C 42 16.13 -28.31 -49.10
CA ASN C 42 15.48 -27.90 -47.87
C ASN C 42 16.21 -26.74 -47.21
N VAL C 43 15.49 -25.99 -46.39
CA VAL C 43 16.08 -24.89 -45.64
C VAL C 43 16.91 -25.41 -44.48
N GLU C 44 18.11 -24.86 -44.33
CA GLU C 44 19.03 -25.28 -43.28
C GLU C 44 19.49 -24.10 -42.44
N VAL C 45 19.95 -24.40 -41.23
CA VAL C 45 20.49 -23.41 -40.32
C VAL C 45 21.97 -23.18 -40.63
N TRP C 46 22.41 -21.92 -40.61
CA TRP C 46 23.78 -21.61 -40.95
C TRP C 46 24.72 -22.16 -39.86
N PRO C 47 25.77 -22.91 -40.24
CA PRO C 47 26.77 -23.50 -39.38
C PRO C 47 27.42 -22.47 -38.48
N VAL C 48 27.73 -22.86 -37.25
CA VAL C 48 28.37 -21.95 -36.30
C VAL C 48 29.65 -22.54 -35.74
N ASP C 49 30.48 -21.68 -35.17
CA ASP C 49 31.73 -22.09 -34.55
C ASP C 49 31.47 -22.99 -33.35
N PRO C 50 32.41 -23.90 -33.02
CA PRO C 50 32.47 -24.68 -31.81
C PRO C 50 32.55 -23.76 -30.60
N PRO C 51 32.05 -24.19 -29.43
CA PRO C 51 32.15 -23.51 -28.16
C PRO C 51 33.61 -23.34 -27.75
N PRO C 52 33.93 -22.28 -27.01
CA PRO C 52 35.18 -22.06 -26.31
C PRO C 52 35.36 -23.16 -25.27
N PRO C 53 36.61 -23.46 -24.89
CA PRO C 53 36.98 -24.39 -23.85
C PRO C 53 36.62 -23.83 -22.49
N VAL C 54 36.47 -24.71 -21.51
CA VAL C 54 36.19 -24.31 -20.14
C VAL C 54 37.47 -24.09 -19.36
N ASN C 55 37.59 -22.90 -18.76
CA ASN C 55 38.77 -22.60 -17.99
C ASN C 55 38.68 -23.23 -16.61
N PHE C 56 39.18 -24.45 -16.51
CA PHE C 56 39.10 -25.19 -15.26
C PHE C 56 40.15 -24.71 -14.28
N ASN C 57 40.98 -23.75 -14.71
CA ASN C 57 42.02 -23.22 -13.85
C ASN C 57 41.59 -21.91 -13.19
N LYS C 58 40.33 -21.54 -13.38
CA LYS C 58 39.82 -20.35 -12.74
C LYS C 58 39.31 -20.71 -11.33
N THR C 59 39.90 -20.11 -10.32
CA THR C 59 39.59 -20.47 -8.94
C THR C 59 38.33 -19.78 -8.44
N ALA C 60 37.79 -20.28 -7.33
CA ALA C 60 36.59 -19.69 -6.74
C ALA C 60 36.83 -18.21 -6.42
N GLU C 61 38.04 -17.90 -6.01
CA GLU C 61 38.40 -16.52 -5.72
C GLU C 61 38.23 -15.63 -6.93
N GLN C 62 38.44 -16.19 -8.12
CA GLN C 62 38.32 -15.43 -9.34
C GLN C 62 36.88 -15.39 -9.78
N GLU C 63 36.16 -16.49 -9.59
CA GLU C 63 34.75 -16.56 -9.93
C GLU C 63 33.96 -15.59 -9.07
N TYR C 64 34.34 -15.50 -7.80
CA TYR C 64 33.66 -14.66 -6.85
C TYR C 64 34.66 -13.83 -6.05
N GLY C 65 35.06 -12.69 -6.57
CA GLY C 65 36.06 -11.89 -5.87
C GLY C 65 35.44 -11.24 -4.63
N ASP C 66 36.28 -10.83 -3.68
CA ASP C 66 35.83 -10.11 -2.49
C ASP C 66 34.74 -10.85 -1.72
N LYS C 67 35.10 -11.99 -1.15
CA LYS C 67 34.13 -12.83 -0.44
C LYS C 67 33.31 -12.04 0.59
N GLU C 68 33.95 -11.11 1.30
CA GLU C 68 33.23 -10.35 2.30
C GLU C 68 32.52 -9.16 1.66
N VAL C 69 31.20 -9.12 1.83
CA VAL C 69 30.38 -8.10 1.19
C VAL C 69 29.47 -7.42 2.20
N LYS C 70 28.87 -6.32 1.77
CA LYS C 70 27.90 -5.62 2.59
C LYS C 70 26.65 -5.34 1.79
N LEU C 71 25.50 -5.31 2.45
CA LEU C 71 24.26 -5.00 1.78
C LEU C 71 24.29 -3.55 1.30
N PRO C 72 23.75 -3.28 0.10
CA PRO C 72 23.68 -2.00 -0.53
C PRO C 72 22.65 -1.11 0.11
N HIS C 73 22.83 0.19 -0.03
CA HIS C 73 21.84 1.15 0.40
C HIS C 73 21.89 2.33 -0.50
N TRP C 74 20.82 3.10 -0.55
CA TRP C 74 20.83 4.29 -1.35
C TRP C 74 20.46 5.49 -0.52
N THR C 75 20.96 6.64 -0.89
CA THR C 75 20.64 7.87 -0.20
C THR C 75 19.74 8.72 -1.09
N PRO C 76 18.48 8.94 -0.71
CA PRO C 76 17.52 9.73 -1.43
C PRO C 76 18.02 11.14 -1.57
N THR C 77 17.71 11.77 -2.69
CA THR C 77 18.07 13.17 -2.87
C THR C 77 16.95 14.04 -2.37
N LEU C 78 17.22 14.85 -1.36
CA LEU C 78 16.20 15.69 -0.78
C LEU C 78 16.45 17.15 -1.10
N HIS C 79 15.38 17.84 -1.43
CA HIS C 79 15.39 19.26 -1.66
C HIS C 79 14.05 19.81 -1.28
N THR C 80 13.98 21.10 -1.05
CA THR C 80 12.72 21.72 -0.65
C THR C 80 12.06 22.45 -1.79
N PHE C 81 10.81 22.14 -2.03
CA PHE C 81 10.06 22.85 -3.04
C PHE C 81 9.68 24.23 -2.55
N GLN C 82 9.89 25.21 -3.39
CA GLN C 82 9.47 26.57 -3.12
C GLN C 82 8.82 27.13 -4.35
N VAL C 83 7.93 28.08 -4.16
CA VAL C 83 7.23 28.66 -5.29
C VAL C 83 8.23 29.24 -6.28
N PRO C 84 8.13 28.88 -7.57
CA PRO C 84 8.97 29.33 -8.65
C PRO C 84 8.58 30.74 -9.06
N GLN C 85 9.02 31.72 -8.26
CA GLN C 85 8.60 33.12 -8.37
C GLN C 85 8.78 33.72 -9.77
N ASN C 86 9.44 33.00 -10.65
CA ASN C 86 9.59 33.45 -12.03
C ASN C 86 8.24 33.53 -12.70
N TYR C 87 7.29 32.75 -12.20
CA TYR C 87 5.95 32.69 -12.74
C TYR C 87 4.91 32.84 -11.63
N THR C 88 3.79 33.45 -11.96
CA THR C 88 2.69 33.57 -11.02
C THR C 88 1.38 33.69 -11.74
N LYS C 89 0.33 34.00 -11.00
CA LYS C 89 -1.00 34.11 -11.60
C LYS C 89 -1.04 35.23 -12.63
N ALA C 90 -1.47 34.91 -13.84
CA ALA C 90 -1.60 35.91 -14.90
C ALA C 90 -2.62 36.97 -14.50
N ASN C 91 -2.41 38.22 -14.94
CA ASN C 91 -3.28 39.31 -14.54
C ASN C 91 -3.95 40.01 -15.73
N CYS C 92 -4.46 39.26 -16.69
CA CYS C 92 -5.22 39.85 -17.76
C CYS C 92 -6.23 38.87 -18.32
N THR C 93 -7.11 39.33 -19.18
CA THR C 93 -8.09 38.45 -19.78
C THR C 93 -7.63 37.97 -21.14
N TYR C 94 -8.02 36.76 -21.48
CA TYR C 94 -7.69 36.14 -22.74
C TYR C 94 -8.32 34.77 -22.86
N CYS C 95 -8.80 34.43 -24.05
CA CYS C 95 -9.22 33.06 -24.31
C CYS C 95 -9.39 32.82 -25.80
N ASN C 96 -8.78 31.74 -26.27
CA ASN C 96 -8.99 31.31 -27.64
C ASN C 96 -10.11 30.29 -27.62
N THR C 97 -11.21 30.64 -28.23
CA THR C 97 -12.45 29.90 -28.12
C THR C 97 -12.40 28.52 -28.75
N ARG C 98 -11.32 28.21 -29.47
CA ARG C 98 -11.20 26.87 -30.03
C ARG C 98 -9.98 26.14 -29.48
N GLU C 99 -9.35 26.70 -28.46
CA GLU C 99 -8.20 26.05 -27.84
C GLU C 99 -8.54 25.47 -26.49
N TYR C 100 -9.47 26.11 -25.77
CA TYR C 100 -9.84 25.63 -24.45
C TYR C 100 -10.55 24.28 -24.57
N THR C 101 -10.47 23.47 -23.52
CA THR C 101 -11.09 22.16 -23.50
C THR C 101 -12.54 22.27 -23.08
N PHE C 102 -12.76 23.01 -22.01
CA PHE C 102 -14.10 23.25 -21.51
C PHE C 102 -14.15 24.59 -20.84
N SER C 103 -15.33 25.05 -20.50
CA SER C 103 -15.47 26.36 -19.87
C SER C 103 -16.48 26.31 -18.76
N TYR C 104 -16.37 27.25 -17.84
CA TYR C 104 -17.25 27.35 -16.70
C TYR C 104 -17.24 28.75 -16.14
N LYS C 105 -18.42 29.29 -15.87
CA LYS C 105 -18.53 30.66 -15.40
C LYS C 105 -17.84 31.60 -16.39
N GLY C 106 -16.81 32.31 -15.93
CA GLY C 106 -16.11 33.27 -16.79
C GLY C 106 -14.71 32.81 -17.17
N CYS C 107 -14.40 31.55 -16.88
CA CYS C 107 -13.05 31.04 -17.12
C CYS C 107 -12.98 29.96 -18.19
N CYS C 108 -11.84 29.91 -18.87
CA CYS C 108 -11.53 28.88 -19.87
C CYS C 108 -10.56 27.86 -19.28
N PHE C 109 -10.84 26.59 -19.48
CA PHE C 109 -10.02 25.54 -18.91
C PHE C 109 -9.27 24.75 -19.97
N TYR C 110 -7.98 24.57 -19.75
CA TYR C 110 -7.12 23.87 -20.68
C TYR C 110 -6.46 22.64 -20.06
N PHE C 111 -6.31 21.59 -20.88
CA PHE C 111 -5.50 20.44 -20.51
C PHE C 111 -4.27 20.40 -21.39
N THR C 112 -3.12 20.76 -20.84
CA THR C 112 -1.92 20.77 -21.67
C THR C 112 -1.70 19.39 -22.22
N LYS C 113 -1.66 19.28 -23.55
CA LYS C 113 -1.53 18.01 -24.23
C LYS C 113 -0.21 17.33 -23.94
N LYS C 114 0.88 18.08 -24.11
CA LYS C 114 2.21 17.56 -23.83
C LYS C 114 2.30 17.13 -22.37
N LYS C 115 2.86 15.95 -22.14
CA LYS C 115 2.94 15.40 -20.80
C LYS C 115 4.15 15.95 -20.06
N HIS C 116 3.91 16.48 -18.87
CA HIS C 116 4.97 17.15 -18.10
C HIS C 116 5.03 16.65 -16.68
N THR C 117 6.09 17.03 -15.99
CA THR C 117 6.21 16.77 -14.57
C THR C 117 5.37 17.79 -13.84
N TRP C 118 5.12 17.55 -12.56
CA TRP C 118 4.28 18.50 -11.82
C TRP C 118 4.91 19.89 -11.84
N ASN C 119 6.20 19.95 -11.56
CA ASN C 119 6.91 21.23 -11.59
C ASN C 119 6.90 21.83 -12.98
N GLY C 120 7.02 20.98 -14.00
CA GLY C 120 7.08 21.40 -15.39
C GLY C 120 5.84 22.18 -15.81
N CYS C 121 4.70 21.84 -15.22
CA CYS C 121 3.43 22.48 -15.57
C CYS C 121 3.46 23.98 -15.39
N PHE C 122 4.15 24.48 -14.36
CA PHE C 122 4.12 25.91 -14.08
C PHE C 122 4.58 26.70 -15.28
N GLN C 123 5.73 26.33 -15.81
CA GLN C 123 6.31 27.01 -16.95
C GLN C 123 5.65 26.59 -18.23
N ALA C 124 5.25 25.32 -18.32
CA ALA C 124 4.70 24.80 -19.55
C ALA C 124 3.51 25.61 -20.02
N CYS C 125 2.61 25.94 -19.11
CA CYS C 125 1.43 26.71 -19.48
C CYS C 125 1.77 28.16 -19.70
N ALA C 126 2.62 28.72 -18.84
CA ALA C 126 2.98 30.12 -18.96
C ALA C 126 3.59 30.42 -20.31
N GLU C 127 4.38 29.48 -20.82
CA GLU C 127 5.07 29.64 -22.08
C GLU C 127 4.26 29.12 -23.27
N LEU C 128 3.01 28.70 -23.04
CA LEU C 128 2.19 28.13 -24.09
C LEU C 128 1.13 29.10 -24.58
N TYR C 129 0.39 29.67 -23.65
CA TYR C 129 -0.68 30.61 -24.00
C TYR C 129 -0.45 31.97 -23.37
N PRO C 130 -1.03 33.04 -23.95
CA PRO C 130 -1.22 34.34 -23.36
C PRO C 130 -1.89 34.14 -22.01
N CYS C 131 -2.05 35.20 -21.23
CA CYS C 131 -2.40 35.04 -19.82
C CYS C 131 -3.11 33.72 -19.51
N THR C 132 -2.41 32.89 -18.74
CA THR C 132 -2.89 31.61 -18.26
C THR C 132 -2.03 31.17 -17.11
N TYR C 133 -2.52 30.26 -16.30
CA TYR C 133 -1.70 29.76 -15.20
C TYR C 133 -2.10 28.38 -14.72
N PHE C 134 -1.15 27.72 -14.03
CA PHE C 134 -1.36 26.40 -13.45
C PHE C 134 -2.30 26.51 -12.27
N TYR C 135 -3.46 25.86 -12.41
CA TYR C 135 -4.59 26.10 -11.53
C TYR C 135 -4.95 24.94 -10.61
N GLY C 136 -5.28 25.27 -9.36
CA GLY C 136 -5.78 24.30 -8.40
C GLY C 136 -7.32 24.34 -8.32
N PRO C 137 -8.02 23.22 -8.56
CA PRO C 137 -9.45 23.04 -8.48
C PRO C 137 -10.04 23.36 -7.12
N THR C 138 -11.18 24.03 -7.12
CA THR C 138 -11.90 24.38 -5.92
C THR C 138 -12.95 23.30 -5.62
N PRO C 139 -13.52 23.24 -4.42
CA PRO C 139 -14.64 22.41 -4.05
C PRO C 139 -15.81 22.54 -5.05
N ASP C 140 -15.98 23.73 -5.61
CA ASP C 140 -17.02 23.99 -6.61
C ASP C 140 -16.61 23.51 -8.00
N ILE C 141 -15.48 24.01 -8.47
CA ILE C 141 -15.00 23.70 -9.82
C ILE C 141 -14.52 22.26 -10.00
N LEU C 142 -13.86 21.69 -9.00
CA LEU C 142 -13.31 20.36 -9.18
C LEU C 142 -14.29 19.37 -9.86
N PRO C 143 -15.56 19.24 -9.41
CA PRO C 143 -16.58 18.44 -10.04
C PRO C 143 -16.70 18.72 -11.55
N VAL C 144 -16.44 19.96 -11.94
CA VAL C 144 -16.56 20.35 -13.33
C VAL C 144 -15.47 19.71 -14.15
N VAL C 145 -14.24 19.76 -13.64
CA VAL C 145 -13.11 19.19 -14.36
C VAL C 145 -13.11 17.67 -14.29
N THR C 146 -13.54 17.11 -13.16
CA THR C 146 -13.55 15.65 -13.04
C THR C 146 -14.48 15.03 -14.06
N ARG C 147 -15.54 15.74 -14.42
CA ARG C 147 -16.46 15.23 -15.44
C ARG C 147 -15.88 15.31 -16.85
N ASN C 148 -14.72 15.94 -16.98
CA ASN C 148 -14.04 16.02 -18.26
C ASN C 148 -12.87 15.06 -18.33
N LEU C 149 -12.77 14.17 -17.34
CA LEU C 149 -11.68 13.20 -17.28
C LEU C 149 -12.20 11.77 -17.32
N ASN C 150 -11.43 10.88 -17.92
CA ASN C 150 -11.77 9.47 -17.90
C ASN C 150 -11.10 8.77 -16.71
N ALA C 151 -11.28 7.46 -16.60
CA ALA C 151 -10.78 6.69 -15.45
C ALA C 151 -9.31 6.28 -15.58
N ILE C 152 -8.70 6.63 -16.70
CA ILE C 152 -7.33 6.22 -16.97
C ILE C 152 -6.35 7.37 -16.78
N GLU C 153 -6.65 8.49 -17.42
CA GLU C 153 -5.79 9.65 -17.37
C GLU C 153 -5.73 10.24 -15.98
N SER C 154 -4.66 10.97 -15.71
CA SER C 154 -4.46 11.65 -14.44
C SER C 154 -3.91 13.04 -14.70
N LEU C 155 -4.52 14.03 -14.07
CA LEU C 155 -4.22 15.43 -14.36
C LEU C 155 -3.44 16.11 -13.22
N TRP C 156 -2.31 16.74 -13.54
CA TRP C 156 -1.56 17.50 -12.53
C TRP C 156 -2.33 18.77 -12.19
N VAL C 157 -2.38 19.14 -10.91
CA VAL C 157 -3.07 20.38 -10.56
C VAL C 157 -2.22 21.35 -9.76
N GLY C 158 -2.62 22.62 -9.81
CA GLY C 158 -1.90 23.71 -9.16
C GLY C 158 -2.20 23.84 -7.67
N VAL C 159 -1.92 22.78 -6.92
CA VAL C 159 -2.12 22.80 -5.48
C VAL C 159 -0.84 22.37 -4.80
N TYR C 160 -0.40 23.13 -3.79
CA TYR C 160 0.85 22.81 -3.15
C TYR C 160 0.85 23.13 -1.66
N ARG C 161 1.74 22.47 -0.92
CA ARG C 161 1.89 22.70 0.50
C ARG C 161 2.76 23.94 0.70
N VAL C 162 2.48 24.72 1.74
CA VAL C 162 3.30 25.90 2.00
C VAL C 162 4.27 25.62 3.16
N GLY C 163 3.70 25.23 4.29
CA GLY C 163 4.44 24.90 5.47
C GLY C 163 4.34 23.41 5.74
N GLU C 164 3.79 23.05 6.89
CA GLU C 164 3.47 21.68 7.18
C GLU C 164 2.02 21.42 6.77
N GLY C 165 1.42 22.43 6.16
CA GLY C 165 0.02 22.42 5.76
C GLY C 165 -0.37 23.73 5.06
N ASN C 166 -1.64 24.04 5.10
CA ASN C 166 -2.18 25.20 4.42
C ASN C 166 -1.99 25.09 2.90
N TRP C 167 -2.38 23.93 2.40
CA TRP C 167 -2.34 23.64 0.96
C TRP C 167 -3.03 24.75 0.21
N THR C 168 -2.33 25.36 -0.73
CA THR C 168 -2.88 26.51 -1.44
C THR C 168 -2.62 26.46 -2.92
N SER C 169 -2.89 27.57 -3.59
CA SER C 169 -2.72 27.69 -5.02
C SER C 169 -2.31 29.10 -5.40
N LEU C 170 -2.31 29.40 -6.69
CA LEU C 170 -1.91 30.73 -7.15
C LEU C 170 -3.02 31.74 -6.89
N ASP C 171 -4.21 31.24 -6.61
CA ASP C 171 -5.36 32.08 -6.29
C ASP C 171 -5.51 32.22 -4.79
N GLY C 172 -4.57 31.65 -4.04
CA GLY C 172 -4.67 31.63 -2.60
C GLY C 172 -5.77 30.68 -2.17
N GLY C 173 -6.29 30.87 -0.96
CA GLY C 173 -7.31 29.99 -0.43
C GLY C 173 -6.69 28.72 0.12
N THR C 174 -7.52 27.90 0.76
CA THR C 174 -7.07 26.64 1.35
C THR C 174 -7.78 25.48 0.71
N PHE C 175 -7.03 24.47 0.32
CA PHE C 175 -7.56 23.33 -0.36
C PHE C 175 -7.50 22.09 0.51
N LYS C 176 -8.47 21.21 0.34
CA LYS C 176 -8.43 19.92 1.01
C LYS C 176 -7.62 18.95 0.17
N VAL C 177 -6.62 18.32 0.76
CA VAL C 177 -5.76 17.41 0.04
C VAL C 177 -5.71 16.04 0.69
N TYR C 178 -5.76 15.00 -0.12
CA TYR C 178 -5.71 13.65 0.40
C TYR C 178 -4.28 13.29 0.72
N GLN C 179 -3.84 13.69 1.89
CA GLN C 179 -2.46 13.51 2.31
C GLN C 179 -2.15 12.06 2.61
N ILE C 180 -1.32 11.46 1.76
CA ILE C 180 -0.89 10.08 1.91
C ILE C 180 0.62 10.04 1.94
N PHE C 181 1.23 10.67 0.94
CA PHE C 181 2.67 10.64 0.78
C PHE C 181 3.30 11.96 1.18
N GLY C 182 4.53 11.89 1.68
CA GLY C 182 5.27 13.08 2.10
C GLY C 182 5.85 13.85 0.92
N SER C 183 4.97 14.35 0.06
CA SER C 183 5.35 15.11 -1.14
C SER C 183 4.42 16.30 -1.34
N HIS C 184 4.90 17.33 -2.03
CA HIS C 184 4.14 18.56 -2.26
C HIS C 184 3.23 18.52 -3.47
N CYS C 185 3.33 17.49 -4.30
CA CYS C 185 2.58 17.43 -5.55
C CYS C 185 1.23 16.78 -5.35
N THR C 186 0.22 17.24 -6.09
CA THR C 186 -1.08 16.60 -6.08
C THR C 186 -1.65 16.49 -7.49
N TYR C 187 -2.65 15.63 -7.65
CA TYR C 187 -3.30 15.41 -8.93
C TYR C 187 -4.77 15.09 -8.75
N VAL C 188 -5.52 15.11 -9.85
CA VAL C 188 -6.91 14.69 -9.82
C VAL C 188 -7.23 13.70 -10.93
N SER C 189 -8.34 12.99 -10.76
CA SER C 189 -8.81 12.01 -11.72
C SER C 189 -10.33 11.86 -11.61
N LYS C 190 -10.89 10.99 -12.45
CA LYS C 190 -12.35 10.78 -12.48
C LYS C 190 -12.97 10.57 -11.10
N PHE C 191 -12.27 9.83 -10.24
CA PHE C 191 -12.83 9.47 -8.95
C PHE C 191 -12.26 10.29 -7.81
N SER C 192 -11.61 11.38 -8.15
CA SER C 192 -11.03 12.23 -7.12
C SER C 192 -12.04 13.24 -6.59
N THR C 193 -12.21 13.25 -5.28
CA THR C 193 -13.11 14.21 -4.64
C THR C 193 -12.33 15.41 -4.14
N VAL C 194 -11.04 15.21 -3.94
CA VAL C 194 -10.08 16.25 -3.58
C VAL C 194 -8.83 16.03 -4.42
N PRO C 195 -7.93 17.00 -4.49
CA PRO C 195 -6.56 16.82 -4.94
C PRO C 195 -5.92 15.74 -4.11
N VAL C 196 -5.23 14.82 -4.76
CA VAL C 196 -4.64 13.68 -4.07
C VAL C 196 -3.12 13.71 -4.15
N SER C 197 -2.47 13.46 -3.02
CA SER C 197 -1.01 13.45 -2.98
C SER C 197 -0.47 12.24 -3.73
N HIS C 198 0.81 12.27 -4.06
CA HIS C 198 1.40 11.20 -4.86
C HIS C 198 2.87 11.03 -4.53
N HIS C 199 3.37 9.80 -4.63
CA HIS C 199 4.74 9.51 -4.26
C HIS C 199 5.79 10.01 -5.25
N GLU C 200 5.39 10.39 -6.45
CA GLU C 200 6.35 10.81 -7.46
C GLU C 200 5.87 11.99 -8.30
N CYS C 201 6.70 13.02 -8.40
CA CYS C 201 6.36 14.23 -9.15
C CYS C 201 6.96 14.18 -10.56
N SER C 202 7.83 13.22 -10.79
CA SER C 202 8.59 13.11 -12.04
C SER C 202 7.82 12.40 -13.15
N PHE C 203 6.63 11.92 -12.85
CA PHE C 203 5.84 11.22 -13.84
C PHE C 203 5.18 12.21 -14.78
N LEU C 204 4.96 11.79 -16.02
CA LEU C 204 4.45 12.71 -17.03
C LEU C 204 2.94 12.61 -17.19
N LYS C 205 2.28 13.76 -17.01
CA LYS C 205 0.83 13.87 -17.06
C LYS C 205 0.45 15.22 -17.69
N PRO C 206 -0.78 15.38 -18.20
CA PRO C 206 -1.34 16.63 -18.68
C PRO C 206 -1.45 17.64 -17.56
N CYS C 207 -1.32 18.91 -17.90
CA CYS C 207 -1.38 19.98 -16.90
C CYS C 207 -2.71 20.72 -16.92
N LEU C 208 -3.25 20.99 -15.73
CA LEU C 208 -4.46 21.80 -15.64
C LEU C 208 -4.15 23.27 -15.49
N CYS C 209 -4.56 24.05 -16.49
CA CYS C 209 -4.34 25.47 -16.46
C CYS C 209 -5.59 26.19 -16.91
N VAL C 210 -5.70 27.46 -16.53
CA VAL C 210 -6.89 28.22 -16.88
C VAL C 210 -6.59 29.56 -17.49
N SER C 211 -7.61 30.15 -18.10
CA SER C 211 -7.57 31.50 -18.63
C SER C 211 -8.95 32.12 -18.53
N GLN C 212 -9.17 33.24 -19.22
CA GLN C 212 -10.46 33.95 -19.13
C GLN C 212 -10.90 34.51 -20.47
N PCA D 1 -10.10 12.10 0.69
CA PCA D 1 -9.71 12.18 2.11
CB PCA D 1 -10.23 13.52 2.58
CG PCA D 1 -11.50 13.67 1.70
CD PCA D 1 -11.11 12.94 0.44
OE PCA D 1 -11.65 13.08 -0.64
C PCA D 1 -10.41 11.06 2.83
O PCA D 1 -10.91 10.15 2.21
N VAL D 2 -10.48 11.14 4.15
CA VAL D 2 -11.18 10.14 4.94
C VAL D 2 -12.40 10.75 5.59
N GLN D 3 -13.57 10.19 5.29
CA GLN D 3 -14.81 10.73 5.82
C GLN D 3 -15.67 9.68 6.51
N LEU D 4 -16.41 10.13 7.51
CA LEU D 4 -17.41 9.33 8.19
C LEU D 4 -18.67 10.14 8.38
N VAL D 5 -19.78 9.64 7.84
CA VAL D 5 -21.04 10.34 7.93
C VAL D 5 -22.01 9.59 8.80
N GLN D 6 -22.50 10.23 9.84
CA GLN D 6 -23.35 9.54 10.79
C GLN D 6 -24.77 10.06 10.76
N SER D 7 -25.71 9.16 10.97
CA SER D 7 -27.12 9.54 11.07
C SER D 7 -27.91 8.58 11.95
N GLY D 8 -29.23 8.69 11.89
CA GLY D 8 -30.11 7.88 12.72
C GLY D 8 -30.44 8.53 14.05
N ALA D 9 -30.04 9.79 14.22
CA ALA D 9 -30.33 10.52 15.45
C ALA D 9 -31.85 10.60 15.68
N ASP D 10 -32.26 10.47 16.94
CA ASP D 10 -33.68 10.49 17.27
C ASP D 10 -33.92 10.73 18.76
N VAL D 11 -35.19 10.80 19.14
CA VAL D 11 -35.60 10.85 20.53
C VAL D 11 -36.43 9.62 20.87
N LYS D 12 -35.97 8.85 21.83
CA LYS D 12 -36.61 7.62 22.22
C LYS D 12 -37.11 7.70 23.65
N LYS D 13 -37.75 6.64 24.10
CA LYS D 13 -38.21 6.53 25.48
C LYS D 13 -37.61 5.26 26.09
N PRO D 14 -37.47 5.20 27.42
CA PRO D 14 -36.91 4.07 28.13
C PRO D 14 -37.59 2.76 27.71
N GLY D 15 -36.77 1.75 27.48
CA GLY D 15 -37.26 0.44 27.05
C GLY D 15 -37.16 0.28 25.53
N ALA D 16 -37.09 1.40 24.82
CA ALA D 16 -37.04 1.40 23.37
C ALA D 16 -35.67 0.98 22.86
N SER D 17 -35.50 1.03 21.54
CA SER D 17 -34.24 0.67 20.91
C SER D 17 -33.90 1.65 19.79
N VAL D 18 -32.62 1.77 19.50
CA VAL D 18 -32.14 2.67 18.45
C VAL D 18 -31.02 2.04 17.65
N LYS D 19 -31.01 2.31 16.34
CA LYS D 19 -29.91 1.86 15.51
C LYS D 19 -29.24 3.03 14.82
N VAL D 20 -27.93 3.16 15.08
CA VAL D 20 -27.14 4.25 14.52
C VAL D 20 -26.38 3.78 13.29
N SER D 21 -26.41 4.59 12.24
CA SER D 21 -25.77 4.23 10.99
C SER D 21 -24.59 5.15 10.67
N CYS D 22 -23.42 4.54 10.36
CA CYS D 22 -22.23 5.29 10.01
C CYS D 22 -21.71 4.88 8.62
N LYS D 23 -21.69 5.85 7.71
CA LYS D 23 -21.26 5.62 6.33
C LYS D 23 -19.80 6.00 6.12
N ALA D 24 -19.02 5.07 5.59
CA ALA D 24 -17.61 5.32 5.30
C ALA D 24 -17.42 5.84 3.88
N SER D 25 -16.40 6.68 3.70
CA SER D 25 -16.07 7.16 2.37
C SER D 25 -14.60 7.55 2.24
N GLY D 26 -14.04 7.34 1.04
CA GLY D 26 -12.69 7.80 0.74
C GLY D 26 -11.60 6.75 0.93
N TYR D 27 -11.98 5.59 1.42
CA TYR D 27 -11.01 4.53 1.66
C TYR D 27 -11.64 3.15 1.56
N THR D 28 -10.80 2.13 1.41
CA THR D 28 -11.30 0.77 1.38
C THR D 28 -11.90 0.40 2.72
N PHE D 29 -13.19 0.14 2.72
CA PHE D 29 -13.91 -0.10 3.96
C PHE D 29 -13.29 -1.22 4.77
N ILE D 30 -13.11 -2.38 4.13
CA ILE D 30 -12.62 -3.57 4.82
C ILE D 30 -11.18 -3.49 5.32
N HIS D 31 -10.44 -2.45 4.94
CA HIS D 31 -9.06 -2.35 5.38
C HIS D 31 -8.91 -1.82 6.79
N PHE D 32 -10.00 -1.28 7.35
CA PHE D 32 -9.93 -0.71 8.68
C PHE D 32 -11.14 -1.11 9.50
N GLY D 33 -10.94 -1.35 10.79
CA GLY D 33 -12.06 -1.66 11.65
C GLY D 33 -12.80 -0.39 12.04
N ILE D 34 -13.86 -0.54 12.81
CA ILE D 34 -14.66 0.59 13.26
C ILE D 34 -14.89 0.58 14.75
N SER D 35 -14.65 1.74 15.37
CA SER D 35 -14.85 1.89 16.80
C SER D 35 -16.06 2.75 17.12
N TRP D 36 -16.72 2.43 18.22
CA TRP D 36 -17.85 3.20 18.70
C TRP D 36 -17.56 3.74 20.09
N VAL D 37 -17.92 5.00 20.31
CA VAL D 37 -17.71 5.67 21.59
C VAL D 37 -18.90 6.57 21.94
N ARG D 38 -19.24 6.64 23.22
CA ARG D 38 -20.33 7.47 23.69
C ARG D 38 -19.85 8.66 24.52
N GLN D 39 -20.52 9.81 24.37
CA GLN D 39 -20.22 10.96 25.19
C GLN D 39 -21.48 11.72 25.62
N ALA D 40 -21.84 11.59 26.88
CA ALA D 40 -23.00 12.30 27.41
C ALA D 40 -22.59 13.75 27.66
N PRO D 41 -23.53 14.70 27.64
CA PRO D 41 -23.28 16.10 27.90
C PRO D 41 -22.52 16.29 29.19
N GLY D 42 -21.43 17.07 29.11
CA GLY D 42 -20.60 17.39 30.27
C GLY D 42 -19.72 16.22 30.70
N GLN D 43 -19.80 15.10 30.01
CA GLN D 43 -19.06 13.92 30.42
C GLN D 43 -17.89 13.61 29.52
N GLY D 44 -17.13 12.58 29.90
CA GLY D 44 -15.96 12.17 29.13
C GLY D 44 -16.34 11.18 28.05
N LEU D 45 -15.35 10.44 27.58
CA LEU D 45 -15.54 9.53 26.47
C LEU D 45 -15.56 8.07 26.93
N GLU D 46 -16.64 7.37 26.61
CA GLU D 46 -16.80 5.98 27.01
C GLU D 46 -16.73 5.03 25.82
N TRP D 47 -15.74 4.15 25.83
CA TRP D 47 -15.59 3.19 24.74
C TRP D 47 -16.76 2.23 24.74
N MET D 48 -17.38 2.05 23.58
CA MET D 48 -18.53 1.16 23.51
C MET D 48 -18.18 -0.18 22.94
N GLY D 49 -17.40 -0.17 21.87
CA GLY D 49 -17.10 -1.41 21.18
C GLY D 49 -16.31 -1.19 19.88
N TRP D 50 -15.90 -2.31 19.31
CA TRP D 50 -15.14 -2.31 18.06
C TRP D 50 -15.54 -3.49 17.18
N ILE D 51 -15.61 -3.26 15.88
CA ILE D 51 -15.94 -4.33 14.95
C ILE D 51 -14.94 -4.47 13.82
N ASP D 52 -14.66 -5.71 13.46
CA ASP D 52 -13.82 -6.06 12.33
C ASP D 52 -14.65 -6.07 11.07
N THR D 53 -14.41 -5.08 10.21
CA THR D 53 -15.21 -4.87 9.03
C THR D 53 -15.01 -5.94 7.97
N ASN D 54 -13.98 -6.75 8.13
CA ASN D 54 -13.71 -7.78 7.14
C ASN D 54 -14.11 -9.16 7.64
N ASN D 55 -13.92 -9.41 8.94
CA ASN D 55 -14.15 -10.75 9.47
C ASN D 55 -15.38 -10.89 10.38
N GLY D 56 -16.00 -9.77 10.78
CA GLY D 56 -17.19 -9.85 11.63
C GLY D 56 -16.89 -10.05 13.12
N ASN D 57 -15.63 -9.92 13.49
CA ASN D 57 -15.23 -10.07 14.88
C ASN D 57 -15.62 -8.84 15.67
N THR D 58 -16.12 -9.03 16.89
CA THR D 58 -16.52 -7.89 17.70
C THR D 58 -15.98 -7.93 19.11
N ASN D 59 -15.84 -6.74 19.68
CA ASN D 59 -15.48 -6.54 21.07
C ASN D 59 -16.40 -5.49 21.69
N TYR D 60 -17.13 -5.88 22.72
CA TYR D 60 -18.10 -4.97 23.33
C TYR D 60 -17.70 -4.59 24.75
N ALA D 61 -18.08 -3.39 25.16
CA ALA D 61 -17.95 -2.98 26.55
C ALA D 61 -18.80 -3.88 27.44
N GLN D 62 -18.28 -4.23 28.60
CA GLN D 62 -18.99 -5.10 29.52
C GLN D 62 -20.30 -4.48 30.01
N SER D 63 -20.33 -3.15 30.09
CA SER D 63 -21.51 -2.45 30.55
C SER D 63 -22.63 -2.45 29.50
N LEU D 64 -22.28 -2.80 28.27
CA LEU D 64 -23.27 -2.79 27.20
C LEU D 64 -23.64 -4.20 26.79
N GLN D 65 -22.72 -5.13 26.97
CA GLN D 65 -22.94 -6.50 26.54
C GLN D 65 -24.33 -6.97 26.91
N GLY D 66 -25.05 -7.51 25.93
CA GLY D 66 -26.40 -8.02 26.11
C GLY D 66 -27.47 -7.05 25.62
N ARG D 67 -27.11 -5.77 25.50
CA ARG D 67 -28.04 -4.76 25.00
C ARG D 67 -27.42 -3.96 23.86
N VAL D 68 -26.38 -4.53 23.24
CA VAL D 68 -25.69 -3.88 22.13
C VAL D 68 -25.37 -4.86 21.01
N THR D 69 -25.60 -4.45 19.76
CA THR D 69 -25.23 -5.26 18.61
C THR D 69 -24.52 -4.42 17.54
N MET D 70 -23.46 -4.98 16.96
CA MET D 70 -22.78 -4.33 15.84
C MET D 70 -22.82 -5.20 14.61
N THR D 71 -22.91 -4.56 13.45
CA THR D 71 -22.88 -5.25 12.17
C THR D 71 -22.52 -4.28 11.06
N THR D 72 -22.05 -4.81 9.94
CA THR D 72 -21.73 -3.95 8.81
C THR D 72 -22.35 -4.45 7.51
N ASP D 73 -22.57 -3.54 6.58
CA ASP D 73 -22.96 -3.88 5.23
C ASP D 73 -21.78 -3.62 4.29
N THR D 74 -21.07 -4.68 3.95
CA THR D 74 -19.81 -4.60 3.23
C THR D 74 -19.96 -3.88 1.90
N SER D 75 -21.03 -4.17 1.19
CA SER D 75 -21.23 -3.66 -0.15
C SER D 75 -21.56 -2.17 -0.20
N THR D 76 -21.86 -1.56 0.94
CA THR D 76 -22.16 -0.14 0.94
C THR D 76 -21.13 0.61 1.77
N GLY D 77 -20.41 -0.12 2.63
CA GLY D 77 -19.45 0.49 3.53
C GLY D 77 -20.15 1.17 4.68
N THR D 78 -21.22 0.56 5.16
CA THR D 78 -22.00 1.17 6.22
C THR D 78 -22.00 0.31 7.47
N ALA D 79 -21.68 0.93 8.59
CA ALA D 79 -21.70 0.23 9.87
C ALA D 79 -22.97 0.56 10.62
N TYR D 80 -23.46 -0.41 11.36
CA TYR D 80 -24.63 -0.21 12.19
C TYR D 80 -24.36 -0.62 13.61
N MET D 81 -24.98 0.09 14.54
CA MET D 81 -24.92 -0.29 15.94
C MET D 81 -26.27 -0.08 16.61
N GLU D 82 -26.76 -1.14 17.23
CA GLU D 82 -28.06 -1.12 17.87
C GLU D 82 -27.97 -1.18 19.38
N LEU D 83 -28.71 -0.29 20.03
CA LEU D 83 -28.84 -0.35 21.48
C LEU D 83 -30.27 -0.71 21.84
N ARG D 84 -30.40 -1.58 22.83
CA ARG D 84 -31.70 -2.04 23.28
C ARG D 84 -31.93 -1.69 24.74
N SER D 85 -33.18 -1.81 25.17
CA SER D 85 -33.52 -1.55 26.57
C SER D 85 -32.95 -0.23 27.02
N LEU D 86 -33.23 0.82 26.25
CA LEU D 86 -32.69 2.14 26.53
C LEU D 86 -33.15 2.70 27.87
N SER D 87 -32.30 3.52 28.46
CA SER D 87 -32.62 4.22 29.70
C SER D 87 -32.35 5.70 29.54
N THR D 88 -32.85 6.51 30.48
CA THR D 88 -32.66 7.96 30.39
C THR D 88 -31.19 8.32 30.54
N ASP D 89 -30.44 7.42 31.14
CA ASP D 89 -29.02 7.63 31.39
C ASP D 89 -28.19 7.41 30.14
N ASP D 90 -28.85 6.96 29.07
CA ASP D 90 -28.17 6.71 27.83
C ASP D 90 -28.21 7.91 26.90
N THR D 91 -28.76 9.03 27.39
CA THR D 91 -28.77 10.25 26.58
C THR D 91 -27.34 10.68 26.35
N ALA D 92 -26.93 10.71 25.08
CA ALA D 92 -25.54 11.01 24.75
C ALA D 92 -25.33 11.22 23.28
N VAL D 93 -24.16 11.76 22.94
CA VAL D 93 -23.76 11.81 21.55
C VAL D 93 -22.91 10.61 21.23
N TYR D 94 -23.24 9.95 20.13
CA TYR D 94 -22.53 8.76 19.74
C TYR D 94 -21.64 9.04 18.55
N PHE D 95 -20.43 8.48 18.59
CA PHE D 95 -19.48 8.68 17.52
C PHE D 95 -18.96 7.39 16.94
N CYS D 96 -18.61 7.45 15.67
CA CYS D 96 -17.86 6.40 15.01
C CYS D 96 -16.47 6.91 14.67
N ALA D 97 -15.51 6.01 14.63
CA ALA D 97 -14.16 6.37 14.23
C ALA D 97 -13.48 5.25 13.46
N ARG D 98 -12.51 5.61 12.63
CA ARG D 98 -11.77 4.62 11.86
C ARG D 98 -10.76 3.94 12.76
N ALA D 99 -10.96 2.65 12.98
CA ALA D 99 -10.13 1.89 13.90
C ALA D 99 -9.36 0.82 13.16
N LEU D 100 -8.11 1.10 12.87
CA LEU D 100 -7.33 0.20 12.06
C LEU D 100 -7.44 -1.25 12.53
N GLU D 101 -6.89 -1.53 13.70
CA GLU D 101 -6.91 -2.90 14.22
C GLU D 101 -7.13 -2.96 15.72
N MET D 102 -7.64 -4.11 16.16
CA MET D 102 -7.80 -4.43 17.57
C MET D 102 -7.77 -5.94 17.75
N GLY D 103 -7.22 -6.39 18.87
CA GLY D 103 -7.22 -7.81 19.20
C GLY D 103 -6.88 -8.05 20.66
N HIS D 104 -6.81 -9.31 21.04
CA HIS D 104 -6.61 -9.69 22.43
C HIS D 104 -5.34 -9.14 23.04
N ARG D 105 -4.37 -8.84 22.19
CA ARG D 105 -3.09 -8.38 22.67
C ARG D 105 -2.59 -7.12 21.97
N SER D 106 -3.50 -6.38 21.34
CA SER D 106 -3.08 -5.17 20.63
C SER D 106 -4.24 -4.23 20.29
N GLY D 107 -3.89 -3.01 19.88
CA GLY D 107 -4.87 -2.06 19.37
C GLY D 107 -4.24 -0.72 18.98
N PHE D 108 -4.89 -0.05 18.04
CA PHE D 108 -4.44 1.24 17.51
C PHE D 108 -5.31 2.41 18.00
N PRO D 109 -4.80 3.65 17.92
CA PRO D 109 -5.50 4.91 18.13
C PRO D 109 -6.48 5.17 17.00
N PHE D 110 -7.26 6.24 17.14
CA PHE D 110 -8.34 6.52 16.19
C PHE D 110 -8.15 7.82 15.43
N ASP D 111 -7.57 7.72 14.24
CA ASP D 111 -7.16 8.87 13.43
C ASP D 111 -8.33 9.76 12.98
N TYR D 112 -9.45 9.14 12.60
CA TYR D 112 -10.57 9.90 12.05
C TYR D 112 -11.87 9.62 12.75
N TRP D 113 -12.59 10.68 13.05
CA TRP D 113 -13.86 10.62 13.75
C TRP D 113 -14.99 11.17 12.91
N GLY D 114 -16.18 10.62 13.08
CA GLY D 114 -17.35 11.12 12.38
C GLY D 114 -17.96 12.30 13.11
N GLN D 115 -18.98 12.90 12.50
CA GLN D 115 -19.66 14.05 13.08
C GLN D 115 -20.34 13.69 14.40
N GLY D 116 -20.88 12.48 14.45
CA GLY D 116 -21.58 12.02 15.64
C GLY D 116 -23.08 12.29 15.54
N VAL D 117 -23.84 11.57 16.34
CA VAL D 117 -25.30 11.73 16.38
C VAL D 117 -25.77 11.91 17.81
N LEU D 118 -26.84 12.68 17.98
CA LEU D 118 -27.39 12.85 19.32
C LEU D 118 -28.61 11.99 19.53
N VAL D 119 -28.56 11.15 20.56
CA VAL D 119 -29.68 10.31 20.91
C VAL D 119 -30.19 10.67 22.29
N THR D 120 -31.47 11.01 22.36
CA THR D 120 -32.09 11.39 23.62
C THR D 120 -33.09 10.37 24.07
N VAL D 121 -33.06 10.02 25.35
CA VAL D 121 -34.04 9.08 25.89
C VAL D 121 -34.84 9.71 27.01
N SER D 122 -36.16 9.71 26.86
CA SER D 122 -37.05 10.31 27.84
C SER D 122 -38.47 9.74 27.71
N PRO D 123 -39.14 9.46 28.85
CA PRO D 123 -40.50 8.97 28.94
C PRO D 123 -41.52 10.00 28.46
N ALA D 124 -41.11 11.26 28.43
CA ALA D 124 -42.00 12.33 27.99
C ALA D 124 -42.36 12.15 26.53
N SER D 125 -43.60 12.49 26.16
CA SER D 125 -44.00 12.42 24.77
C SER D 125 -44.10 13.82 24.18
N THR D 126 -44.52 13.87 22.92
CA THR D 126 -44.59 15.13 22.20
C THR D 126 -45.55 16.10 22.84
N LYS D 127 -45.11 17.36 22.98
CA LYS D 127 -45.92 18.39 23.60
C LYS D 127 -45.64 19.76 22.98
N GLY D 128 -46.67 20.41 22.46
CA GLY D 128 -46.52 21.74 21.92
C GLY D 128 -46.43 22.75 23.08
N PRO D 129 -45.74 23.86 22.88
CA PRO D 129 -45.49 24.92 23.85
C PRO D 129 -46.68 25.79 24.12
N SER D 130 -46.69 26.37 25.32
CA SER D 130 -47.55 27.49 25.63
C SER D 130 -46.74 28.76 25.43
N VAL D 131 -47.34 29.79 24.87
CA VAL D 131 -46.58 30.99 24.59
C VAL D 131 -47.16 32.23 25.25
N PHE D 132 -46.29 32.95 25.95
CA PHE D 132 -46.65 34.19 26.62
C PHE D 132 -45.65 35.28 26.22
N PRO D 133 -46.06 36.55 26.18
CA PRO D 133 -45.23 37.70 25.91
C PRO D 133 -44.36 38.09 27.10
N LEU D 134 -43.25 38.73 26.82
CA LEU D 134 -42.40 39.34 27.83
C LEU D 134 -42.37 40.84 27.60
N ALA D 135 -43.39 41.52 28.11
CA ALA D 135 -43.56 42.94 27.86
C ALA D 135 -42.38 43.75 28.40
N PRO D 136 -42.01 44.85 27.71
CA PRO D 136 -40.98 45.79 28.10
C PRO D 136 -41.46 46.66 29.25
N THR D 145 -34.10 53.23 25.20
CA THR D 145 -34.11 51.82 24.85
C THR D 145 -34.87 50.96 25.84
N ALA D 146 -35.35 49.82 25.37
CA ALA D 146 -36.09 48.87 26.18
C ALA D 146 -35.97 47.47 25.60
N ALA D 147 -36.08 46.47 26.46
CA ALA D 147 -36.03 45.08 25.98
C ALA D 147 -37.37 44.41 26.12
N LEU D 148 -37.76 43.71 25.07
CA LEU D 148 -39.00 42.96 25.03
C LEU D 148 -38.78 41.59 24.42
N GLY D 149 -39.60 40.61 24.77
CA GLY D 149 -39.41 39.29 24.20
C GLY D 149 -40.62 38.39 24.33
N CYS D 150 -40.40 37.11 24.09
CA CYS D 150 -41.43 36.08 24.21
C CYS D 150 -40.92 34.90 25.02
N LEU D 151 -41.86 34.23 25.71
CA LEU D 151 -41.57 33.04 26.47
C LEU D 151 -42.30 31.83 25.90
N VAL D 152 -41.52 30.80 25.57
CA VAL D 152 -42.07 29.59 25.00
C VAL D 152 -41.79 28.43 25.92
N LYS D 153 -42.82 27.86 26.51
CA LYS D 153 -42.60 26.93 27.60
C LYS D 153 -43.43 25.67 27.57
N ASP D 154 -42.94 24.66 28.28
CA ASP D 154 -43.65 23.41 28.49
C ASP D 154 -43.81 22.65 27.19
N TYR D 155 -42.71 22.46 26.50
CA TYR D 155 -42.73 21.72 25.24
C TYR D 155 -41.75 20.58 25.23
N PHE D 156 -41.99 19.65 24.31
CA PHE D 156 -41.12 18.52 24.11
C PHE D 156 -41.31 17.91 22.73
N PRO D 157 -40.22 17.46 22.10
CA PRO D 157 -38.81 17.58 22.39
C PRO D 157 -38.22 18.86 21.80
N GLU D 158 -36.92 19.02 21.97
CA GLU D 158 -36.15 20.06 21.30
C GLU D 158 -35.84 19.64 19.85
N PRO D 159 -35.44 20.56 18.97
CA PRO D 159 -35.32 22.01 19.11
C PRO D 159 -36.64 22.73 18.84
N VAL D 160 -36.73 23.97 19.32
CA VAL D 160 -37.76 24.91 18.92
C VAL D 160 -37.11 26.20 18.52
N THR D 161 -37.59 26.82 17.45
CA THR D 161 -37.02 28.07 17.04
C THR D 161 -38.05 29.18 17.07
N VAL D 162 -37.58 30.41 17.28
CA VAL D 162 -38.46 31.57 17.22
C VAL D 162 -37.83 32.67 16.40
N SER D 163 -38.59 33.18 15.46
CA SER D 163 -38.17 34.30 14.63
C SER D 163 -39.01 35.52 14.97
N TRP D 164 -38.57 36.69 14.55
CA TRP D 164 -39.35 37.89 14.78
C TRP D 164 -39.80 38.54 13.49
N ASN D 165 -41.07 38.91 13.42
CA ASN D 165 -41.62 39.56 12.26
C ASN D 165 -41.23 38.80 10.99
N SER D 166 -41.35 37.47 11.06
CA SER D 166 -41.04 36.55 9.98
C SER D 166 -39.60 36.68 9.46
N GLY D 167 -38.67 36.99 10.36
CA GLY D 167 -37.27 37.09 9.99
C GLY D 167 -36.87 38.52 9.67
N ALA D 168 -37.84 39.41 9.57
CA ALA D 168 -37.57 40.81 9.27
C ALA D 168 -36.70 41.45 10.35
N LEU D 169 -36.93 41.06 11.60
CA LEU D 169 -36.18 41.62 12.71
C LEU D 169 -35.07 40.68 13.12
N THR D 170 -33.84 41.17 13.00
CA THR D 170 -32.65 40.36 13.19
C THR D 170 -31.73 40.96 14.23
N SER D 171 -30.95 41.93 13.81
CA SER D 171 -30.01 42.59 14.72
C SER D 171 -30.75 43.08 15.96
N GLY D 172 -30.14 42.86 17.11
CA GLY D 172 -30.72 43.27 18.40
C GLY D 172 -31.44 42.12 19.09
N VAL D 173 -31.68 41.04 18.35
CA VAL D 173 -32.37 39.86 18.89
C VAL D 173 -31.40 38.85 19.48
N HIS D 174 -31.73 38.36 20.68
CA HIS D 174 -30.95 37.32 21.35
C HIS D 174 -31.84 36.20 21.88
N THR D 175 -31.42 34.96 21.71
CA THR D 175 -32.20 33.82 22.18
C THR D 175 -31.46 33.03 23.24
N PHE D 176 -32.15 32.76 24.34
CA PHE D 176 -31.61 31.99 25.43
C PHE D 176 -31.96 30.49 25.25
N PRO D 177 -30.96 29.60 25.36
CA PRO D 177 -31.08 28.16 25.28
C PRO D 177 -32.13 27.64 26.24
N ALA D 178 -32.87 26.64 25.80
CA ALA D 178 -33.95 26.10 26.60
C ALA D 178 -33.46 25.48 27.89
N VAL D 179 -34.22 25.68 28.96
CA VAL D 179 -33.93 25.05 30.24
C VAL D 179 -34.76 23.79 30.36
N LEU D 180 -34.17 22.75 30.90
CA LEU D 180 -34.92 21.54 31.18
C LEU D 180 -35.57 21.63 32.52
N GLN D 181 -36.88 21.52 32.54
CA GLN D 181 -37.66 21.63 33.75
C GLN D 181 -37.56 20.37 34.57
N SER D 182 -37.83 20.49 35.85
CA SER D 182 -37.90 19.33 36.73
C SER D 182 -39.02 18.37 36.31
N SER D 183 -39.99 18.88 35.55
CA SER D 183 -41.11 18.10 35.05
C SER D 183 -40.72 17.29 33.81
N GLY D 184 -39.53 17.55 33.26
CA GLY D 184 -39.05 16.84 32.07
C GLY D 184 -39.39 17.56 30.76
N LEU D 185 -39.90 18.78 30.85
CA LEU D 185 -40.23 19.55 29.66
C LEU D 185 -39.29 20.73 29.51
N TYR D 186 -39.33 21.39 28.36
CA TYR D 186 -38.41 22.49 28.09
C TYR D 186 -39.05 23.87 28.08
N SER D 187 -38.21 24.90 28.30
CA SER D 187 -38.64 26.30 28.19
C SER D 187 -37.51 27.23 27.71
N LEU D 188 -37.81 28.02 26.68
CA LEU D 188 -36.82 28.96 26.12
C LEU D 188 -37.35 30.38 26.12
N SER D 189 -36.47 31.35 25.87
CA SER D 189 -36.94 32.73 25.74
C SER D 189 -36.13 33.49 24.71
N SER D 190 -36.75 34.51 24.14
CA SER D 190 -36.10 35.35 23.13
C SER D 190 -36.47 36.80 23.33
N VAL D 191 -35.46 37.65 23.34
CA VAL D 191 -35.67 39.08 23.55
C VAL D 191 -34.98 39.92 22.50
N VAL D 192 -35.47 41.14 22.33
CA VAL D 192 -34.84 42.09 21.44
C VAL D 192 -34.73 43.45 22.10
N THR D 193 -33.60 44.11 21.88
CA THR D 193 -33.45 45.47 22.40
C THR D 193 -33.76 46.48 21.31
N VAL D 194 -34.70 47.37 21.61
CA VAL D 194 -35.14 48.39 20.67
C VAL D 194 -35.16 49.74 21.39
N PRO D 195 -35.18 50.86 20.67
CA PRO D 195 -35.47 52.19 21.18
C PRO D 195 -36.79 52.17 21.91
N SER D 196 -36.85 52.77 23.09
CA SER D 196 -38.09 52.74 23.87
C SER D 196 -39.23 53.43 23.13
N SER D 197 -38.91 54.43 22.34
CA SER D 197 -39.92 55.18 21.61
C SER D 197 -40.56 54.38 20.48
N SER D 198 -39.90 53.29 20.06
CA SER D 198 -40.41 52.53 18.94
C SER D 198 -41.56 51.63 19.38
N LEU D 199 -41.76 51.53 20.69
CA LEU D 199 -42.81 50.68 21.22
C LEU D 199 -44.18 51.28 20.97
N GLY D 200 -44.23 52.57 20.67
CA GLY D 200 -45.49 53.24 20.39
C GLY D 200 -45.74 53.29 18.89
N THR D 201 -44.88 52.63 18.12
CA THR D 201 -44.95 52.68 16.67
C THR D 201 -44.86 51.29 16.06
N GLN D 202 -43.68 50.70 16.16
CA GLN D 202 -43.39 49.41 15.54
C GLN D 202 -44.05 48.27 16.28
N THR D 203 -44.65 47.37 15.51
CA THR D 203 -45.22 46.15 16.05
C THR D 203 -44.17 45.04 16.09
N TYR D 204 -44.12 44.33 17.21
CA TYR D 204 -43.17 43.24 17.36
C TYR D 204 -43.86 41.92 17.64
N ILE D 205 -43.80 41.01 16.67
CA ILE D 205 -44.44 39.70 16.78
C ILE D 205 -43.47 38.54 16.69
N CYS D 206 -43.55 37.66 17.68
CA CYS D 206 -42.76 36.43 17.67
C CYS D 206 -43.44 35.38 16.82
N ASN D 207 -42.64 34.68 16.03
CA ASN D 207 -43.17 33.59 15.23
C ASN D 207 -42.54 32.28 15.68
N VAL D 208 -43.26 31.59 16.55
CA VAL D 208 -42.75 30.39 17.20
C VAL D 208 -43.04 29.17 16.36
N ASN D 209 -42.00 28.36 16.11
CA ASN D 209 -42.18 27.18 15.28
C ASN D 209 -41.71 25.89 15.98
N HIS D 210 -42.67 25.11 16.42
CA HIS D 210 -42.41 23.83 17.07
C HIS D 210 -42.69 22.70 16.08
N LYS D 211 -41.66 22.33 15.33
CA LYS D 211 -41.83 21.40 14.23
C LYS D 211 -42.36 20.02 14.63
N PRO D 212 -41.95 19.43 15.78
CA PRO D 212 -42.33 18.12 16.23
C PRO D 212 -43.84 17.93 16.35
N SER D 213 -44.61 19.03 16.45
CA SER D 213 -46.05 18.88 16.51
C SER D 213 -46.75 19.90 15.63
N ASN D 214 -46.14 20.22 14.49
CA ASN D 214 -46.74 21.10 13.50
C ASN D 214 -47.38 22.33 14.12
N THR D 215 -46.70 22.96 15.06
CA THR D 215 -47.31 24.07 15.77
C THR D 215 -46.62 25.40 15.52
N LYS D 216 -47.42 26.39 15.13
CA LYS D 216 -46.93 27.73 14.87
C LYS D 216 -47.74 28.75 15.65
N VAL D 217 -47.04 29.64 16.35
CA VAL D 217 -47.72 30.66 17.14
C VAL D 217 -47.21 32.07 16.85
N ASP D 218 -48.13 32.97 16.51
CA ASP D 218 -47.79 34.36 16.27
C ASP D 218 -48.17 35.21 17.49
N LYS D 219 -47.18 35.73 18.20
CA LYS D 219 -47.45 36.44 19.44
C LYS D 219 -46.95 37.88 19.43
N ARG D 220 -47.88 38.83 19.56
CA ARG D 220 -47.53 40.24 19.61
C ARG D 220 -47.21 40.65 21.04
N VAL D 221 -46.10 41.34 21.21
CA VAL D 221 -45.68 41.77 22.54
C VAL D 221 -45.94 43.25 22.77
N GLU D 222 -46.73 43.56 23.80
CA GLU D 222 -47.08 44.93 24.11
C GLU D 222 -46.59 45.32 25.49
N PRO D 223 -46.25 46.59 25.73
CA PRO D 223 -45.91 47.18 27.01
C PRO D 223 -46.92 46.78 28.08
N TYR E 2 -8.34 -0.14 32.61
CA TYR E 2 -7.59 0.48 33.70
C TYR E 2 -7.89 1.97 33.81
N GLU E 3 -8.47 2.36 34.93
CA GLU E 3 -8.80 3.76 35.17
C GLU E 3 -7.58 4.67 35.12
N LEU E 4 -7.70 5.77 34.39
CA LEU E 4 -6.64 6.77 34.30
C LEU E 4 -7.02 7.99 35.14
N THR E 5 -6.01 8.67 35.68
CA THR E 5 -6.26 9.85 36.50
C THR E 5 -5.96 11.15 35.78
N GLN E 6 -6.95 12.03 35.73
CA GLN E 6 -6.78 13.34 35.12
C GLN E 6 -7.39 14.42 36.02
N PRO E 7 -6.81 15.62 36.05
CA PRO E 7 -7.28 16.79 36.78
C PRO E 7 -8.54 17.33 36.12
N PRO E 8 -9.44 17.95 36.88
CA PRO E 8 -10.62 18.65 36.43
C PRO E 8 -10.33 19.61 35.28
N SER E 9 -9.57 20.66 35.56
CA SER E 9 -9.33 21.72 34.59
C SER E 9 -8.08 22.51 34.94
N VAL E 10 -7.58 23.22 33.96
CA VAL E 10 -6.47 24.14 34.16
C VAL E 10 -6.62 25.34 33.23
N SER E 11 -6.20 26.50 33.72
CA SER E 11 -6.26 27.71 32.93
C SER E 11 -4.94 28.44 33.03
N VAL E 12 -4.34 28.73 31.90
CA VAL E 12 -2.99 29.28 31.91
C VAL E 12 -2.87 30.57 31.12
N ALA E 13 -1.82 31.32 31.42
CA ALA E 13 -1.49 32.52 30.68
C ALA E 13 -1.12 32.16 29.25
N PRO E 14 -1.41 33.03 28.28
CA PRO E 14 -1.09 32.86 26.89
C PRO E 14 0.40 32.88 26.70
N GLY E 15 0.88 32.14 25.72
CA GLY E 15 2.30 32.13 25.41
C GLY E 15 3.11 31.20 26.33
N GLN E 16 2.45 30.61 27.32
CA GLN E 16 3.16 29.75 28.27
C GLN E 16 3.20 28.30 27.82
N ARG E 17 4.08 27.52 28.46
CA ARG E 17 4.24 26.11 28.14
C ARG E 17 3.17 25.28 28.80
N ALA E 18 1.95 25.42 28.30
CA ALA E 18 0.81 24.75 28.90
C ALA E 18 1.11 23.27 29.03
N THR E 19 1.01 22.75 30.24
CA THR E 19 1.36 21.36 30.48
C THR E 19 0.22 20.59 31.11
N ILE E 20 -0.14 19.48 30.47
CA ILE E 20 -1.23 18.62 30.92
C ILE E 20 -0.68 17.25 31.27
N THR E 21 -1.08 16.71 32.40
CA THR E 21 -0.59 15.39 32.78
C THR E 21 -1.70 14.39 33.05
N CYS E 22 -1.37 13.12 32.88
CA CYS E 22 -2.26 12.02 33.19
C CYS E 22 -1.53 10.97 34.03
N GLY E 23 -2.18 10.52 35.11
CA GLY E 23 -1.57 9.55 36.00
C GLY E 23 -2.04 8.13 35.73
N GLY E 24 -1.19 7.16 36.07
CA GLY E 24 -1.58 5.75 35.95
C GLY E 24 -0.45 4.80 36.34
N HIS E 25 -0.82 3.65 36.90
CA HIS E 25 0.17 2.67 37.29
C HIS E 25 0.90 2.17 36.07
N ASN E 26 2.23 2.28 36.11
CA ASN E 26 3.06 1.87 35.00
C ASN E 26 2.57 2.46 33.68
N ILE E 27 2.10 3.69 33.71
CA ILE E 27 1.58 4.29 32.49
C ILE E 27 2.69 4.41 31.44
N GLY E 28 3.93 4.58 31.87
CA GLY E 28 5.06 4.66 30.97
C GLY E 28 5.21 3.40 30.11
N ALA E 29 4.65 2.29 30.59
CA ALA E 29 4.75 1.01 29.89
C ALA E 29 3.69 0.88 28.81
N LYS E 30 2.76 1.83 28.77
CA LYS E 30 1.65 1.75 27.83
C LYS E 30 1.75 2.83 26.79
N ASN E 31 1.15 2.59 25.63
CA ASN E 31 1.10 3.60 24.60
C ASN E 31 -0.07 4.54 24.85
N VAL E 32 0.24 5.78 25.19
CA VAL E 32 -0.79 6.75 25.54
C VAL E 32 -1.14 7.65 24.36
N HIS E 33 -2.42 7.81 24.12
CA HIS E 33 -2.86 8.65 23.03
C HIS E 33 -3.62 9.85 23.58
N TRP E 34 -3.46 10.99 22.93
CA TRP E 34 -4.12 12.21 23.38
C TRP E 34 -5.06 12.76 22.33
N TYR E 35 -6.26 13.10 22.76
CA TYR E 35 -7.26 13.66 21.87
C TYR E 35 -7.70 15.05 22.33
N GLN E 36 -7.96 15.92 21.36
CA GLN E 36 -8.43 17.27 21.62
C GLN E 36 -9.87 17.44 21.16
N GLN E 37 -10.67 18.13 21.95
CA GLN E 37 -12.05 18.35 21.56
C GLN E 37 -12.54 19.76 21.86
N LYS E 38 -13.17 20.37 20.87
CA LYS E 38 -13.83 21.65 21.06
C LYS E 38 -15.34 21.42 21.03
N PRO E 39 -16.13 22.26 21.70
CA PRO E 39 -17.56 22.18 21.75
C PRO E 39 -18.15 22.12 20.35
N GLY E 40 -19.09 21.21 20.15
CA GLY E 40 -19.75 21.06 18.86
C GLY E 40 -18.93 20.26 17.85
N GLN E 41 -17.73 19.84 18.25
CA GLN E 41 -16.86 19.11 17.34
C GLN E 41 -16.52 17.72 17.84
N ALA E 42 -16.17 16.82 16.92
CA ALA E 42 -15.70 15.51 17.30
C ALA E 42 -14.27 15.63 17.83
N PRO E 43 -13.85 14.76 18.75
CA PRO E 43 -12.50 14.61 19.24
C PRO E 43 -11.53 14.39 18.10
N VAL E 44 -10.36 15.00 18.19
CA VAL E 44 -9.31 14.87 17.19
C VAL E 44 -8.03 14.35 17.79
N LEU E 45 -7.45 13.34 17.17
CA LEU E 45 -6.18 12.82 17.63
C LEU E 45 -5.08 13.82 17.36
N VAL E 46 -4.34 14.17 18.40
CA VAL E 46 -3.24 15.10 18.24
C VAL E 46 -1.91 14.42 18.44
N ILE E 47 -1.82 13.57 19.44
CA ILE E 47 -0.59 12.84 19.72
C ILE E 47 -0.87 11.37 19.99
N GLN E 48 -0.11 10.51 19.35
CA GLN E 48 -0.26 9.06 19.54
C GLN E 48 1.05 8.41 19.92
N TYR E 49 0.96 7.23 20.53
CA TYR E 49 2.14 6.43 20.84
C TYR E 49 3.23 7.22 21.53
N ASP E 50 2.86 7.99 22.55
CA ASP E 50 3.84 8.72 23.34
C ASP E 50 4.75 9.64 22.53
N SER E 51 4.18 10.72 22.05
CA SER E 51 4.88 11.79 21.33
C SER E 51 5.13 11.54 19.84
N ASP E 52 4.22 10.82 19.19
CA ASP E 52 4.21 10.77 17.73
C ASP E 52 3.04 11.59 17.19
N ARG E 53 3.33 12.54 16.33
CA ARG E 53 2.27 13.41 15.83
C ARG E 53 2.12 13.31 14.32
N PRO E 54 0.88 13.18 13.83
CA PRO E 54 0.50 13.10 12.44
C PRO E 54 0.58 14.46 11.79
N SER E 55 0.59 14.48 10.47
CA SER E 55 0.55 15.75 9.77
C SER E 55 -0.73 16.47 10.13
N GLY E 56 -0.70 17.78 10.04
CA GLY E 56 -1.85 18.61 10.38
C GLY E 56 -1.77 19.14 11.80
N ILE E 57 -0.88 18.57 12.60
CA ILE E 57 -0.69 19.01 13.98
C ILE E 57 0.51 19.97 14.06
N PRO E 58 0.32 21.20 14.54
CA PRO E 58 1.33 22.23 14.69
C PRO E 58 2.50 21.74 15.53
N GLU E 59 3.69 22.20 15.18
CA GLU E 59 4.92 21.77 15.84
C GLU E 59 5.08 22.28 17.27
N ARG E 60 4.10 23.05 17.74
CA ARG E 60 4.11 23.50 19.12
C ARG E 60 3.54 22.44 20.06
N PHE E 61 3.02 21.35 19.48
CA PHE E 61 2.44 20.28 20.26
C PHE E 61 3.43 19.13 20.48
N SER E 62 3.66 18.81 21.75
CA SER E 62 4.52 17.70 22.11
C SER E 62 4.04 17.00 23.36
N GLY E 63 4.88 16.13 23.92
CA GLY E 63 4.50 15.33 25.07
C GLY E 63 5.43 14.13 25.25
N SER E 64 5.21 13.39 26.33
CA SER E 64 6.02 12.21 26.64
C SER E 64 5.31 11.31 27.65
N ASN E 65 5.98 10.24 28.07
CA ASN E 65 5.36 9.26 28.97
C ASN E 65 6.39 8.37 29.65
N SER E 66 6.39 8.40 30.99
CA SER E 66 7.37 7.63 31.75
C SER E 66 6.89 7.37 33.18
N GLY E 67 7.16 6.18 33.67
CA GLY E 67 6.82 5.85 35.04
C GLY E 67 5.33 5.91 35.28
N SER E 68 4.92 6.68 36.27
CA SER E 68 3.52 6.81 36.62
C SER E 68 2.83 8.03 36.01
N THR E 69 3.57 8.80 35.18
CA THR E 69 2.99 10.02 34.61
C THR E 69 3.18 10.15 33.09
N ALA E 70 2.10 10.51 32.41
CA ALA E 70 2.13 10.87 30.99
C ALA E 70 1.92 12.37 30.88
N THR E 71 2.48 13.00 29.85
CA THR E 71 2.32 14.44 29.73
C THR E 71 2.22 14.95 28.29
N LEU E 72 1.46 16.04 28.14
CA LEU E 72 1.31 16.76 26.89
C LEU E 72 1.68 18.23 27.11
N THR E 73 2.41 18.81 26.17
CA THR E 73 2.80 20.21 26.31
C THR E 73 2.53 21.00 25.06
N ILE E 74 1.98 22.20 25.23
CA ILE E 74 1.76 23.09 24.11
C ILE E 74 2.62 24.33 24.25
N SER E 75 3.61 24.46 23.38
CA SER E 75 4.51 25.60 23.43
C SER E 75 3.78 26.85 22.96
N ARG E 76 4.01 27.96 23.64
CA ARG E 76 3.40 29.22 23.26
C ARG E 76 1.90 29.07 23.07
N VAL E 77 1.22 28.56 24.09
CA VAL E 77 -0.20 28.24 23.94
C VAL E 77 -0.99 29.44 23.45
N GLU E 78 -1.85 29.20 22.47
CA GLU E 78 -2.68 30.24 21.90
C GLU E 78 -4.12 30.09 22.35
N ALA E 79 -4.90 31.16 22.24
CA ALA E 79 -6.31 31.11 22.61
C ALA E 79 -7.04 30.05 21.79
N GLY E 80 -6.59 29.82 20.57
CA GLY E 80 -7.21 28.85 19.69
C GLY E 80 -6.95 27.42 20.14
N ASP E 81 -6.09 27.26 21.15
CA ASP E 81 -5.77 25.95 21.69
C ASP E 81 -6.67 25.60 22.86
N GLU E 82 -7.59 26.49 23.20
CA GLU E 82 -8.53 26.22 24.27
C GLU E 82 -9.47 25.08 23.88
N ALA E 83 -9.41 23.99 24.62
CA ALA E 83 -10.15 22.77 24.28
C ALA E 83 -10.08 21.77 25.42
N ASP E 84 -10.92 20.75 25.35
CA ASP E 84 -10.80 19.64 26.28
C ASP E 84 -9.81 18.64 25.75
N TYR E 85 -9.04 18.03 26.63
CA TYR E 85 -8.09 17.01 26.22
C TYR E 85 -8.30 15.72 26.99
N TYR E 86 -8.11 14.60 26.31
CA TYR E 86 -8.29 13.30 26.94
C TYR E 86 -7.11 12.39 26.74
N CYS E 87 -6.80 11.59 27.76
CA CYS E 87 -5.83 10.51 27.61
C CYS E 87 -6.54 9.18 27.38
N GLN E 88 -6.02 8.41 26.45
CA GLN E 88 -6.56 7.09 26.16
C GLN E 88 -5.48 6.03 26.10
N VAL E 89 -5.81 4.85 26.63
CA VAL E 89 -4.93 3.71 26.52
C VAL E 89 -5.67 2.47 26.05
N TRP E 90 -4.93 1.52 25.51
CA TRP E 90 -5.46 0.21 25.19
C TRP E 90 -5.28 -0.72 26.38
N ASP E 91 -6.28 -1.56 26.64
CA ASP E 91 -6.24 -2.50 27.76
C ASP E 91 -6.65 -3.91 27.33
N SER E 92 -5.79 -4.90 27.63
CA SER E 92 -6.03 -6.28 27.20
C SER E 92 -7.31 -6.85 27.80
N GLY E 93 -7.78 -6.24 28.88
CA GLY E 93 -9.06 -6.56 29.48
C GLY E 93 -9.12 -7.96 30.05
N ARG E 94 -7.97 -8.58 30.26
CA ARG E 94 -7.91 -9.94 30.75
C ARG E 94 -8.85 -10.87 29.99
N GLY E 95 -8.88 -10.74 28.66
CA GLY E 95 -9.72 -11.60 27.82
C GLY E 95 -10.89 -10.83 27.25
N HIS E 96 -11.09 -9.62 27.72
CA HIS E 96 -12.15 -8.75 27.25
C HIS E 96 -11.59 -7.38 26.86
N PRO E 97 -10.76 -7.32 25.81
CA PRO E 97 -9.95 -6.17 25.45
C PRO E 97 -10.83 -4.98 25.19
N LEU E 98 -10.36 -3.83 25.61
CA LEU E 98 -11.12 -2.59 25.52
C LEU E 98 -10.22 -1.39 25.44
N TYR E 99 -10.82 -0.24 25.17
CA TYR E 99 -10.09 1.01 25.28
C TYR E 99 -10.61 1.80 26.45
N VAL E 100 -9.73 2.53 27.10
CA VAL E 100 -10.12 3.32 28.25
C VAL E 100 -9.68 4.76 28.14
N PHE E 101 -10.60 5.66 28.42
CA PHE E 101 -10.31 7.08 28.47
C PHE E 101 -10.24 7.54 29.91
N GLY E 102 -9.44 8.55 30.18
CA GLY E 102 -9.41 9.15 31.49
C GLY E 102 -10.55 10.15 31.64
N GLY E 103 -10.61 10.82 32.78
CA GLY E 103 -11.68 11.79 33.03
C GLY E 103 -11.69 12.92 32.01
N GLY E 104 -10.51 13.30 31.54
CA GLY E 104 -10.37 14.41 30.61
C GLY E 104 -10.08 15.70 31.38
N THR E 105 -9.40 16.63 30.73
CA THR E 105 -9.08 17.90 31.36
C THR E 105 -9.53 19.07 30.51
N LYS E 106 -10.21 20.02 31.13
CA LYS E 106 -10.57 21.24 30.42
C LYS E 106 -9.41 22.21 30.46
N VAL E 107 -8.91 22.57 29.29
CA VAL E 107 -7.73 23.42 29.22
C VAL E 107 -8.05 24.76 28.59
N THR E 108 -7.89 25.82 29.36
CA THR E 108 -8.23 27.15 28.85
C THR E 108 -7.05 28.08 28.85
N VAL E 109 -7.20 29.20 28.16
CA VAL E 109 -6.17 30.21 28.07
C VAL E 109 -6.71 31.54 28.55
N LEU E 110 -5.96 32.18 29.43
CA LEU E 110 -6.36 33.46 29.99
C LEU E 110 -6.12 34.58 29.02
N GLY E 111 -6.95 35.61 29.07
CA GLY E 111 -6.75 36.79 28.24
C GLY E 111 -7.94 37.72 28.31
N GLN E 112 -9.11 37.16 28.04
CA GLN E 112 -10.35 37.90 28.05
C GLN E 112 -10.60 38.47 29.45
N PRO E 113 -10.95 39.77 29.56
CA PRO E 113 -11.25 40.47 30.80
C PRO E 113 -12.60 40.08 31.33
N LYS E 114 -12.80 40.25 32.63
CA LYS E 114 -14.08 39.99 33.24
C LYS E 114 -15.14 40.89 32.66
N ALA E 115 -16.39 40.45 32.73
CA ALA E 115 -17.51 41.26 32.26
C ALA E 115 -18.73 41.03 33.11
N ASN E 116 -19.37 42.11 33.49
CA ASN E 116 -20.57 42.03 34.30
C ASN E 116 -21.75 41.66 33.40
N PRO E 117 -22.67 40.83 33.89
CA PRO E 117 -23.85 40.36 33.21
C PRO E 117 -24.90 41.44 33.06
N THR E 118 -25.66 41.33 31.99
CA THR E 118 -26.86 42.12 31.82
C THR E 118 -28.03 41.31 32.32
N VAL E 119 -28.73 41.83 33.32
CA VAL E 119 -29.78 41.06 33.95
C VAL E 119 -31.14 41.72 33.81
N THR E 120 -32.09 40.98 33.26
CA THR E 120 -33.46 41.45 33.11
C THR E 120 -34.45 40.53 33.80
N LEU E 121 -35.27 41.09 34.67
CA LEU E 121 -36.28 40.30 35.36
C LEU E 121 -37.68 40.73 34.98
N PHE E 122 -38.47 39.78 34.48
CA PHE E 122 -39.83 40.05 34.05
C PHE E 122 -40.88 39.39 34.97
N PRO E 123 -41.92 40.15 35.42
CA PRO E 123 -43.06 39.69 36.20
C PRO E 123 -44.03 38.96 35.29
N PRO E 124 -44.98 38.18 35.82
CA PRO E 124 -45.93 37.35 35.09
C PRO E 124 -46.72 38.17 34.08
N SER E 125 -47.03 37.56 32.94
CA SER E 125 -47.84 38.25 31.94
C SER E 125 -49.31 38.17 32.30
N SER E 126 -50.12 39.01 31.67
CA SER E 126 -51.55 38.97 31.91
C SER E 126 -52.14 37.62 31.51
N GLU E 127 -51.79 37.17 30.31
CA GLU E 127 -52.28 35.90 29.81
C GLU E 127 -51.82 34.75 30.69
N GLU E 128 -50.59 34.84 31.17
CA GLU E 128 -50.03 33.81 32.03
C GLU E 128 -50.82 33.69 33.32
N LEU E 129 -51.14 34.81 33.94
CA LEU E 129 -51.92 34.81 35.17
C LEU E 129 -53.31 34.23 34.91
N GLN E 130 -53.89 34.55 33.76
CA GLN E 130 -55.19 33.99 33.39
C GLN E 130 -55.12 32.47 33.23
N ALA E 131 -53.94 31.98 32.84
CA ALA E 131 -53.68 30.55 32.67
C ALA E 131 -53.40 29.89 34.02
N ASN E 132 -53.47 30.67 35.10
CA ASN E 132 -53.22 30.22 36.46
C ASN E 132 -51.75 29.91 36.71
N LYS E 133 -50.86 30.69 36.10
CA LYS E 133 -49.43 30.56 36.34
C LYS E 133 -48.81 31.92 36.63
N ALA E 134 -47.67 31.93 37.32
CA ALA E 134 -46.95 33.18 37.57
C ALA E 134 -45.43 32.97 37.57
N THR E 135 -44.88 32.49 36.47
CA THR E 135 -43.44 32.22 36.40
C THR E 135 -42.66 33.50 36.21
N LEU E 136 -41.64 33.69 37.03
CA LEU E 136 -40.78 34.86 36.88
C LEU E 136 -39.60 34.49 36.02
N VAL E 137 -39.24 35.39 35.12
CA VAL E 137 -38.17 35.11 34.17
C VAL E 137 -36.97 36.02 34.38
N CYS E 138 -35.83 35.43 34.71
CA CYS E 138 -34.60 36.19 34.93
C CYS E 138 -33.56 35.85 33.87
N LEU E 139 -33.28 36.81 32.99
CA LEU E 139 -32.38 36.59 31.88
C LEU E 139 -31.03 37.26 32.11
N ILE E 140 -29.97 36.45 32.04
CA ILE E 140 -28.62 36.92 32.33
C ILE E 140 -27.72 36.73 31.12
N SER E 141 -27.11 37.80 30.61
CA SER E 141 -26.30 37.64 29.40
C SER E 141 -25.03 38.48 29.31
N ASP E 142 -24.18 38.10 28.36
CA ASP E 142 -22.93 38.78 28.02
C ASP E 142 -21.96 38.98 29.19
N PHE E 143 -21.75 37.93 29.97
CA PHE E 143 -20.79 38.03 31.07
C PHE E 143 -19.55 37.17 30.85
N TYR E 144 -18.58 37.33 31.75
CA TYR E 144 -17.36 36.53 31.71
C TYR E 144 -16.67 36.57 33.09
N PRO E 145 -16.16 35.43 33.57
CA PRO E 145 -16.12 34.08 33.02
C PRO E 145 -17.48 33.40 33.08
N GLY E 146 -17.58 32.24 32.43
CA GLY E 146 -18.85 31.51 32.35
C GLY E 146 -19.27 30.82 33.66
N ALA E 147 -19.44 31.61 34.72
CA ALA E 147 -19.89 31.05 35.99
C ALA E 147 -20.54 32.12 36.86
N VAL E 148 -21.82 31.91 37.17
CA VAL E 148 -22.58 32.81 38.04
C VAL E 148 -23.41 32.02 39.04
N THR E 149 -23.84 32.68 40.09
CA THR E 149 -24.79 32.08 41.03
C THR E 149 -26.05 32.91 41.09
N VAL E 150 -27.20 32.26 40.96
CA VAL E 150 -28.46 32.99 40.94
C VAL E 150 -29.38 32.57 42.05
N ALA E 151 -29.82 33.54 42.85
CA ALA E 151 -30.75 33.28 43.93
C ALA E 151 -32.04 34.05 43.73
N TRP E 152 -33.12 33.48 44.21
CA TRP E 152 -34.41 34.17 44.16
C TRP E 152 -34.84 34.57 45.55
N LYS E 153 -35.55 35.70 45.63
CA LYS E 153 -36.05 36.18 46.90
C LYS E 153 -37.48 36.71 46.79
N ALA E 154 -38.26 36.46 47.85
CA ALA E 154 -39.60 36.99 47.98
C ALA E 154 -39.66 37.88 49.22
N ASP E 155 -39.86 39.17 49.02
CA ASP E 155 -39.79 40.12 50.10
C ASP E 155 -38.52 39.93 50.92
N SER E 156 -38.67 39.51 52.18
CA SER E 156 -37.53 39.39 53.09
C SER E 156 -36.97 37.96 53.18
N SER E 157 -37.55 37.02 52.43
CA SER E 157 -37.12 35.63 52.55
C SER E 157 -36.62 35.04 51.21
N PRO E 158 -35.49 34.33 51.22
CA PRO E 158 -34.95 33.56 50.11
C PRO E 158 -35.93 32.51 49.63
N VAL E 159 -35.95 32.30 48.32
CA VAL E 159 -36.84 31.31 47.72
C VAL E 159 -36.06 30.12 47.19
N LYS E 160 -36.46 28.93 47.60
CA LYS E 160 -35.79 27.72 47.14
C LYS E 160 -36.68 26.93 46.18
N ALA E 161 -37.92 26.72 46.59
CA ALA E 161 -38.85 25.93 45.81
C ALA E 161 -39.16 26.61 44.47
N GLY E 162 -39.30 25.81 43.43
CA GLY E 162 -39.74 26.32 42.13
C GLY E 162 -38.61 26.88 41.29
N VAL E 163 -37.38 26.89 41.83
CA VAL E 163 -36.26 27.48 41.10
C VAL E 163 -35.61 26.49 40.13
N GLU E 164 -35.49 26.91 38.87
CA GLU E 164 -34.85 26.12 37.83
C GLU E 164 -33.88 27.02 37.03
N THR E 165 -32.64 26.57 36.86
CA THR E 165 -31.62 27.44 36.23
C THR E 165 -30.77 26.68 35.21
N THR E 166 -30.40 27.38 34.13
CA THR E 166 -29.53 26.81 33.10
C THR E 166 -28.05 26.91 33.46
N THR E 167 -27.23 26.20 32.72
CA THR E 167 -25.80 26.29 32.83
C THR E 167 -25.31 27.35 31.82
N PRO E 168 -24.40 28.26 32.22
CA PRO E 168 -23.81 29.27 31.37
C PRO E 168 -23.21 28.64 30.13
N SER E 169 -23.41 29.31 29.00
CA SER E 169 -22.91 28.77 27.73
C SER E 169 -22.38 29.87 26.84
N LYS E 170 -21.33 29.52 26.08
CA LYS E 170 -20.66 30.46 25.18
C LYS E 170 -21.60 31.06 24.15
N GLN E 171 -21.53 32.38 24.01
CA GLN E 171 -22.34 33.12 23.07
C GLN E 171 -21.55 33.56 21.86
N SER E 172 -22.23 34.15 20.88
CA SER E 172 -21.60 34.65 19.67
C SER E 172 -20.69 35.83 19.94
N ASN E 173 -20.82 36.42 21.12
CA ASN E 173 -20.04 37.56 21.52
C ASN E 173 -18.78 37.15 22.27
N ASN E 174 -18.54 35.84 22.31
CA ASN E 174 -17.42 35.27 23.06
C ASN E 174 -17.59 35.54 24.54
N LYS E 175 -18.85 35.60 24.96
CA LYS E 175 -19.21 35.79 26.35
C LYS E 175 -20.16 34.70 26.76
N TYR E 176 -20.67 34.76 27.98
CA TYR E 176 -21.58 33.73 28.44
C TYR E 176 -22.96 34.25 28.76
N ALA E 177 -23.95 33.36 28.67
CA ALA E 177 -25.31 33.70 29.04
C ALA E 177 -25.99 32.53 29.71
N ALA E 178 -27.00 32.84 30.53
CA ALA E 178 -27.78 31.86 31.26
C ALA E 178 -29.14 32.46 31.62
N SER E 179 -30.06 31.60 32.04
CA SER E 179 -31.36 32.09 32.48
C SER E 179 -31.85 31.32 33.67
N SER E 180 -32.74 31.93 34.43
CA SER E 180 -33.32 31.29 35.60
C SER E 180 -34.81 31.57 35.67
N TYR E 181 -35.55 30.58 36.14
CA TYR E 181 -36.98 30.72 36.25
C TYR E 181 -37.45 30.36 37.64
N LEU E 182 -38.48 31.07 38.10
CA LEU E 182 -39.12 30.73 39.36
C LEU E 182 -40.60 30.48 39.14
N SER E 183 -41.03 29.25 39.37
CA SER E 183 -42.41 28.87 39.11
C SER E 183 -43.32 29.16 40.29
N LEU E 184 -44.17 30.17 40.13
CA LEU E 184 -45.10 30.57 41.17
C LEU E 184 -46.54 30.45 40.69
N THR E 185 -47.47 30.41 41.63
CA THR E 185 -48.88 30.55 41.33
C THR E 185 -49.21 32.05 41.35
N PRO E 186 -50.32 32.48 40.72
CA PRO E 186 -50.88 33.82 40.79
C PRO E 186 -51.09 34.26 42.23
N GLU E 187 -51.45 33.31 43.09
CA GLU E 187 -51.64 33.62 44.50
C GLU E 187 -50.32 33.95 45.16
N GLN E 188 -49.33 33.10 44.98
CA GLN E 188 -48.03 33.35 45.60
C GLN E 188 -47.50 34.68 45.14
N TRP E 189 -47.62 34.96 43.86
CA TRP E 189 -47.16 36.22 43.30
C TRP E 189 -47.80 37.41 44.00
N LYS E 190 -49.13 37.42 44.06
CA LYS E 190 -49.87 38.50 44.67
C LYS E 190 -49.66 38.61 46.18
N SER E 191 -49.30 37.50 46.82
CA SER E 191 -49.17 37.47 48.28
C SER E 191 -47.95 38.22 48.80
N HIS E 192 -47.00 38.57 47.93
CA HIS E 192 -45.79 39.24 48.38
C HIS E 192 -45.67 40.65 47.82
N ARG E 193 -45.03 41.52 48.58
CA ARG E 193 -44.80 42.89 48.13
C ARG E 193 -44.00 42.94 46.83
N SER E 194 -42.93 42.15 46.77
CA SER E 194 -42.10 42.10 45.58
C SER E 194 -41.23 40.85 45.50
N TYR E 195 -40.74 40.57 44.31
CA TYR E 195 -39.79 39.48 44.08
C TYR E 195 -38.54 40.01 43.43
N SER E 196 -37.44 39.30 43.62
CA SER E 196 -36.20 39.72 43.00
C SER E 196 -35.31 38.56 42.58
N CYS E 197 -34.43 38.88 41.64
CA CYS E 197 -33.45 37.93 41.12
C CYS E 197 -32.06 38.45 41.45
N GLN E 198 -31.37 37.73 42.31
CA GLN E 198 -30.07 38.14 42.81
C GLN E 198 -28.95 37.35 42.15
N VAL E 199 -28.14 38.03 41.36
CA VAL E 199 -27.10 37.34 40.61
C VAL E 199 -25.72 37.73 41.11
N THR E 200 -24.93 36.73 41.48
CA THR E 200 -23.57 36.95 41.98
C THR E 200 -22.55 36.68 40.88
N HIS E 201 -21.65 37.65 40.68
CA HIS E 201 -20.61 37.51 39.66
C HIS E 201 -19.34 38.24 40.05
N GLU E 202 -18.21 37.52 40.06
CA GLU E 202 -16.93 38.11 40.45
C GLU E 202 -17.02 38.77 41.83
N GLY E 203 -17.84 38.19 42.70
CA GLY E 203 -18.01 38.69 44.05
C GLY E 203 -19.02 39.83 44.15
N SER E 204 -19.48 40.35 43.02
CA SER E 204 -20.42 41.47 43.01
C SER E 204 -21.84 40.95 43.00
N THR E 205 -22.81 41.83 43.27
CA THR E 205 -24.20 41.42 43.22
C THR E 205 -25.04 42.34 42.34
N VAL E 206 -25.81 41.71 41.45
CA VAL E 206 -26.78 42.42 40.64
C VAL E 206 -28.17 41.98 41.04
N GLU E 207 -28.97 42.90 41.55
CA GLU E 207 -30.30 42.53 42.01
C GLU E 207 -31.38 43.34 41.33
N LYS E 208 -32.31 42.62 40.69
CA LYS E 208 -33.44 43.24 40.01
C LYS E 208 -34.74 42.90 40.73
N THR E 209 -35.62 43.89 40.85
CA THR E 209 -36.87 43.69 41.58
C THR E 209 -38.08 43.98 40.72
N VAL E 210 -39.07 43.09 40.81
CA VAL E 210 -40.36 43.26 40.15
C VAL E 210 -41.48 43.07 41.18
N ALA E 211 -42.67 43.58 40.87
CA ALA E 211 -43.77 43.47 41.83
C ALA E 211 -45.12 43.44 41.12
N PRO E 212 -46.17 42.90 41.77
CA PRO E 212 -47.56 42.90 41.35
C PRO E 212 -48.06 44.28 40.94
N THR E 213 -47.50 45.32 41.55
CA THR E 213 -47.89 46.68 41.24
C THR E 213 -47.28 47.11 39.90
C1 NAG F . 21.78 -0.39 27.01
C2 NAG F . 21.03 0.40 25.95
C3 NAG F . 21.21 1.86 26.15
C4 NAG F . 20.64 2.19 27.51
C5 NAG F . 21.45 1.41 28.58
C6 NAG F . 20.95 1.61 29.98
C7 NAG F . 20.67 -0.23 23.66
C8 NAG F . 21.24 -0.60 22.35
N2 NAG F . 21.51 0.04 24.63
O3 NAG F . 20.52 2.59 25.10
O4 NAG F . 20.75 3.59 27.74
O5 NAG F . 21.28 0.01 28.32
O6 NAG F . 19.61 2.01 30.13
O7 NAG F . 19.45 -0.18 23.85
C1 NAG F . 19.42 4.23 27.81
C2 NAG F . 19.49 5.39 28.78
C3 NAG F . 18.15 5.96 28.92
C4 NAG F . 17.61 6.52 27.59
C5 NAG F . 17.66 5.35 26.60
C6 NAG F . 17.34 5.84 25.21
C7 NAG F . 20.75 5.63 30.81
C8 NAG F . 21.17 5.04 32.11
N2 NAG F . 19.94 4.91 30.05
O3 NAG F . 18.20 7.01 29.93
O4 NAG F . 16.26 6.91 27.82
O5 NAG F . 18.98 4.76 26.53
O6 NAG F . 17.76 4.97 24.16
O7 NAG F . 21.13 6.73 30.43
C1 BMA F . 15.93 8.29 27.36
C2 BMA F . 16.44 9.31 28.39
C3 BMA F . 15.90 10.65 27.98
C4 BMA F . 16.43 10.98 26.63
C5 BMA F . 15.97 9.90 25.62
C6 BMA F . 16.57 10.15 24.18
O2 BMA F . 17.78 9.35 28.30
O3 BMA F . 16.36 11.64 28.98
O4 BMA F . 15.94 12.21 26.24
O5 BMA F . 16.46 8.61 26.05
O6 BMA F . 15.89 11.24 23.42
C1 MAN F . 15.55 11.58 30.22
C2 MAN F . 14.72 12.89 30.33
C3 MAN F . 15.63 14.05 30.49
C4 MAN F . 16.47 13.85 31.75
C5 MAN F . 17.30 12.54 31.60
C6 MAN F . 18.12 12.23 32.90
O2 MAN F . 13.91 12.78 31.42
O3 MAN F . 14.81 15.23 30.62
O4 MAN F . 17.32 14.93 31.85
O5 MAN F . 16.37 11.45 31.40
O6 MAN F . 17.35 11.60 34.00
C1 MAN F . 12.64 12.13 31.07
C2 MAN F . 11.49 12.81 31.83
C3 MAN F . 11.58 12.65 33.31
C4 MAN F . 11.56 11.15 33.56
C5 MAN F . 12.76 10.49 32.85
C6 MAN F . 12.76 8.92 33.07
O2 MAN F . 10.35 12.22 31.42
O3 MAN F . 10.45 13.30 33.95
O4 MAN F . 11.60 10.92 34.93
O5 MAN F . 12.62 10.72 31.42
O6 MAN F . 12.42 8.49 34.44
C1 MAN F . 14.77 10.71 22.65
C2 MAN F . 14.42 11.76 21.57
C3 MAN F . 13.90 13.00 22.17
C4 MAN F . 12.65 12.63 22.97
C5 MAN F . 13.02 11.63 24.08
C6 MAN F . 11.76 11.16 24.91
O2 MAN F . 13.45 11.21 20.80
O3 MAN F . 13.62 13.96 21.13
O4 MAN F . 12.10 13.79 23.50
O5 MAN F . 13.57 10.46 23.43
O6 MAN F . 11.07 9.98 24.36
C1 NAG G . 24.74 -0.38 -29.19
C2 NAG G . 26.27 -0.59 -29.08
C3 NAG G . 26.82 0.46 -28.17
C4 NAG G . 26.54 1.82 -28.80
C5 NAG G . 25.02 2.01 -28.94
C6 NAG G . 24.71 3.30 -29.68
C7 NAG G . 27.51 -2.66 -29.00
C8 NAG G . 27.79 -3.92 -28.28
N2 NAG G . 26.56 -1.89 -28.50
O3 NAG G . 28.24 0.24 -27.98
O4 NAG G . 27.08 2.82 -27.95
O5 NAG G . 24.50 0.93 -29.76
O6 NAG G . 23.35 3.43 -30.08
O7 NAG G . 28.13 -2.31 -30.00
C1 NAG H . 22.82 -17.37 -53.56
C2 NAG H . 24.30 -16.95 -53.44
C3 NAG H . 25.16 -18.14 -53.67
C4 NAG H . 24.78 -19.14 -52.56
C5 NAG H . 23.31 -19.53 -52.68
C6 NAG H . 22.90 -20.47 -51.57
C7 NAG H . 25.52 -15.06 -54.24
C8 NAG H . 25.71 -14.02 -55.29
N2 NAG H . 24.58 -15.94 -54.43
O3 NAG H . 26.57 -17.78 -53.60
O4 NAG H . 25.62 -20.27 -52.69
O5 NAG H . 22.51 -18.35 -52.54
O6 NAG H . 23.34 -20.10 -50.28
O7 NAG H . 26.24 -15.11 -53.22
C1 NAG I . 17.44 -15.50 -62.13
C2 NAG I . 17.42 -16.89 -62.77
C3 NAG I . 18.45 -16.99 -63.84
C4 NAG I . 18.09 -15.92 -64.88
C5 NAG I . 18.11 -14.54 -64.22
C6 NAG I . 17.71 -13.46 -65.20
C7 NAG I . 16.76 -18.79 -61.43
C8 NAG I . 17.11 -19.74 -60.35
N2 NAG I . 17.67 -17.90 -61.76
O3 NAG I . 18.43 -18.33 -64.41
O4 NAG I . 19.04 -15.99 -65.93
O5 NAG I . 17.13 -14.51 -63.16
O6 NAG I . 16.48 -13.66 -65.88
O7 NAG I . 15.68 -18.84 -62.03
C1 NAG J . 37.31 -6.81 35.18
C2 NAG J . 38.35 -7.13 34.10
C3 NAG J . 39.68 -6.55 34.41
C4 NAG J . 39.44 -5.05 34.46
C5 NAG J . 38.40 -4.70 35.52
C6 NAG J . 38.13 -3.21 35.51
C7 NAG J . 38.74 -9.43 34.84
C8 NAG J . 38.73 -10.88 34.47
N2 NAG J . 38.45 -8.56 33.89
O3 NAG J . 40.64 -6.94 33.39
O4 NAG J . 40.67 -4.41 34.73
O5 NAG J . 37.15 -5.36 35.21
O6 NAG J . 38.32 -2.56 34.26
O7 NAG J . 39.01 -9.07 35.99
C1 NAG K . 5.54 -20.23 36.97
C2 NAG K . 4.77 -20.30 35.70
C3 NAG K . 4.17 -21.64 35.46
C4 NAG K . 5.39 -22.60 35.36
C5 NAG K . 6.09 -22.62 36.73
C6 NAG K . 7.25 -23.58 36.90
C7 NAG K . 2.90 -18.93 34.87
C8 NAG K . 1.90 -17.94 35.31
N2 NAG K . 3.76 -19.23 35.78
O3 NAG K . 3.29 -21.71 34.30
O4 NAG K . 4.87 -23.90 35.04
O5 NAG K . 6.58 -21.28 36.93
O6 NAG K . 7.32 -24.69 36.00
O7 NAG K . 2.91 -19.44 33.77
C1 NAG L . 45.68 -25.62 -15.93
C2 NAG L . 46.17 -25.19 -17.33
C3 NAG L . 46.76 -26.37 -18.04
C4 NAG L . 47.94 -26.83 -17.18
C5 NAG L . 47.46 -27.24 -15.81
C6 NAG L . 48.61 -27.64 -14.90
C7 NAG L . 44.91 -23.41 -18.37
C8 NAG L . 43.69 -22.97 -19.09
N2 NAG L . 45.04 -24.69 -18.10
O3 NAG L . 47.16 -25.97 -19.36
O4 NAG L . 48.56 -27.93 -17.84
O5 NAG L . 46.83 -26.11 -15.18
O6 NAG L . 49.59 -26.64 -14.70
O7 NAG L . 45.80 -22.61 -18.03
C1 NAG M . 1.18 40.77 -13.22
C2 NAG M . 1.84 41.03 -11.86
C3 NAG M . 3.31 41.12 -12.01
C4 NAG M . 3.78 39.78 -12.59
C5 NAG M . 3.12 39.57 -13.94
C6 NAG M . 3.53 38.24 -14.53
C7 NAG M . 0.68 42.28 -10.16
C8 NAG M . 0.18 43.60 -9.68
N2 NAG M . 1.33 42.25 -11.31
O3 NAG M . 3.92 41.39 -10.71
O4 NAG M . 5.19 39.82 -12.73
O5 NAG M . 1.70 39.52 -13.76
O6 NAG M . 4.92 37.99 -14.49
O7 NAG M . 0.53 41.25 -9.51
C1 NAG N . -4.09 28.44 6.96
C2 NAG N . -4.36 29.87 6.53
C3 NAG N . -5.10 30.74 7.50
C4 NAG N . -6.46 30.01 7.48
C5 NAG N . -6.34 28.54 7.98
C6 NAG N . -7.63 27.83 7.93
C7 NAG N . -2.18 30.82 7.15
C8 NAG N . -0.85 31.34 6.72
N2 NAG N . -3.04 30.53 6.22
O3 NAG N . -5.20 32.09 7.00
O4 NAG N . -7.34 30.72 8.33
O5 NAG N . -5.42 27.89 7.09
O6 NAG N . -8.11 27.34 9.16
O7 NAG N . -2.42 30.68 8.35
#